data_5HAS
#
_entry.id   5HAS
#
_cell.length_a   62.472
_cell.length_b   132.024
_cell.length_c   247.664
_cell.angle_alpha   90.000
_cell.angle_beta   90.000
_cell.angle_gamma   90.000
#
_symmetry.space_group_name_H-M   'P 21 21 21'
#
loop_
_entity.id
_entity.type
_entity.pdbx_description
1 polymer Sec7
2 water water
#
_entity_poly.entity_id   1
_entity_poly.type   'polypeptide(L)'
_entity_poly.pdbx_seq_one_letter_code
;MGSSHHHHHHMSSLKFVVSSLDIIAAQAGRNKQLAELAEKALAAIKENDQQLPDPEVVFAPLQLATKSGTIPLTTTALDC
IGKLISYSYFSAPSSSATQDGTEQTPLIERAIDTICDCFQGETTLVEIQLQIVKSLLAAVLNDKIIVHGAGLLKAVRQVY
NIFLLSRSTANQQVAQGTLTQMVGTVFERVKTRLHMKEARANLGRLKASRSSLAVDRSDDQDSQAGKVDGEDATVETVSD
ATPSESVDKAGGGKLTLKDLEHRKSFDDSHMGDGPTMVSQVKPMKKASRSVSEQSLQESPQDETPESLDAEDEAYIRDAY
LVFRSFCNLSTKILPPDQLYDLRGQPMRSKLISLHLIHTLLNNHITVFTSPLCTIRNTKNNEPTNFLQAIKYYLCLSITR
NGASSVDRVFDICCEIFWLMLKYMRSSFKNEIEVFLNEIYLALLARRNAPLSQKLTFVGILKRLCEDP
;
_entity_poly.pdbx_strand_id   A,B,C,D
#
# COMPACT_ATOMS: atom_id res chain seq x y z
N LEU A 14 -26.61 28.60 -26.99
CA LEU A 14 -27.52 27.79 -27.80
C LEU A 14 -28.98 28.18 -27.63
N LYS A 15 -29.80 27.17 -27.34
CA LYS A 15 -31.23 27.32 -27.15
C LYS A 15 -31.64 26.89 -25.75
N PHE A 16 -30.76 26.13 -25.07
CA PHE A 16 -31.01 25.85 -23.67
C PHE A 16 -31.11 27.18 -22.93
N VAL A 17 -30.41 28.19 -23.42
CA VAL A 17 -30.52 29.56 -22.92
C VAL A 17 -31.98 30.05 -23.07
N VAL A 18 -32.58 29.77 -24.22
CA VAL A 18 -33.94 30.21 -24.49
C VAL A 18 -34.98 29.38 -23.72
N SER A 19 -34.76 28.08 -23.60
CA SER A 19 -35.71 27.27 -22.82
C SER A 19 -35.64 27.67 -21.33
N SER A 20 -34.42 27.94 -20.87
CA SER A 20 -34.21 28.39 -19.50
C SER A 20 -34.96 29.69 -19.27
N LEU A 21 -34.81 30.66 -20.17
CA LEU A 21 -35.49 31.95 -19.99
C LEU A 21 -37.02 31.84 -20.11
N ASP A 22 -37.52 30.88 -20.90
CA ASP A 22 -38.96 30.63 -20.98
C ASP A 22 -39.49 30.09 -19.65
N ILE A 23 -38.76 29.15 -19.07
CA ILE A 23 -39.15 28.58 -17.77
C ILE A 23 -39.07 29.64 -16.68
N ILE A 24 -38.03 30.46 -16.74
CA ILE A 24 -37.84 31.49 -15.73
C ILE A 24 -38.96 32.52 -15.81
N ALA A 25 -39.29 32.96 -17.03
CA ALA A 25 -40.35 33.96 -17.22
C ALA A 25 -41.72 33.41 -16.84
N ALA A 26 -41.94 32.12 -17.12
CA ALA A 26 -43.21 31.47 -16.81
C ALA A 26 -43.41 31.21 -15.30
N GLN A 27 -42.33 30.89 -14.62
CA GLN A 27 -42.43 30.52 -13.21
C GLN A 27 -42.14 31.71 -12.29
N ALA A 28 -41.91 32.88 -12.89
CA ALA A 28 -41.55 34.10 -12.17
C ALA A 28 -42.53 34.47 -11.05
N GLY A 29 -43.82 34.22 -11.31
CA GLY A 29 -44.86 34.45 -10.34
C GLY A 29 -45.00 35.89 -9.88
N ARG A 30 -44.96 36.08 -8.57
CA ARG A 30 -45.17 37.41 -7.99
C ARG A 30 -44.00 38.36 -8.25
N ASN A 31 -42.94 37.85 -8.89
CA ASN A 31 -41.75 38.68 -9.10
C ASN A 31 -41.77 39.30 -10.50
N LYS A 32 -42.28 40.53 -10.59
CA LYS A 32 -42.44 41.22 -11.87
C LYS A 32 -41.10 41.56 -12.51
N GLN A 33 -40.16 42.02 -11.69
CA GLN A 33 -38.84 42.37 -12.16
C GLN A 33 -38.20 41.18 -12.90
N LEU A 34 -38.32 40.00 -12.32
CA LEU A 34 -37.76 38.77 -12.89
C LEU A 34 -38.33 38.49 -14.27
N ALA A 35 -39.65 38.55 -14.36
CA ALA A 35 -40.35 38.28 -15.61
C ALA A 35 -39.86 39.26 -16.64
N GLU A 36 -39.71 40.52 -16.22
CA GLU A 36 -39.30 41.58 -17.13
C GLU A 36 -37.88 41.41 -17.65
N LEU A 37 -36.95 41.04 -16.77
CA LEU A 37 -35.56 40.80 -17.20
C LEU A 37 -35.49 39.60 -18.15
N ALA A 38 -36.24 38.55 -17.83
CA ALA A 38 -36.34 37.35 -18.67
C ALA A 38 -36.81 37.70 -20.08
N GLU A 39 -37.96 38.38 -20.15
CA GLU A 39 -38.54 38.76 -21.44
C GLU A 39 -37.61 39.72 -22.20
N LYS A 40 -37.00 40.66 -21.48
CA LYS A 40 -36.03 41.57 -22.09
C LYS A 40 -34.89 40.79 -22.77
N ALA A 41 -34.40 39.77 -22.07
CA ALA A 41 -33.38 38.86 -22.61
C ALA A 41 -33.87 38.10 -23.85
N LEU A 42 -35.04 37.47 -23.73
CA LEU A 42 -35.65 36.76 -24.87
C LEU A 42 -35.79 37.65 -26.08
N ALA A 43 -36.21 38.89 -25.85
CA ALA A 43 -36.37 39.87 -26.91
C ALA A 43 -35.01 40.17 -27.52
N ALA A 44 -34.02 40.45 -26.68
CA ALA A 44 -32.68 40.78 -27.15
C ALA A 44 -32.04 39.65 -27.95
N ILE A 45 -32.46 38.42 -27.70
CA ILE A 45 -31.90 37.30 -28.45
C ILE A 45 -32.43 37.27 -29.90
N LYS A 46 -33.67 37.72 -30.08
CA LYS A 46 -34.39 37.67 -31.37
C LYS A 46 -33.64 38.23 -32.62
N GLU A 47 -32.59 39.01 -32.39
CA GLU A 47 -31.69 39.53 -33.44
C GLU A 47 -30.49 38.59 -33.62
N ASN A 48 -30.72 37.34 -34.01
CA ASN A 48 -29.63 36.36 -34.12
C ASN A 48 -28.58 36.68 -35.18
N LEU A 52 -26.02 35.23 -27.17
CA LEU A 52 -25.75 36.18 -28.26
C LEU A 52 -25.46 37.63 -27.85
N PRO A 53 -26.35 38.27 -27.04
CA PRO A 53 -26.18 39.72 -26.87
C PRO A 53 -25.10 40.11 -25.87
N ASP A 54 -25.40 41.15 -25.10
CA ASP A 54 -24.52 41.64 -24.06
C ASP A 54 -24.67 40.60 -22.97
N PRO A 55 -23.54 40.04 -22.50
CA PRO A 55 -23.58 38.95 -21.52
C PRO A 55 -24.48 39.32 -20.37
N GLU A 56 -24.44 40.58 -19.94
CA GLU A 56 -25.19 41.01 -18.76
C GLU A 56 -26.70 40.94 -18.96
N VAL A 57 -27.16 41.10 -20.19
CA VAL A 57 -28.60 41.10 -20.44
C VAL A 57 -29.17 39.69 -20.27
N VAL A 58 -28.34 38.68 -20.52
CA VAL A 58 -28.74 37.29 -20.32
C VAL A 58 -28.46 36.88 -18.88
N PHE A 59 -27.39 37.44 -18.32
CA PHE A 59 -26.97 37.07 -16.97
C PHE A 59 -27.86 37.63 -15.87
N ALA A 60 -28.51 38.77 -16.12
CA ALA A 60 -29.35 39.39 -15.09
C ALA A 60 -30.52 38.53 -14.60
N PRO A 61 -31.34 38.00 -15.52
CA PRO A 61 -32.45 37.18 -15.01
C PRO A 61 -31.94 35.85 -14.41
N LEU A 62 -30.86 35.31 -14.95
CA LEU A 62 -30.34 34.09 -14.36
C LEU A 62 -29.93 34.33 -12.91
N GLN A 63 -29.17 35.39 -12.67
CA GLN A 63 -28.68 35.71 -11.34
C GLN A 63 -29.82 35.93 -10.36
N LEU A 64 -30.77 36.76 -10.76
CA LEU A 64 -31.94 37.06 -9.94
C LEU A 64 -32.72 35.79 -9.57
N ALA A 65 -32.95 34.93 -10.56
CA ALA A 65 -33.67 33.67 -10.34
C ALA A 65 -32.95 32.75 -9.35
N THR A 66 -31.61 32.77 -9.31
CA THR A 66 -30.90 31.99 -8.29
C THR A 66 -31.17 32.50 -6.86
N LYS A 67 -31.64 33.72 -6.73
CA LYS A 67 -31.83 34.31 -5.41
C LYS A 67 -33.20 34.03 -4.80
N SER A 68 -34.09 33.41 -5.56
CA SER A 68 -35.42 33.09 -5.03
C SER A 68 -35.32 31.96 -4.01
N GLY A 69 -34.43 31.02 -4.28
CA GLY A 69 -34.22 29.89 -3.39
C GLY A 69 -35.33 28.87 -3.48
N THR A 70 -35.95 28.76 -4.65
CA THR A 70 -37.05 27.82 -4.86
C THR A 70 -36.84 27.06 -6.16
N ILE A 71 -37.58 25.95 -6.31
CA ILE A 71 -37.51 25.11 -7.49
C ILE A 71 -38.75 25.37 -8.35
N PRO A 72 -38.60 25.49 -9.68
CA PRO A 72 -37.36 25.34 -10.45
C PRO A 72 -36.69 26.65 -10.92
N LEU A 73 -36.88 27.76 -10.22
CA LEU A 73 -36.19 28.99 -10.63
C LEU A 73 -34.70 28.78 -10.41
N THR A 74 -34.35 28.43 -9.19
CA THR A 74 -32.95 28.34 -8.82
C THR A 74 -32.17 27.27 -9.59
N THR A 75 -32.74 26.07 -9.73
CA THR A 75 -32.04 24.96 -10.36
C THR A 75 -31.82 25.20 -11.87
N THR A 76 -32.86 25.72 -12.53
CA THR A 76 -32.74 26.06 -13.95
C THR A 76 -31.73 27.17 -14.14
N ALA A 77 -31.78 28.17 -13.28
CA ALA A 77 -30.81 29.25 -13.40
C ALA A 77 -29.39 28.72 -13.23
N LEU A 78 -29.15 27.96 -12.16
CA LEU A 78 -27.81 27.40 -11.91
C LEU A 78 -27.30 26.59 -13.12
N ASP A 79 -28.13 25.67 -13.65
CA ASP A 79 -27.80 24.91 -14.83
C ASP A 79 -27.34 25.80 -15.99
N CYS A 80 -28.15 26.83 -16.25
CA CYS A 80 -27.82 27.70 -17.37
C CYS A 80 -26.48 28.39 -17.13
N ILE A 81 -26.28 28.92 -15.92
CA ILE A 81 -25.07 29.65 -15.62
C ILE A 81 -23.80 28.78 -15.77
N GLY A 82 -23.83 27.57 -15.22
CA GLY A 82 -22.70 26.67 -15.35
C GLY A 82 -22.41 26.34 -16.81
N LYS A 83 -23.45 26.05 -17.59
CA LYS A 83 -23.20 25.77 -19.00
C LYS A 83 -22.65 26.99 -19.74
N LEU A 84 -23.12 28.18 -19.39
CA LEU A 84 -22.65 29.38 -20.08
C LEU A 84 -21.19 29.62 -19.74
N ILE A 85 -20.80 29.34 -18.49
CA ILE A 85 -19.40 29.49 -18.12
C ILE A 85 -18.56 28.49 -18.90
N SER A 86 -19.05 27.26 -19.06
CA SER A 86 -18.31 26.24 -19.77
C SER A 86 -18.16 26.52 -21.27
N TYR A 87 -19.12 27.23 -21.86
CA TYR A 87 -19.03 27.62 -23.27
C TYR A 87 -18.20 28.88 -23.49
N SER A 88 -17.48 29.29 -22.45
CA SER A 88 -16.66 30.49 -22.50
C SER A 88 -17.40 31.80 -22.75
N TYR A 89 -18.71 31.83 -22.51
CA TYR A 89 -19.56 33.02 -22.64
C TYR A 89 -19.13 34.20 -21.79
N PHE A 90 -18.78 33.89 -20.55
CA PHE A 90 -18.26 34.86 -19.58
C PHE A 90 -16.73 34.91 -19.56
N SER A 91 -16.13 36.06 -19.22
CA SER A 91 -14.68 36.18 -19.29
C SER A 91 -14.15 36.89 -18.02
N ALA A 92 -12.83 36.92 -17.85
CA ALA A 92 -12.20 37.55 -16.69
C ALA A 92 -11.57 38.92 -16.99
N PRO A 93 -11.36 39.77 -15.97
CA PRO A 93 -10.78 41.08 -16.25
C PRO A 93 -9.37 40.99 -16.86
N SER A 94 -9.01 41.90 -17.76
CA SER A 94 -7.69 41.84 -18.39
C SER A 94 -6.82 43.03 -18.08
N SER A 95 -5.52 42.85 -18.17
CA SER A 95 -4.65 43.99 -17.94
C SER A 95 -3.88 44.35 -19.21
N SER A 96 -4.30 43.76 -20.33
CA SER A 96 -3.85 44.21 -21.62
C SER A 96 -4.06 45.72 -21.82
N ALA A 97 -3.01 46.36 -22.32
CA ALA A 97 -3.03 47.76 -22.68
C ALA A 97 -3.56 48.01 -24.11
N THR A 98 -4.04 46.96 -24.77
CA THR A 98 -4.51 47.06 -26.17
C THR A 98 -6.03 47.01 -26.27
N GLN A 99 -6.71 46.98 -25.14
CA GLN A 99 -8.17 47.03 -25.08
C GLN A 99 -8.65 48.42 -25.53
N ASP A 100 -9.74 48.49 -26.30
CA ASP A 100 -10.25 49.75 -26.85
C ASP A 100 -11.57 50.23 -26.24
N GLY A 101 -12.13 49.44 -25.33
CA GLY A 101 -13.40 49.78 -24.72
C GLY A 101 -14.56 48.93 -25.21
N THR A 102 -14.37 48.25 -26.33
CA THR A 102 -15.48 47.50 -26.92
C THR A 102 -15.69 46.19 -26.19
N GLU A 103 -14.72 45.81 -25.35
CA GLU A 103 -14.76 44.47 -24.76
C GLU A 103 -15.92 44.35 -23.79
N GLN A 104 -16.40 43.13 -23.61
CA GLN A 104 -17.56 42.86 -22.77
C GLN A 104 -17.21 43.05 -21.29
N THR A 105 -18.23 43.27 -20.46
CA THR A 105 -18.05 43.34 -19.03
C THR A 105 -17.67 41.95 -18.56
N PRO A 106 -16.50 41.82 -17.92
CA PRO A 106 -16.06 40.52 -17.40
C PRO A 106 -16.93 40.01 -16.26
N LEU A 107 -17.42 38.77 -16.35
CA LEU A 107 -18.48 38.31 -15.46
C LEU A 107 -18.25 36.94 -14.82
N ILE A 108 -17.08 36.32 -15.09
CA ILE A 108 -16.90 34.93 -14.67
C ILE A 108 -16.80 34.75 -13.16
N GLU A 109 -16.08 35.65 -12.49
CA GLU A 109 -15.98 35.57 -11.03
C GLU A 109 -17.37 35.75 -10.46
N ARG A 110 -18.15 36.65 -11.05
CA ARG A 110 -19.48 36.89 -10.58
C ARG A 110 -20.42 35.72 -10.86
N ALA A 111 -20.31 35.09 -12.02
CA ALA A 111 -21.14 33.92 -12.32
C ALA A 111 -20.87 32.77 -11.31
N ILE A 112 -19.58 32.50 -11.05
CA ILE A 112 -19.16 31.47 -10.09
C ILE A 112 -19.57 31.81 -8.65
N ASP A 113 -19.49 33.09 -8.28
CA ASP A 113 -19.99 33.57 -6.99
C ASP A 113 -21.48 33.33 -6.88
N THR A 114 -22.21 33.60 -7.95
CA THR A 114 -23.66 33.42 -7.94
C THR A 114 -24.00 31.99 -7.67
N ILE A 115 -23.28 31.08 -8.35
CA ILE A 115 -23.47 29.65 -8.05
C ILE A 115 -23.14 29.34 -6.58
N CYS A 116 -21.96 29.76 -6.13
CA CYS A 116 -21.55 29.42 -4.76
C CYS A 116 -22.45 29.94 -3.66
N ASP A 117 -23.07 31.09 -3.92
CA ASP A 117 -23.86 31.79 -2.91
C ASP A 117 -25.17 31.06 -2.67
N CYS A 118 -25.56 30.17 -3.58
CA CYS A 118 -26.79 29.41 -3.38
C CYS A 118 -26.69 28.37 -2.28
N PHE A 119 -25.46 28.03 -1.87
CA PHE A 119 -25.33 27.13 -0.74
C PHE A 119 -25.15 27.93 0.52
N GLN A 120 -26.10 27.77 1.43
CA GLN A 120 -26.13 28.58 2.63
C GLN A 120 -26.18 27.75 3.89
N GLY A 121 -25.67 26.52 3.83
CA GLY A 121 -25.69 25.62 4.96
C GLY A 121 -26.66 24.47 4.76
N GLU A 122 -26.95 23.75 5.84
CA GLU A 122 -27.72 22.51 5.73
C GLU A 122 -29.20 22.72 5.36
N THR A 123 -29.73 23.93 5.49
CA THR A 123 -31.16 24.13 5.20
C THR A 123 -31.48 24.32 3.73
N THR A 124 -30.45 24.62 2.92
CA THR A 124 -30.60 24.73 1.48
C THR A 124 -31.21 23.45 0.93
N LEU A 125 -32.19 23.58 0.04
CA LEU A 125 -32.86 22.41 -0.49
C LEU A 125 -31.89 21.43 -1.17
N VAL A 126 -32.12 20.13 -0.96
CA VAL A 126 -31.18 19.10 -1.45
C VAL A 126 -31.02 19.12 -2.97
N GLU A 127 -32.09 19.45 -3.69
CA GLU A 127 -32.05 19.50 -5.15
C GLU A 127 -31.12 20.63 -5.58
N ILE A 128 -31.20 21.75 -4.86
CA ILE A 128 -30.33 22.88 -5.14
C ILE A 128 -28.87 22.56 -4.82
N GLN A 129 -28.64 21.86 -3.70
CA GLN A 129 -27.27 21.49 -3.33
C GLN A 129 -26.65 20.71 -4.49
N LEU A 130 -27.38 19.69 -4.94
CA LEU A 130 -26.92 18.85 -6.05
C LEU A 130 -26.65 19.65 -7.31
N GLN A 131 -27.57 20.54 -7.63
CA GLN A 131 -27.41 21.35 -8.83
C GLN A 131 -26.18 22.26 -8.73
N ILE A 132 -25.87 22.70 -7.52
CA ILE A 132 -24.65 23.47 -7.29
C ILE A 132 -23.39 22.62 -7.56
N VAL A 133 -23.35 21.39 -7.05
CA VAL A 133 -22.18 20.54 -7.31
C VAL A 133 -21.99 20.31 -8.82
N LYS A 134 -23.07 19.97 -9.52
CA LYS A 134 -22.99 19.81 -10.98
C LYS A 134 -22.60 21.11 -11.73
N SER A 135 -23.11 22.25 -11.30
CA SER A 135 -22.79 23.49 -12.03
C SER A 135 -21.34 23.92 -11.82
N LEU A 136 -20.83 23.77 -10.60
CA LEU A 136 -19.43 24.04 -10.37
C LEU A 136 -18.55 23.06 -11.16
N LEU A 137 -18.93 21.78 -11.20
CA LEU A 137 -18.17 20.83 -12.00
C LEU A 137 -18.13 21.26 -13.48
N ALA A 138 -19.28 21.63 -14.03
CA ALA A 138 -19.32 22.06 -15.42
C ALA A 138 -18.49 23.34 -15.64
N ALA A 139 -18.45 24.21 -14.63
CA ALA A 139 -17.73 25.48 -14.73
C ALA A 139 -16.23 25.26 -14.74
N VAL A 140 -15.77 24.37 -13.88
CA VAL A 140 -14.36 24.17 -13.61
C VAL A 140 -13.65 23.10 -14.45
N LEU A 141 -14.33 21.98 -14.68
CA LEU A 141 -13.75 20.87 -15.41
C LEU A 141 -14.49 20.63 -16.72
N ASN A 142 -14.08 21.35 -17.75
CA ASN A 142 -14.67 21.14 -19.05
C ASN A 142 -13.59 21.12 -20.11
N ASP A 143 -14.00 20.97 -21.35
CA ASP A 143 -13.08 20.68 -22.46
C ASP A 143 -12.62 21.92 -23.22
N LYS A 144 -13.15 23.09 -22.87
CA LYS A 144 -12.96 24.27 -23.69
C LYS A 144 -12.27 25.37 -22.89
N ILE A 145 -12.38 25.30 -21.57
CA ILE A 145 -11.95 26.41 -20.72
C ILE A 145 -11.18 25.97 -19.48
N ILE A 146 -10.08 26.65 -19.21
CA ILE A 146 -9.41 26.42 -17.95
C ILE A 146 -9.45 27.67 -17.09
N VAL A 147 -10.10 27.56 -15.94
CA VAL A 147 -10.17 28.64 -14.99
C VAL A 147 -9.07 28.52 -13.96
N HIS A 148 -8.33 29.62 -13.74
CA HIS A 148 -7.28 29.65 -12.71
C HIS A 148 -7.65 30.62 -11.58
N GLY A 149 -6.91 30.59 -10.49
CA GLY A 149 -7.05 31.58 -9.43
C GLY A 149 -8.30 31.47 -8.56
N ALA A 150 -8.76 32.60 -8.04
CA ALA A 150 -9.79 32.62 -7.02
C ALA A 150 -11.04 31.85 -7.42
N GLY A 151 -11.52 32.05 -8.65
CA GLY A 151 -12.70 31.33 -9.12
C GLY A 151 -12.60 29.81 -8.95
N LEU A 152 -11.49 29.23 -9.42
CA LEU A 152 -11.27 27.78 -9.26
C LEU A 152 -11.30 27.33 -7.80
N LEU A 153 -10.45 27.96 -6.97
CA LEU A 153 -10.36 27.58 -5.56
C LEU A 153 -11.69 27.76 -4.79
N LYS A 154 -12.51 28.72 -5.24
CA LYS A 154 -13.85 28.92 -4.68
C LYS A 154 -14.78 27.78 -5.03
N ALA A 155 -14.75 27.36 -6.29
CA ALA A 155 -15.56 26.22 -6.72
C ALA A 155 -15.21 24.99 -5.90
N VAL A 156 -13.90 24.72 -5.81
CA VAL A 156 -13.42 23.58 -5.06
C VAL A 156 -13.88 23.64 -3.62
N ARG A 157 -13.64 24.79 -2.96
CA ARG A 157 -14.06 24.94 -1.55
C ARG A 157 -15.57 24.77 -1.35
N GLN A 158 -16.36 25.21 -2.34
CA GLN A 158 -17.81 25.13 -2.21
C GLN A 158 -18.28 23.67 -2.30
N VAL A 159 -17.72 22.90 -3.24
CA VAL A 159 -18.02 21.47 -3.31
C VAL A 159 -17.59 20.75 -2.00
N TYR A 160 -16.42 21.10 -1.47
CA TYR A 160 -16.02 20.57 -0.15
C TYR A 160 -17.04 20.90 0.95
N ASN A 161 -17.46 22.16 1.01
CA ASN A 161 -18.37 22.63 2.06
C ASN A 161 -19.69 21.90 2.00
N ILE A 162 -20.18 21.64 0.78
CA ILE A 162 -21.39 20.84 0.62
C ILE A 162 -21.14 19.41 1.09
N PHE A 163 -19.97 18.84 0.75
CA PHE A 163 -19.65 17.51 1.28
C PHE A 163 -19.73 17.48 2.80
N LEU A 164 -19.24 18.55 3.43
CA LEU A 164 -19.11 18.59 4.89
C LEU A 164 -20.38 18.95 5.64
N LEU A 165 -21.23 19.76 5.02
CA LEU A 165 -22.33 20.40 5.75
C LEU A 165 -23.70 19.81 5.41
N SER A 166 -23.85 19.18 4.25
CA SER A 166 -25.14 18.62 3.90
C SER A 166 -25.54 17.48 4.89
N ARG A 167 -26.83 17.26 5.03
CA ARG A 167 -27.35 16.24 5.91
C ARG A 167 -27.92 15.18 5.04
N SER A 168 -27.75 15.36 3.74
CA SER A 168 -28.13 14.34 2.76
C SER A 168 -26.92 13.50 2.45
N THR A 169 -27.02 12.20 2.76
CA THR A 169 -25.96 11.25 2.46
C THR A 169 -25.61 11.23 0.98
N ALA A 170 -26.65 11.25 0.12
CA ALA A 170 -26.44 11.24 -1.32
C ALA A 170 -25.58 12.39 -1.79
N ASN A 171 -25.93 13.60 -1.37
CA ASN A 171 -25.20 14.81 -1.73
C ASN A 171 -23.77 14.76 -1.12
N GLN A 172 -23.64 14.23 0.09
CA GLN A 172 -22.29 14.13 0.66
C GLN A 172 -21.44 13.28 -0.28
N GLN A 173 -22.04 12.21 -0.81
CA GLN A 173 -21.30 11.31 -1.68
C GLN A 173 -20.97 11.91 -3.05
N VAL A 174 -21.96 12.50 -3.73
CA VAL A 174 -21.61 13.08 -5.02
C VAL A 174 -20.61 14.20 -4.85
N ALA A 175 -20.72 14.96 -3.75
CA ALA A 175 -19.75 16.00 -3.49
C ALA A 175 -18.35 15.43 -3.31
N GLN A 176 -18.23 14.37 -2.53
CA GLN A 176 -16.92 13.72 -2.37
C GLN A 176 -16.35 13.30 -3.73
N GLY A 177 -17.15 12.61 -4.54
CA GLY A 177 -16.72 12.21 -5.87
C GLY A 177 -16.24 13.35 -6.76
N THR A 178 -17.02 14.44 -6.77
CA THR A 178 -16.72 15.61 -7.59
C THR A 178 -15.47 16.34 -7.10
N LEU A 179 -15.33 16.47 -5.79
CA LEU A 179 -14.12 17.05 -5.19
C LEU A 179 -12.87 16.24 -5.62
N THR A 180 -12.96 14.91 -5.53
CA THR A 180 -11.86 14.03 -5.95
C THR A 180 -11.52 14.23 -7.42
N GLN A 181 -12.55 14.32 -8.27
CA GLN A 181 -12.31 14.53 -9.70
C GLN A 181 -11.63 15.87 -9.98
N MET A 182 -12.03 16.92 -9.25
CA MET A 182 -11.46 18.26 -9.38
C MET A 182 -9.98 18.31 -8.96
N VAL A 183 -9.68 17.81 -7.76
CA VAL A 183 -8.28 17.90 -7.29
C VAL A 183 -7.39 17.01 -8.19
N GLY A 184 -7.94 15.87 -8.59
CA GLY A 184 -7.25 15.02 -9.54
C GLY A 184 -6.97 15.75 -10.83
N THR A 185 -7.94 16.50 -11.33
CA THR A 185 -7.72 17.23 -12.57
C THR A 185 -6.67 18.35 -12.49
N VAL A 186 -6.71 19.12 -11.40
CA VAL A 186 -5.70 20.16 -11.19
C VAL A 186 -4.31 19.55 -11.27
N PHE A 187 -4.10 18.42 -10.59
CA PHE A 187 -2.75 17.82 -10.68
C PHE A 187 -2.45 17.19 -12.05
N GLU A 188 -3.43 16.55 -12.69
CA GLU A 188 -3.19 16.02 -14.04
C GLU A 188 -2.76 17.08 -15.05
N ARG A 189 -3.41 18.24 -15.01
CA ARG A 189 -2.97 19.39 -15.82
C ARG A 189 -1.52 19.79 -15.48
N VAL A 190 -1.16 19.86 -14.19
CA VAL A 190 0.26 20.15 -13.94
C VAL A 190 1.23 19.09 -14.57
N LYS A 191 0.90 17.81 -14.39
CA LYS A 191 1.68 16.72 -14.97
C LYS A 191 1.88 16.88 -16.50
N THR A 192 0.81 17.27 -17.20
CA THR A 192 0.90 17.59 -18.63
C THR A 192 1.88 18.74 -18.92
N ARG A 193 1.75 19.84 -18.16
CA ARG A 193 2.65 20.98 -18.36
C ARG A 193 4.12 20.60 -18.16
N LEU A 194 4.43 19.80 -17.13
CA LEU A 194 5.82 19.34 -16.94
C LEU A 194 6.29 18.41 -18.07
N HIS A 195 5.43 17.50 -18.51
CA HIS A 195 5.75 16.69 -19.67
C HIS A 195 6.16 17.57 -20.86
N MET A 196 5.39 18.62 -21.14
CA MET A 196 5.73 19.54 -22.25
C MET A 196 7.07 20.20 -21.96
N LYS A 197 7.25 20.62 -20.72
CA LYS A 197 8.47 21.34 -20.34
C LYS A 197 9.73 20.50 -20.59
N GLU A 198 9.70 19.26 -20.11
CA GLU A 198 10.80 18.31 -20.32
C GLU A 198 11.01 17.95 -21.79
N ALA A 199 9.92 17.84 -22.56
CA ALA A 199 10.06 17.62 -23.99
C ALA A 199 10.87 18.78 -24.60
N ARG A 200 10.54 20.01 -24.20
CA ARG A 200 11.27 21.20 -24.66
C ARG A 200 12.74 21.24 -24.22
N ALA A 201 13.01 20.84 -22.98
CA ALA A 201 14.42 20.78 -22.53
C ALA A 201 15.23 19.73 -23.33
N ASN A 202 14.60 18.58 -23.59
CA ASN A 202 15.20 17.48 -24.34
C ASN A 202 15.48 17.88 -25.78
N LEU A 203 14.50 18.53 -26.40
CA LEU A 203 14.66 19.01 -27.77
C LEU A 203 15.81 20.01 -27.78
N GLY A 204 15.87 20.83 -26.73
CA GLY A 204 16.91 21.83 -26.61
C GLY A 204 18.30 21.25 -26.53
N ARG A 205 18.45 20.13 -25.80
CA ARG A 205 19.75 19.46 -25.71
C ARG A 205 20.15 18.70 -26.97
N LEU A 206 19.17 18.10 -27.61
CA LEU A 206 19.36 17.33 -28.80
C LEU A 206 20.07 18.12 -29.85
N LYS A 207 19.78 19.40 -29.98
CA LYS A 207 20.50 20.23 -30.93
C LYS A 207 21.80 20.70 -30.30
N ALA A 208 22.74 19.75 -30.18
CA ALA A 208 24.07 19.93 -29.62
C ALA A 208 24.54 18.63 -28.98
N LEU A 255 17.32 17.73 16.12
CA LEU A 255 16.11 18.03 15.36
C LEU A 255 14.94 17.22 15.94
N THR A 256 13.88 17.91 16.37
CA THR A 256 12.77 17.24 17.05
C THR A 256 11.42 17.41 16.37
N LEU A 257 10.39 16.77 16.92
CA LEU A 257 9.06 16.82 16.32
C LEU A 257 8.50 18.22 16.42
N LYS A 258 8.90 18.92 17.48
CA LYS A 258 8.36 20.23 17.79
C LYS A 258 9.04 21.26 16.91
N ASP A 259 10.23 20.95 16.43
CA ASP A 259 10.96 21.85 15.54
C ASP A 259 10.31 21.91 14.15
N LEU A 260 9.69 20.79 13.74
CA LEU A 260 9.11 20.71 12.42
C LEU A 260 7.90 21.66 12.25
N GLU A 261 7.31 22.10 13.35
CA GLU A 261 6.19 23.02 13.23
C GLU A 261 6.67 24.46 13.03
N HIS A 262 7.98 24.68 13.16
CA HIS A 262 8.55 26.02 13.00
C HIS A 262 9.63 26.06 11.94
N ARG A 263 9.53 25.20 10.94
CA ARG A 263 10.52 25.15 9.86
C ARG A 263 9.84 25.38 8.51
N LYS A 264 9.63 26.65 8.19
CA LYS A 264 8.99 27.01 6.94
C LYS A 264 9.97 27.87 6.14
N SER A 265 10.63 27.26 5.18
CA SER A 265 11.64 27.97 4.42
C SER A 265 11.02 28.80 3.29
N PHE A 266 9.93 28.29 2.74
CA PHE A 266 9.26 28.90 1.60
C PHE A 266 8.17 29.88 2.02
N ASP A 267 8.30 31.14 1.60
CA ASP A 267 7.28 32.13 1.96
C ASP A 267 6.15 32.09 0.95
N ASP A 268 4.93 31.87 1.45
CA ASP A 268 3.75 31.75 0.61
C ASP A 268 2.65 32.71 1.06
N SER A 269 3.06 33.78 1.72
CA SER A 269 2.14 34.83 2.11
C SER A 269 1.44 35.42 0.88
N HIS A 270 0.13 35.65 1.00
CA HIS A 270 -0.72 36.17 -0.08
C HIS A 270 -0.65 35.42 -1.42
N MET A 271 -0.37 34.12 -1.40
CA MET A 271 -0.46 33.35 -2.62
C MET A 271 -1.92 32.94 -2.95
N GLY A 272 -2.73 32.82 -1.91
CA GLY A 272 -4.15 32.54 -2.09
C GLY A 272 -4.85 33.71 -2.76
N ASP A 273 -4.26 34.89 -2.63
CA ASP A 273 -4.80 36.08 -3.27
C ASP A 273 -4.61 35.99 -4.77
N GLY A 274 -5.07 37.02 -5.46
CA GLY A 274 -4.98 37.05 -6.89
C GLY A 274 -6.24 36.60 -7.58
N PRO A 275 -6.50 37.16 -8.75
CA PRO A 275 -7.74 37.04 -9.50
C PRO A 275 -7.88 35.79 -10.36
N THR A 276 -9.12 35.56 -10.76
CA THR A 276 -9.47 34.51 -11.68
C THR A 276 -8.88 34.81 -13.05
N MET A 277 -8.23 33.82 -13.67
CA MET A 277 -7.76 34.00 -15.06
C MET A 277 -8.41 32.86 -15.85
N VAL A 278 -8.38 32.96 -17.18
CA VAL A 278 -9.02 31.97 -18.04
C VAL A 278 -8.10 31.65 -19.22
N SER A 279 -7.82 30.37 -19.48
CA SER A 279 -7.04 29.98 -20.66
C SER A 279 -7.92 29.15 -21.59
N GLN A 280 -7.73 29.30 -22.90
CA GLN A 280 -8.47 28.50 -23.88
C GLN A 280 -7.68 27.24 -24.22
N VAL A 281 -8.28 26.32 -24.98
CA VAL A 281 -7.57 25.08 -25.33
C VAL A 281 -7.54 24.84 -26.84
N GLU A 303 3.57 31.14 -27.24
CA GLU A 303 4.57 30.89 -28.28
C GLU A 303 5.98 31.22 -27.77
N THR A 304 6.06 32.25 -26.93
CA THR A 304 7.32 32.73 -26.34
C THR A 304 7.56 32.16 -24.93
N PRO A 305 8.82 31.77 -24.65
CA PRO A 305 9.17 31.13 -23.37
C PRO A 305 8.71 31.88 -22.11
N GLU A 306 8.63 33.21 -22.17
CA GLU A 306 8.16 33.98 -21.02
C GLU A 306 6.71 33.60 -20.77
N SER A 307 5.95 33.51 -21.84
CA SER A 307 4.54 33.16 -21.75
C SER A 307 4.32 31.71 -21.27
N LEU A 308 5.17 30.78 -21.74
CA LEU A 308 5.08 29.37 -21.31
C LEU A 308 5.37 29.26 -19.82
N ASP A 309 6.38 29.99 -19.36
CA ASP A 309 6.70 30.05 -17.95
C ASP A 309 5.53 30.63 -17.13
N ALA A 310 4.90 31.71 -17.60
CA ALA A 310 3.79 32.27 -16.84
C ALA A 310 2.58 31.31 -16.77
N GLU A 311 2.27 30.65 -17.89
CA GLU A 311 1.19 29.67 -17.85
C GLU A 311 1.52 28.53 -16.88
N ASP A 312 2.76 28.03 -16.99
CA ASP A 312 3.18 26.95 -16.08
C ASP A 312 2.93 27.41 -14.66
N GLU A 313 3.29 28.66 -14.35
CA GLU A 313 3.10 29.19 -13.01
C GLU A 313 1.64 29.21 -12.56
N ALA A 314 0.74 29.59 -13.48
CA ALA A 314 -0.69 29.54 -13.17
C ALA A 314 -1.10 28.13 -12.73
N TYR A 315 -0.80 27.14 -13.59
CA TYR A 315 -1.15 25.75 -13.28
C TYR A 315 -0.59 25.25 -11.94
N ILE A 316 0.71 25.51 -11.75
CA ILE A 316 1.38 25.03 -10.56
C ILE A 316 0.83 25.70 -9.29
N ARG A 317 0.54 26.98 -9.38
CA ARG A 317 -0.05 27.67 -8.27
C ARG A 317 -1.41 27.14 -7.88
N ASP A 318 -2.27 26.82 -8.84
CA ASP A 318 -3.53 26.12 -8.52
C ASP A 318 -3.24 24.86 -7.71
N ALA A 319 -2.31 24.06 -8.20
CA ALA A 319 -1.95 22.82 -7.50
C ALA A 319 -1.48 23.04 -6.04
N TYR A 320 -0.50 23.92 -5.87
CA TYR A 320 0.02 24.22 -4.54
C TYR A 320 -1.11 24.70 -3.58
N LEU A 321 -2.01 25.58 -4.04
CA LEU A 321 -3.07 26.08 -3.17
C LEU A 321 -4.03 24.96 -2.75
N VAL A 322 -4.41 24.11 -3.71
CA VAL A 322 -5.24 22.93 -3.36
C VAL A 322 -4.56 22.00 -2.30
N PHE A 323 -3.31 21.64 -2.59
CA PHE A 323 -2.57 20.74 -1.71
C PHE A 323 -2.40 21.31 -0.30
N ARG A 324 -1.97 22.57 -0.23
CA ARG A 324 -1.76 23.26 1.05
C ARG A 324 -3.09 23.31 1.82
N SER A 325 -4.16 23.58 1.09
CA SER A 325 -5.45 23.60 1.75
C SER A 325 -5.75 22.28 2.49
N PHE A 326 -5.56 21.15 1.81
CA PHE A 326 -5.86 19.86 2.46
C PHE A 326 -4.92 19.51 3.62
N CYS A 327 -3.64 19.85 3.48
CA CYS A 327 -2.73 19.63 4.62
C CYS A 327 -3.23 20.40 5.85
N ASN A 328 -3.59 21.66 5.62
CA ASN A 328 -4.14 22.50 6.70
C ASN A 328 -5.41 21.92 7.35
N LEU A 329 -6.37 21.47 6.54
CA LEU A 329 -7.56 20.79 7.10
C LEU A 329 -7.20 19.51 7.89
N SER A 330 -6.09 18.86 7.53
CA SER A 330 -5.75 17.62 8.20
C SER A 330 -5.10 17.86 9.54
N THR A 331 -4.60 19.07 9.76
CA THR A 331 -3.82 19.36 10.99
C THR A 331 -4.59 19.63 12.31
N LYS A 332 -5.92 19.55 12.30
CA LYS A 332 -6.69 19.80 13.51
C LYS A 332 -6.53 18.66 14.54
N ILE A 333 -6.52 19.00 15.83
CA ILE A 333 -6.37 18.03 16.91
C ILE A 333 -7.70 17.62 17.54
N LEU A 334 -7.99 16.32 17.56
CA LEU A 334 -9.27 15.81 18.09
C LEU A 334 -9.09 14.93 19.34
N PRO A 335 -9.99 15.07 20.34
CA PRO A 335 -10.15 14.14 21.46
C PRO A 335 -11.28 13.15 21.20
N PRO A 336 -11.28 11.99 21.90
CA PRO A 336 -12.37 11.02 21.71
C PRO A 336 -13.76 11.61 22.00
N ASP A 341 -16.80 9.05 16.96
CA ASP A 341 -16.80 10.41 16.40
C ASP A 341 -16.92 10.40 14.88
N LEU A 342 -17.08 9.21 14.31
CA LEU A 342 -16.88 8.98 12.87
C LEU A 342 -17.85 9.60 11.86
N ARG A 343 -19.03 10.03 12.31
CA ARG A 343 -19.95 10.69 11.40
C ARG A 343 -19.97 12.19 11.68
N GLY A 344 -19.12 12.63 12.60
CA GLY A 344 -19.01 14.04 12.87
C GLY A 344 -18.19 14.74 11.80
N GLN A 345 -18.38 16.05 11.71
CA GLN A 345 -17.69 16.86 10.73
C GLN A 345 -16.18 16.91 10.96
N PRO A 346 -15.72 17.03 12.22
CA PRO A 346 -14.26 17.09 12.33
C PRO A 346 -13.57 15.84 11.78
N MET A 347 -14.07 14.66 12.12
CA MET A 347 -13.43 13.42 11.72
C MET A 347 -13.57 13.20 10.21
N ARG A 348 -14.74 13.56 9.67
CA ARG A 348 -14.94 13.40 8.23
C ARG A 348 -14.04 14.35 7.44
N SER A 349 -13.84 15.55 7.98
CA SER A 349 -12.94 16.49 7.33
C SER A 349 -11.48 15.93 7.35
N LYS A 350 -11.01 15.51 8.52
CA LYS A 350 -9.66 14.92 8.65
C LYS A 350 -9.46 13.78 7.65
N LEU A 351 -10.44 12.87 7.59
CA LEU A 351 -10.35 11.72 6.70
C LEU A 351 -10.35 12.11 5.21
N ILE A 352 -11.23 13.00 4.76
CA ILE A 352 -11.22 13.32 3.32
C ILE A 352 -9.92 14.08 2.97
N SER A 353 -9.44 14.90 3.90
CA SER A 353 -8.19 15.60 3.68
C SER A 353 -7.03 14.62 3.52
N LEU A 354 -6.89 13.69 4.47
CA LEU A 354 -5.80 12.73 4.42
C LEU A 354 -5.90 11.84 3.17
N HIS A 355 -7.10 11.34 2.90
CA HIS A 355 -7.35 10.57 1.70
C HIS A 355 -6.96 11.32 0.42
N LEU A 356 -7.30 12.61 0.32
CA LEU A 356 -6.98 13.35 -0.89
C LEU A 356 -5.49 13.65 -1.02
N ILE A 357 -4.85 13.95 0.11
CA ILE A 357 -3.40 14.13 0.13
C ILE A 357 -2.70 12.85 -0.38
N HIS A 358 -3.10 11.70 0.18
CA HIS A 358 -2.55 10.42 -0.23
C HIS A 358 -2.77 10.11 -1.71
N THR A 359 -3.99 10.29 -2.18
CA THR A 359 -4.31 10.08 -3.59
C THR A 359 -3.50 10.96 -4.54
N LEU A 360 -3.36 12.25 -4.23
CA LEU A 360 -2.63 13.14 -5.11
C LEU A 360 -1.16 12.70 -5.15
N LEU A 361 -0.58 12.40 -3.99
CA LEU A 361 0.80 11.92 -3.94
C LEU A 361 0.99 10.63 -4.77
N ASN A 362 0.10 9.66 -4.57
CA ASN A 362 0.20 8.37 -5.21
C ASN A 362 0.04 8.45 -6.75
N ASN A 363 -0.89 9.27 -7.22
CA ASN A 363 -1.21 9.34 -8.64
C ASN A 363 -0.34 10.30 -9.46
N HIS A 364 0.39 11.19 -8.78
CA HIS A 364 1.14 12.25 -9.46
C HIS A 364 2.46 12.54 -8.72
N ILE A 365 3.13 11.49 -8.29
CA ILE A 365 4.35 11.63 -7.50
C ILE A 365 5.43 12.38 -8.30
N THR A 366 5.40 12.24 -9.62
CA THR A 366 6.36 12.95 -10.49
C THR A 366 6.15 14.47 -10.49
N VAL A 367 4.91 14.92 -10.27
CA VAL A 367 4.67 16.35 -10.14
C VAL A 367 5.44 16.88 -8.93
N PHE A 368 5.44 16.11 -7.85
CA PHE A 368 6.15 16.49 -6.63
C PHE A 368 7.66 16.37 -6.73
N THR A 369 8.15 15.30 -7.36
CA THR A 369 9.59 15.01 -7.36
C THR A 369 10.42 15.62 -8.50
N SER A 370 9.77 16.01 -9.59
CA SER A 370 10.49 16.62 -10.72
C SER A 370 11.22 17.90 -10.35
N PRO A 371 12.51 17.98 -10.67
CA PRO A 371 13.34 19.16 -10.42
C PRO A 371 13.03 20.30 -11.40
N LEU A 372 12.12 20.05 -12.33
CA LEU A 372 11.62 21.08 -13.25
C LEU A 372 10.36 21.74 -12.72
N CYS A 373 9.73 21.13 -11.72
CA CYS A 373 8.54 21.73 -11.15
C CYS A 373 8.86 22.83 -10.15
N THR A 374 8.49 24.05 -10.50
CA THR A 374 8.97 25.22 -9.81
C THR A 374 7.88 26.25 -9.56
N ILE A 375 7.84 26.78 -8.34
CA ILE A 375 6.87 27.81 -7.96
C ILE A 375 7.61 28.99 -7.36
N ARG A 376 7.16 30.21 -7.65
CA ARG A 376 7.86 31.40 -7.19
C ARG A 376 7.51 31.83 -5.78
N ASN A 377 8.54 32.00 -4.96
CA ASN A 377 8.43 32.56 -3.62
C ASN A 377 7.75 33.92 -3.70
N THR A 378 7.05 34.31 -2.64
CA THR A 378 6.30 35.56 -2.61
C THR A 378 7.14 36.79 -2.23
N LYS A 379 8.14 36.57 -1.38
CA LYS A 379 8.99 37.66 -0.88
C LYS A 379 9.96 38.16 -1.96
N ASN A 380 10.65 37.26 -2.65
CA ASN A 380 11.71 37.68 -3.55
C ASN A 380 11.48 37.24 -4.98
N ASN A 381 10.34 36.60 -5.24
CA ASN A 381 10.00 36.17 -6.58
C ASN A 381 11.04 35.19 -7.16
N GLU A 382 11.83 34.57 -6.29
CA GLU A 382 12.81 33.58 -6.75
C GLU A 382 12.18 32.20 -6.85
N PRO A 383 12.36 31.54 -8.00
CA PRO A 383 11.82 30.21 -8.27
C PRO A 383 12.30 29.19 -7.22
N THR A 384 11.42 28.30 -6.79
CA THR A 384 11.74 27.31 -5.76
C THR A 384 11.18 25.95 -6.16
N ASN A 385 11.87 24.89 -5.76
CA ASN A 385 11.42 23.55 -6.05
C ASN A 385 10.07 23.26 -5.38
N PHE A 386 9.15 22.63 -6.11
CA PHE A 386 7.82 22.34 -5.59
C PHE A 386 7.85 21.54 -4.28
N LEU A 387 8.66 20.47 -4.28
CA LEU A 387 8.78 19.62 -3.09
C LEU A 387 9.22 20.41 -1.86
N GLN A 388 10.20 21.29 -2.07
CA GLN A 388 10.71 22.11 -0.99
C GLN A 388 9.62 23.09 -0.52
N ALA A 389 8.72 23.46 -1.43
CA ALA A 389 7.66 24.41 -1.11
C ALA A 389 6.51 23.81 -0.32
N ILE A 390 6.17 22.55 -0.58
CA ILE A 390 5.07 21.92 0.15
C ILE A 390 5.56 21.12 1.38
N LYS A 391 6.88 21.01 1.51
CA LYS A 391 7.49 20.24 2.59
C LYS A 391 6.91 20.52 3.99
N TYR A 392 6.82 21.80 4.34
CA TYR A 392 6.31 22.18 5.64
C TYR A 392 4.90 21.60 5.88
N TYR A 393 4.04 21.71 4.88
CA TYR A 393 2.66 21.28 5.06
C TYR A 393 2.54 19.76 5.12
N LEU A 394 3.33 19.07 4.30
CA LEU A 394 3.32 17.61 4.34
C LEU A 394 3.78 17.07 5.70
N CYS A 395 4.92 17.57 6.15
CA CYS A 395 5.46 17.13 7.43
C CYS A 395 4.50 17.49 8.53
N LEU A 396 3.79 18.59 8.38
CA LEU A 396 2.85 19.02 9.42
C LEU A 396 1.68 18.03 9.52
N SER A 397 1.16 17.62 8.37
CA SER A 397 0.07 16.63 8.31
C SER A 397 0.43 15.29 9.02
N ILE A 398 1.65 14.83 8.73
CA ILE A 398 2.17 13.63 9.40
C ILE A 398 2.42 13.84 10.89
N THR A 399 2.97 14.99 11.27
CA THR A 399 3.28 15.30 12.66
C THR A 399 2.00 15.24 13.49
N ARG A 400 0.94 15.80 12.96
CA ARG A 400 -0.31 15.86 13.71
C ARG A 400 -1.08 14.53 13.73
N ASN A 401 -0.96 13.74 12.66
CA ASN A 401 -1.83 12.56 12.52
C ASN A 401 -1.18 11.20 12.70
N GLY A 402 0.14 11.13 12.52
CA GLY A 402 0.86 9.91 12.81
C GLY A 402 0.60 9.66 14.28
N ALA A 403 0.63 8.41 14.68
CA ALA A 403 0.32 8.03 16.07
C ALA A 403 -1.12 8.26 16.50
N SER A 404 -2.02 8.53 15.56
CA SER A 404 -3.43 8.61 15.95
C SER A 404 -3.90 7.27 16.49
N SER A 405 -4.89 7.30 17.39
CA SER A 405 -5.43 6.07 17.94
C SER A 405 -6.58 5.54 17.08
N VAL A 406 -7.06 6.36 16.15
CA VAL A 406 -8.08 5.91 15.21
C VAL A 406 -7.35 5.17 14.10
N ASP A 407 -7.75 3.93 13.83
CA ASP A 407 -7.01 3.08 12.91
C ASP A 407 -7.03 3.56 11.47
N ARG A 408 -8.14 4.16 11.04
CA ARG A 408 -8.25 4.65 9.66
C ARG A 408 -7.27 5.79 9.40
N VAL A 409 -7.21 6.72 10.37
CA VAL A 409 -6.29 7.84 10.29
C VAL A 409 -4.84 7.37 10.33
N PHE A 410 -4.57 6.42 11.23
CA PHE A 410 -3.24 5.85 11.38
C PHE A 410 -2.80 5.20 10.08
N ASP A 411 -3.72 4.46 9.46
CA ASP A 411 -3.41 3.75 8.23
C ASP A 411 -3.10 4.71 7.07
N ILE A 412 -3.91 5.75 6.91
CA ILE A 412 -3.65 6.70 5.82
C ILE A 412 -2.31 7.44 6.01
N CYS A 413 -1.99 7.80 7.24
CA CYS A 413 -0.64 8.33 7.47
C CYS A 413 0.48 7.32 7.19
N CYS A 414 0.25 6.05 7.52
CA CYS A 414 1.25 5.05 7.19
C CYS A 414 1.50 5.03 5.70
N GLU A 415 0.44 5.06 4.91
CA GLU A 415 0.63 5.08 3.46
C GLU A 415 1.33 6.37 2.93
N ILE A 416 0.95 7.54 3.44
CA ILE A 416 1.66 8.78 3.09
C ILE A 416 3.16 8.67 3.45
N PHE A 417 3.42 8.14 4.64
CA PHE A 417 4.81 7.97 5.09
C PHE A 417 5.57 6.97 4.19
N TRP A 418 4.85 5.98 3.67
CA TRP A 418 5.44 5.03 2.74
C TRP A 418 5.85 5.76 1.49
N LEU A 419 4.97 6.61 0.93
CA LEU A 419 5.35 7.35 -0.28
C LEU A 419 6.59 8.21 -0.04
N MET A 420 6.59 8.91 1.09
CA MET A 420 7.73 9.74 1.44
C MET A 420 9.03 8.95 1.58
N LEU A 421 8.92 7.74 2.11
CA LEU A 421 10.08 6.90 2.39
C LEU A 421 10.62 6.38 1.08
N LYS A 422 9.72 6.10 0.14
CA LYS A 422 10.13 5.49 -1.12
C LYS A 422 10.66 6.50 -2.15
N TYR A 423 10.01 7.64 -2.29
CA TYR A 423 10.36 8.59 -3.36
C TYR A 423 11.04 9.88 -2.93
N MET A 424 11.23 10.10 -1.62
CA MET A 424 11.80 11.36 -1.12
C MET A 424 12.83 11.19 0.01
N ARG A 425 13.62 10.12 0.00
CA ARG A 425 14.62 9.85 1.05
C ARG A 425 15.62 10.97 1.25
N SER A 426 16.03 11.60 0.15
CA SER A 426 17.07 12.64 0.16
C SER A 426 16.54 13.99 0.62
N SER A 427 15.43 14.43 0.03
CA SER A 427 14.88 15.74 0.36
C SER A 427 14.30 15.77 1.77
N PHE A 428 13.87 14.62 2.26
CA PHE A 428 13.16 14.54 3.52
C PHE A 428 13.95 13.71 4.54
N LYS A 429 15.25 13.57 4.30
CA LYS A 429 16.08 12.67 5.12
C LYS A 429 15.93 12.92 6.62
N ASN A 430 16.12 14.17 7.02
CA ASN A 430 16.07 14.52 8.44
C ASN A 430 14.67 14.33 9.02
N GLU A 431 13.66 14.72 8.25
CA GLU A 431 12.29 14.60 8.72
C GLU A 431 11.91 13.15 8.91
N ILE A 432 12.32 12.32 7.96
CA ILE A 432 12.12 10.87 8.00
C ILE A 432 12.74 10.30 9.28
N GLU A 433 13.93 10.80 9.61
CA GLU A 433 14.62 10.38 10.82
C GLU A 433 13.79 10.73 12.06
N VAL A 434 13.26 11.96 12.11
CA VAL A 434 12.41 12.36 13.24
C VAL A 434 11.14 11.54 13.35
N PHE A 435 10.45 11.34 12.23
CA PHE A 435 9.19 10.57 12.23
C PHE A 435 9.44 9.12 12.67
N LEU A 436 10.56 8.55 12.22
CA LEU A 436 10.92 7.18 12.62
C LEU A 436 11.20 7.12 14.13
N ASN A 437 11.95 8.08 14.66
CA ASN A 437 12.28 8.01 16.08
C ASN A 437 11.16 8.41 17.04
N GLU A 438 10.52 9.55 16.79
CA GLU A 438 9.55 10.09 17.74
C GLU A 438 8.11 9.59 17.57
N ILE A 439 7.75 9.08 16.40
CA ILE A 439 6.40 8.54 16.19
C ILE A 439 6.36 7.00 16.11
N TYR A 440 7.00 6.44 15.10
CA TYR A 440 6.77 5.04 14.78
C TYR A 440 7.54 4.03 15.64
N LEU A 441 8.84 4.24 15.81
CA LEU A 441 9.61 3.35 16.68
C LEU A 441 9.14 3.57 18.12
N ALA A 442 8.81 4.83 18.42
CA ALA A 442 8.27 5.15 19.72
C ALA A 442 7.02 4.32 19.98
N LEU A 443 6.14 4.22 18.98
CA LEU A 443 4.93 3.41 19.10
C LEU A 443 5.27 1.94 19.32
N LEU A 444 6.24 1.42 18.56
CA LEU A 444 6.63 0.02 18.70
C LEU A 444 7.16 -0.30 20.09
N ALA A 445 7.83 0.68 20.69
CA ALA A 445 8.41 0.48 22.02
C ALA A 445 7.33 0.61 23.11
N ARG A 446 6.20 1.24 22.78
CA ARG A 446 5.15 1.48 23.77
C ARG A 446 4.38 0.20 24.09
N ARG A 447 4.21 -0.08 25.37
CA ARG A 447 3.67 -1.36 25.82
C ARG A 447 2.16 -1.49 25.73
N ASN A 448 1.45 -0.39 25.95
CA ASN A 448 -0.02 -0.41 25.88
C ASN A 448 -0.55 -0.06 24.48
N ALA A 449 0.33 0.01 23.49
CA ALA A 449 -0.04 0.43 22.13
C ALA A 449 -0.75 -0.70 21.38
N PRO A 450 -1.67 -0.34 20.47
CA PRO A 450 -2.47 -1.35 19.76
C PRO A 450 -1.57 -2.24 18.87
N LEU A 451 -1.71 -3.56 18.96
CA LEU A 451 -0.83 -4.44 18.18
C LEU A 451 -1.02 -4.31 16.65
N SER A 452 -2.26 -4.09 16.23
CA SER A 452 -2.57 -3.94 14.83
C SER A 452 -1.78 -2.79 14.21
N GLN A 453 -1.69 -1.68 14.93
CA GLN A 453 -0.95 -0.53 14.41
C GLN A 453 0.53 -0.86 14.23
N LYS A 454 1.10 -1.48 15.25
CA LYS A 454 2.48 -1.92 15.21
C LYS A 454 2.74 -2.79 13.98
N LEU A 455 1.84 -3.73 13.73
CA LEU A 455 2.02 -4.63 12.60
C LEU A 455 1.88 -3.93 11.26
N THR A 456 0.99 -2.94 11.20
CA THR A 456 0.80 -2.14 10.00
C THR A 456 2.09 -1.38 9.65
N PHE A 457 2.68 -0.77 10.67
CA PHE A 457 3.92 -0.04 10.48
C PHE A 457 5.05 -0.98 10.03
N VAL A 458 5.17 -2.10 10.73
CA VAL A 458 6.22 -3.06 10.40
C VAL A 458 6.07 -3.58 8.98
N GLY A 459 4.81 -3.78 8.58
CA GLY A 459 4.48 -4.13 7.21
C GLY A 459 4.96 -3.07 6.22
N ILE A 460 4.83 -1.80 6.57
CA ILE A 460 5.39 -0.75 5.72
C ILE A 460 6.91 -0.97 5.57
N LEU A 461 7.59 -1.27 6.68
CA LEU A 461 9.03 -1.51 6.60
C LEU A 461 9.41 -2.70 5.70
N LYS A 462 8.62 -3.77 5.77
CA LYS A 462 8.87 -4.93 4.94
C LYS A 462 8.60 -4.63 3.45
N ARG A 463 7.56 -3.84 3.20
CA ARG A 463 7.27 -3.40 1.83
C ARG A 463 8.47 -2.61 1.29
N LEU A 464 9.09 -1.82 2.15
CA LEU A 464 10.26 -1.05 1.72
C LEU A 464 11.46 -1.95 1.48
N CYS A 465 11.55 -3.06 2.20
CA CYS A 465 12.66 -3.98 2.00
C CYS A 465 12.52 -4.61 0.62
N GLU A 466 11.29 -5.01 0.28
CA GLU A 466 11.08 -5.77 -0.94
C GLU A 466 10.82 -4.88 -2.17
N ASP A 467 11.00 -3.57 -2.04
CA ASP A 467 11.06 -2.68 -3.20
C ASP A 467 12.38 -1.90 -3.26
N PRO A 468 12.52 -0.99 -4.22
CA PRO A 468 13.66 -0.12 -3.91
C PRO A 468 13.19 0.84 -2.82
N LYS B 15 45.86 -4.73 -10.89
CA LYS B 15 45.02 -4.26 -9.81
C LYS B 15 44.52 -5.49 -9.08
N PHE B 16 43.22 -5.57 -8.84
CA PHE B 16 42.66 -6.73 -8.18
C PHE B 16 42.99 -7.90 -9.07
N VAL B 17 42.92 -7.64 -10.36
CA VAL B 17 43.40 -8.55 -11.37
C VAL B 17 44.71 -9.20 -10.94
N VAL B 18 45.68 -8.40 -10.49
CA VAL B 18 46.96 -8.97 -10.08
C VAL B 18 46.93 -9.57 -8.66
N SER B 19 46.17 -8.97 -7.75
CA SER B 19 45.99 -9.53 -6.41
C SER B 19 45.25 -10.87 -6.54
N SER B 20 44.25 -10.88 -7.42
CA SER B 20 43.46 -12.07 -7.74
C SER B 20 44.34 -13.16 -8.31
N LEU B 21 45.19 -12.79 -9.27
CA LEU B 21 46.09 -13.72 -9.91
C LEU B 21 47.16 -14.25 -8.93
N ASP B 22 47.51 -13.43 -7.94
CA ASP B 22 48.43 -13.85 -6.88
C ASP B 22 47.78 -14.89 -5.97
N ILE B 23 46.52 -14.67 -5.60
CA ILE B 23 45.80 -15.64 -4.77
C ILE B 23 45.61 -16.95 -5.54
N ILE B 24 45.30 -16.84 -6.83
CA ILE B 24 45.09 -18.03 -7.67
C ILE B 24 46.39 -18.81 -7.88
N ALA B 25 47.48 -18.10 -8.10
CA ALA B 25 48.78 -18.74 -8.29
C ALA B 25 49.26 -19.40 -7.00
N ALA B 26 48.96 -18.77 -5.87
CA ALA B 26 49.37 -19.30 -4.57
C ALA B 26 48.56 -20.54 -4.16
N GLN B 27 47.27 -20.52 -4.48
CA GLN B 27 46.35 -21.59 -4.06
C GLN B 27 46.14 -22.68 -5.12
N ALA B 28 46.87 -22.59 -6.23
CA ALA B 28 46.73 -23.55 -7.31
C ALA B 28 46.94 -24.98 -6.82
N GLY B 29 47.92 -25.16 -5.92
CA GLY B 29 48.17 -26.46 -5.32
C GLY B 29 48.54 -27.56 -6.30
N ARG B 30 47.79 -28.66 -6.25
CA ARG B 30 48.06 -29.82 -7.10
C ARG B 30 47.74 -29.53 -8.56
N ASN B 31 47.21 -28.34 -8.83
CA ASN B 31 46.84 -27.94 -10.18
C ASN B 31 47.94 -27.08 -10.78
N LYS B 32 48.84 -27.71 -11.53
CA LYS B 32 49.98 -27.02 -12.11
C LYS B 32 49.50 -26.06 -13.20
N GLN B 33 48.59 -26.54 -14.03
CA GLN B 33 48.07 -25.77 -15.15
C GLN B 33 47.50 -24.43 -14.71
N LEU B 34 46.74 -24.43 -13.63
CA LEU B 34 46.16 -23.21 -13.10
C LEU B 34 47.27 -22.23 -12.75
N ALA B 35 48.30 -22.73 -12.07
CA ALA B 35 49.45 -21.92 -11.68
C ALA B 35 50.19 -21.31 -12.88
N GLU B 36 50.42 -22.09 -13.93
CA GLU B 36 51.08 -21.51 -15.10
C GLU B 36 50.22 -20.51 -15.84
N LEU B 37 48.94 -20.78 -15.99
CA LEU B 37 48.05 -19.83 -16.67
C LEU B 37 48.05 -18.52 -15.89
N ALA B 38 47.99 -18.63 -14.57
CA ALA B 38 48.09 -17.47 -13.71
C ALA B 38 49.38 -16.66 -13.97
N GLU B 39 50.52 -17.32 -13.80
CA GLU B 39 51.81 -16.65 -13.96
C GLU B 39 52.02 -16.10 -15.37
N LYS B 40 51.60 -16.84 -16.38
CA LYS B 40 51.62 -16.38 -17.77
C LYS B 40 50.82 -15.09 -17.95
N ALA B 41 49.66 -15.03 -17.30
CA ALA B 41 48.82 -13.83 -17.33
C ALA B 41 49.56 -12.63 -16.72
N LEU B 42 50.06 -12.82 -15.50
CA LEU B 42 50.85 -11.78 -14.85
C LEU B 42 52.03 -11.36 -15.73
N ALA B 43 52.64 -12.33 -16.40
CA ALA B 43 53.77 -12.11 -17.31
C ALA B 43 53.39 -11.20 -18.47
N ALA B 44 52.27 -11.51 -19.13
CA ALA B 44 51.80 -10.69 -20.22
C ALA B 44 51.49 -9.29 -19.71
N ILE B 45 51.16 -9.23 -18.42
CA ILE B 45 50.92 -7.98 -17.72
C ILE B 45 52.22 -7.24 -17.51
N LYS B 46 53.30 -7.94 -17.74
CA LYS B 46 54.60 -7.53 -17.30
C LYS B 46 54.89 -6.21 -17.96
N GLU B 47 54.48 -6.10 -19.22
CA GLU B 47 54.77 -4.95 -20.05
C GLU B 47 53.76 -3.85 -19.78
N ASN B 48 53.72 -3.40 -18.53
CA ASN B 48 52.81 -2.35 -18.15
C ASN B 48 53.08 -1.14 -18.99
N PRO B 53 46.84 -6.06 -21.95
CA PRO B 53 47.00 -7.34 -22.66
C PRO B 53 45.67 -7.84 -23.22
N ASP B 54 45.73 -8.75 -24.19
CA ASP B 54 44.52 -9.30 -24.83
C ASP B 54 43.77 -10.27 -23.91
N PRO B 55 42.44 -10.06 -23.79
CA PRO B 55 41.50 -10.66 -22.82
C PRO B 55 41.60 -12.18 -22.62
N GLU B 56 41.87 -12.95 -23.67
CA GLU B 56 41.86 -14.41 -23.57
C GLU B 56 42.94 -14.93 -22.61
N VAL B 57 44.06 -14.21 -22.52
CA VAL B 57 45.18 -14.62 -21.69
C VAL B 57 44.86 -14.45 -20.18
N VAL B 58 43.99 -13.51 -19.85
CA VAL B 58 43.56 -13.28 -18.47
C VAL B 58 42.35 -14.15 -18.14
N PHE B 59 41.46 -14.33 -19.12
CA PHE B 59 40.24 -15.07 -18.89
C PHE B 59 40.51 -16.57 -18.79
N ALA B 60 41.58 -17.03 -19.43
CA ALA B 60 41.89 -18.46 -19.38
C ALA B 60 42.14 -18.99 -17.96
N PRO B 61 43.00 -18.32 -17.16
CA PRO B 61 43.17 -18.81 -15.79
C PRO B 61 41.97 -18.50 -14.87
N LEU B 62 41.31 -17.36 -15.08
CA LEU B 62 40.13 -17.02 -14.29
C LEU B 62 39.04 -18.07 -14.48
N GLN B 63 38.79 -18.41 -15.74
CA GLN B 63 37.80 -19.42 -16.09
C GLN B 63 38.16 -20.73 -15.42
N LEU B 64 39.40 -21.17 -15.63
CA LEU B 64 39.88 -22.46 -15.13
C LEU B 64 39.73 -22.61 -13.62
N ALA B 65 40.06 -21.55 -12.88
CA ALA B 65 39.97 -21.56 -11.44
C ALA B 65 38.54 -21.82 -10.94
N THR B 66 37.53 -21.30 -11.65
CA THR B 66 36.13 -21.47 -11.25
C THR B 66 35.64 -22.92 -11.25
N LYS B 67 36.36 -23.79 -11.96
CA LYS B 67 35.98 -25.19 -12.11
C LYS B 67 36.52 -26.09 -11.00
N SER B 68 37.32 -25.52 -10.09
CA SER B 68 37.86 -26.28 -8.97
C SER B 68 36.72 -26.54 -8.00
N GLY B 69 35.81 -25.57 -7.91
CA GLY B 69 34.60 -25.71 -7.12
C GLY B 69 34.90 -25.68 -5.64
N THR B 70 35.97 -24.98 -5.28
CA THR B 70 36.43 -24.95 -3.89
C THR B 70 36.73 -23.51 -3.47
N ILE B 71 36.86 -23.30 -2.17
CA ILE B 71 37.14 -21.98 -1.62
C ILE B 71 38.62 -21.95 -1.25
N PRO B 72 39.31 -20.83 -1.53
CA PRO B 72 38.83 -19.60 -2.16
C PRO B 72 39.24 -19.45 -3.62
N LEU B 73 39.37 -20.55 -4.34
CA LEU B 73 39.73 -20.48 -5.76
C LEU B 73 38.58 -19.87 -6.54
N THR B 74 37.44 -20.55 -6.44
CA THR B 74 36.25 -20.25 -7.23
C THR B 74 35.65 -18.85 -6.98
N THR B 75 35.56 -18.46 -5.71
CA THR B 75 35.01 -17.15 -5.32
C THR B 75 35.86 -15.96 -5.75
N THR B 76 37.17 -16.13 -5.62
CA THR B 76 38.14 -15.12 -6.04
C THR B 76 38.07 -14.96 -7.56
N ALA B 77 38.04 -16.09 -8.26
CA ALA B 77 37.95 -16.01 -9.71
C ALA B 77 36.64 -15.32 -10.15
N LEU B 78 35.50 -15.76 -9.60
CA LEU B 78 34.21 -15.16 -9.91
C LEU B 78 34.17 -13.65 -9.64
N ASP B 79 34.69 -13.24 -8.48
CA ASP B 79 34.79 -11.83 -8.15
C ASP B 79 35.55 -11.09 -9.26
N CYS B 80 36.73 -11.59 -9.60
CA CYS B 80 37.56 -10.92 -10.61
C CYS B 80 36.84 -10.82 -11.97
N ILE B 81 36.25 -11.92 -12.42
CA ILE B 81 35.51 -11.98 -13.69
C ILE B 81 34.36 -10.96 -13.72
N GLY B 82 33.59 -10.92 -12.63
CA GLY B 82 32.50 -9.96 -12.50
C GLY B 82 32.97 -8.51 -12.57
N LYS B 83 34.05 -8.20 -11.86
CA LYS B 83 34.61 -6.85 -11.92
C LYS B 83 35.13 -6.48 -13.30
N LEU B 84 35.76 -7.43 -13.98
CA LEU B 84 36.31 -7.16 -15.30
C LEU B 84 35.16 -6.93 -16.29
N ILE B 85 34.04 -7.61 -16.07
CA ILE B 85 32.85 -7.34 -16.88
C ILE B 85 32.30 -5.95 -16.55
N SER B 86 32.36 -5.56 -15.28
CA SER B 86 31.84 -4.24 -14.86
C SER B 86 32.65 -3.10 -15.48
N TYR B 87 33.95 -3.34 -15.65
CA TYR B 87 34.79 -2.42 -16.41
C TYR B 87 34.53 -2.88 -17.84
N SER B 88 35.26 -2.41 -18.83
CA SER B 88 34.89 -2.85 -20.17
C SER B 88 35.79 -3.95 -20.73
N TYR B 89 36.54 -4.62 -19.85
CA TYR B 89 37.51 -5.61 -20.29
C TYR B 89 36.90 -6.79 -21.07
N PHE B 90 35.86 -7.42 -20.54
CA PHE B 90 35.14 -8.41 -21.35
C PHE B 90 33.95 -7.70 -21.98
N SER B 91 33.69 -7.95 -23.26
CA SER B 91 32.73 -7.12 -23.97
C SER B 91 31.98 -7.81 -25.11
N ALA B 92 31.17 -7.03 -25.82
CA ALA B 92 30.41 -7.49 -26.97
C ALA B 92 30.22 -6.31 -27.92
N PRO B 93 29.90 -6.58 -29.19
CA PRO B 93 29.59 -5.57 -30.21
C PRO B 93 28.33 -4.75 -29.90
N SER B 94 28.21 -3.58 -30.53
CA SER B 94 27.05 -2.71 -30.33
C SER B 94 26.16 -2.83 -31.56
N SER B 95 24.93 -2.36 -31.46
CA SER B 95 23.98 -2.41 -32.58
C SER B 95 24.56 -1.85 -33.89
N THR B 102 28.25 -16.07 -39.66
CA THR B 102 28.64 -14.97 -38.78
C THR B 102 29.81 -15.29 -37.85
N GLU B 103 29.88 -14.52 -36.76
CA GLU B 103 31.02 -14.48 -35.86
C GLU B 103 30.87 -15.10 -34.48
N GLN B 104 32.00 -15.12 -33.78
CA GLN B 104 32.21 -15.81 -32.52
C GLN B 104 31.29 -15.33 -31.40
N THR B 105 31.09 -16.18 -30.38
CA THR B 105 30.32 -15.82 -29.19
C THR B 105 31.06 -14.74 -28.43
N PRO B 106 30.39 -13.62 -28.18
CA PRO B 106 31.00 -12.45 -27.54
C PRO B 106 31.59 -12.79 -26.18
N LEU B 107 32.75 -12.21 -25.89
CA LEU B 107 33.52 -12.61 -24.73
C LEU B 107 32.77 -12.37 -23.41
N ILE B 108 31.83 -11.44 -23.44
CA ILE B 108 31.09 -11.10 -22.24
C ILE B 108 30.10 -12.25 -21.95
N GLU B 109 29.50 -12.81 -23.00
CA GLU B 109 28.56 -13.92 -22.85
C GLU B 109 29.26 -15.18 -22.37
N ARG B 110 30.50 -15.36 -22.78
CA ARG B 110 31.25 -16.51 -22.31
C ARG B 110 31.58 -16.30 -20.83
N ALA B 111 31.89 -15.06 -20.46
CA ALA B 111 32.15 -14.79 -19.05
C ALA B 111 30.90 -15.08 -18.20
N ILE B 112 29.74 -14.63 -18.68
CA ILE B 112 28.49 -14.86 -17.97
C ILE B 112 28.12 -16.38 -17.92
N ASP B 113 28.39 -17.11 -19.00
CA ASP B 113 28.24 -18.57 -19.05
C ASP B 113 29.11 -19.25 -17.99
N THR B 114 30.36 -18.79 -17.88
CA THR B 114 31.32 -19.32 -16.92
C THR B 114 30.84 -19.09 -15.48
N ILE B 115 30.35 -17.89 -15.19
CA ILE B 115 29.79 -17.64 -13.86
C ILE B 115 28.58 -18.53 -13.60
N CYS B 116 27.65 -18.58 -14.54
CA CYS B 116 26.42 -19.35 -14.36
C CYS B 116 26.67 -20.84 -14.15
N ASP B 117 27.74 -21.35 -14.77
CA ASP B 117 28.01 -22.79 -14.73
C ASP B 117 28.48 -23.21 -13.34
N CYS B 118 28.88 -22.25 -12.51
CA CYS B 118 29.33 -22.56 -11.15
C CYS B 118 28.19 -22.98 -10.23
N PHE B 119 26.95 -22.75 -10.66
CA PHE B 119 25.82 -23.25 -9.88
C PHE B 119 25.35 -24.59 -10.45
N GLN B 120 25.39 -25.62 -9.60
CA GLN B 120 25.07 -26.97 -10.01
C GLN B 120 23.99 -27.55 -9.12
N GLY B 121 23.10 -26.69 -8.63
CA GLY B 121 22.01 -27.16 -7.80
C GLY B 121 22.22 -26.84 -6.34
N GLU B 122 21.42 -27.46 -5.48
CA GLU B 122 21.39 -27.13 -4.06
C GLU B 122 22.65 -27.55 -3.29
N THR B 123 23.45 -28.44 -3.87
CA THR B 123 24.67 -28.92 -3.22
C THR B 123 25.88 -28.00 -3.39
N THR B 124 25.76 -27.02 -4.28
CA THR B 124 26.79 -26.00 -4.46
C THR B 124 27.02 -25.30 -3.14
N LEU B 125 28.28 -25.04 -2.78
CA LEU B 125 28.60 -24.39 -1.52
C LEU B 125 27.90 -23.02 -1.42
N VAL B 126 27.43 -22.67 -0.23
CA VAL B 126 26.62 -21.46 -0.07
C VAL B 126 27.40 -20.20 -0.40
N GLU B 127 28.71 -20.23 -0.10
CA GLU B 127 29.58 -19.08 -0.34
C GLU B 127 29.75 -18.79 -1.83
N ILE B 128 29.86 -19.85 -2.62
CA ILE B 128 30.00 -19.70 -4.06
C ILE B 128 28.67 -19.24 -4.68
N GLN B 129 27.56 -19.77 -4.18
CA GLN B 129 26.23 -19.35 -4.60
C GLN B 129 26.11 -17.83 -4.44
N LEU B 130 26.42 -17.39 -3.22
CA LEU B 130 26.40 -15.97 -2.89
C LEU B 130 27.27 -15.17 -3.86
N GLN B 131 28.48 -15.68 -4.12
CA GLN B 131 29.37 -14.95 -5.01
C GLN B 131 28.83 -14.87 -6.44
N ILE B 132 28.13 -15.93 -6.88
CA ILE B 132 27.51 -15.95 -8.20
C ILE B 132 26.45 -14.87 -8.30
N VAL B 133 25.61 -14.76 -7.27
CA VAL B 133 24.60 -13.71 -7.30
C VAL B 133 25.23 -12.31 -7.35
N LYS B 134 26.21 -12.06 -6.49
CA LYS B 134 26.90 -10.77 -6.50
C LYS B 134 27.60 -10.48 -7.83
N SER B 135 28.20 -11.49 -8.45
CA SER B 135 28.94 -11.30 -9.71
C SER B 135 28.04 -11.08 -10.90
N LEU B 136 26.93 -11.81 -10.96
CA LEU B 136 25.92 -11.56 -11.98
C LEU B 136 25.35 -10.14 -11.79
N LEU B 137 25.13 -9.75 -10.54
CA LEU B 137 24.73 -8.37 -10.23
C LEU B 137 25.74 -7.35 -10.76
N ALA B 138 27.03 -7.61 -10.55
CA ALA B 138 28.05 -6.71 -11.06
C ALA B 138 28.04 -6.67 -12.59
N ALA B 139 27.70 -7.79 -13.22
CA ALA B 139 27.69 -7.83 -14.68
C ALA B 139 26.52 -7.08 -15.30
N VAL B 140 25.35 -7.18 -14.70
CA VAL B 140 24.14 -6.63 -15.32
C VAL B 140 23.88 -5.15 -14.97
N LEU B 141 24.17 -4.82 -13.72
CA LEU B 141 23.90 -3.51 -13.16
C LEU B 141 25.18 -2.79 -12.80
N ASN B 142 25.77 -2.08 -13.75
CA ASN B 142 26.96 -1.28 -13.46
C ASN B 142 26.90 0.12 -14.06
N ASP B 143 27.99 0.85 -13.89
CA ASP B 143 28.04 2.27 -14.21
C ASP B 143 28.55 2.56 -15.61
N LYS B 144 29.02 1.54 -16.31
CA LYS B 144 29.71 1.74 -17.57
C LYS B 144 29.15 0.96 -18.76
N ILE B 145 28.50 -0.18 -18.51
CA ILE B 145 28.16 -1.11 -19.59
C ILE B 145 26.74 -1.66 -19.44
N ILE B 146 25.99 -1.65 -20.53
CA ILE B 146 24.66 -2.24 -20.55
C ILE B 146 24.66 -3.46 -21.49
N VAL B 147 24.38 -4.65 -20.93
CA VAL B 147 24.35 -5.88 -21.71
C VAL B 147 22.93 -6.19 -22.18
N HIS B 148 22.76 -6.52 -23.46
CA HIS B 148 21.45 -6.87 -24.00
C HIS B 148 21.44 -8.33 -24.38
N GLY B 149 20.26 -8.87 -24.70
CA GLY B 149 20.20 -10.20 -25.30
C GLY B 149 20.51 -11.36 -24.36
N ALA B 150 21.08 -12.42 -24.95
CA ALA B 150 21.30 -13.69 -24.28
C ALA B 150 22.03 -13.58 -22.95
N GLY B 151 23.11 -12.81 -22.92
CA GLY B 151 23.85 -12.62 -21.68
C GLY B 151 23.02 -12.11 -20.52
N LEU B 152 22.25 -11.06 -20.79
CA LEU B 152 21.37 -10.48 -19.79
C LEU B 152 20.33 -11.48 -19.29
N LEU B 153 19.56 -12.05 -20.22
CA LEU B 153 18.51 -12.99 -19.85
C LEU B 153 19.05 -14.23 -19.14
N LYS B 154 20.29 -14.62 -19.45
CA LYS B 154 20.92 -15.74 -18.79
C LYS B 154 21.19 -15.36 -17.35
N ALA B 155 21.73 -14.16 -17.17
CA ALA B 155 21.99 -13.69 -15.80
C ALA B 155 20.66 -13.68 -14.98
N VAL B 156 19.59 -13.12 -15.56
CA VAL B 156 18.31 -13.10 -14.86
C VAL B 156 17.83 -14.53 -14.53
N ARG B 157 17.81 -15.43 -15.52
CA ARG B 157 17.41 -16.83 -15.23
C ARG B 157 18.29 -17.49 -14.14
N GLN B 158 19.57 -17.16 -14.11
CA GLN B 158 20.44 -17.80 -13.14
C GLN B 158 20.15 -17.34 -11.73
N VAL B 159 19.99 -16.03 -11.56
CA VAL B 159 19.65 -15.50 -10.24
C VAL B 159 18.29 -16.03 -9.77
N TYR B 160 17.31 -16.09 -10.68
CA TYR B 160 16.04 -16.72 -10.34
C TYR B 160 16.23 -18.15 -9.83
N ASN B 161 17.00 -18.93 -10.60
CA ASN B 161 17.24 -20.32 -10.26
C ASN B 161 17.96 -20.56 -8.94
N ILE B 162 18.89 -19.67 -8.60
CA ILE B 162 19.53 -19.77 -7.30
C ILE B 162 18.49 -19.45 -6.22
N PHE B 163 17.70 -18.41 -6.44
CA PHE B 163 16.62 -18.08 -5.49
C PHE B 163 15.73 -19.28 -5.23
N LEU B 164 15.47 -20.04 -6.28
CA LEU B 164 14.51 -21.12 -6.23
C LEU B 164 15.04 -22.43 -5.66
N LEU B 165 16.31 -22.74 -5.89
CA LEU B 165 16.81 -24.08 -5.61
C LEU B 165 17.68 -24.14 -4.37
N SER B 166 18.22 -23.01 -3.94
CA SER B 166 19.09 -22.98 -2.77
C SER B 166 18.31 -23.31 -1.51
N ARG B 167 19.02 -23.82 -0.52
CA ARG B 167 18.41 -24.16 0.77
C ARG B 167 18.86 -23.24 1.90
N SER B 168 19.67 -22.24 1.53
CA SER B 168 20.04 -21.20 2.47
C SER B 168 18.99 -20.09 2.36
N THR B 169 18.31 -19.78 3.46
CA THR B 169 17.31 -18.71 3.48
C THR B 169 17.95 -17.38 3.09
N ALA B 170 19.15 -17.13 3.63
CA ALA B 170 19.90 -15.94 3.34
C ALA B 170 20.16 -15.75 1.85
N ASN B 171 20.64 -16.81 1.21
CA ASN B 171 20.91 -16.81 -0.24
C ASN B 171 19.64 -16.64 -1.08
N GLN B 172 18.57 -17.29 -0.66
CA GLN B 172 17.28 -17.14 -1.32
C GLN B 172 16.83 -15.67 -1.28
N GLN B 173 17.03 -15.03 -0.14
CA GLN B 173 16.63 -13.63 0.02
C GLN B 173 17.50 -12.69 -0.81
N VAL B 174 18.82 -12.86 -0.73
CA VAL B 174 19.71 -12.01 -1.51
C VAL B 174 19.42 -12.18 -3.01
N ALA B 175 19.11 -13.39 -3.41
CA ALA B 175 18.75 -13.61 -4.80
C ALA B 175 17.48 -12.86 -5.13
N GLN B 176 16.47 -12.96 -4.27
CA GLN B 176 15.22 -12.22 -4.48
C GLN B 176 15.45 -10.71 -4.67
N GLY B 177 16.25 -10.11 -3.79
CA GLY B 177 16.60 -8.70 -3.93
C GLY B 177 17.27 -8.36 -5.26
N THR B 178 18.30 -9.12 -5.61
CA THR B 178 19.04 -8.85 -6.84
C THR B 178 18.16 -9.01 -8.09
N LEU B 179 17.31 -10.04 -8.08
CA LEU B 179 16.34 -10.27 -9.15
C LEU B 179 15.39 -9.07 -9.34
N THR B 180 14.87 -8.58 -8.22
CA THR B 180 14.00 -7.41 -8.24
C THR B 180 14.67 -6.18 -8.84
N GLN B 181 15.88 -5.91 -8.37
CA GLN B 181 16.65 -4.76 -8.84
C GLN B 181 16.99 -4.88 -10.36
N MET B 182 17.27 -6.10 -10.82
CA MET B 182 17.56 -6.32 -12.24
C MET B 182 16.33 -6.00 -13.10
N VAL B 183 15.17 -6.58 -12.77
CA VAL B 183 14.01 -6.36 -13.64
C VAL B 183 13.53 -4.89 -13.64
N GLY B 184 13.57 -4.27 -12.45
CA GLY B 184 13.25 -2.86 -12.34
C GLY B 184 14.14 -2.01 -13.22
N THR B 185 15.45 -2.28 -13.17
CA THR B 185 16.41 -1.50 -13.95
C THR B 185 16.20 -1.65 -15.47
N VAL B 186 15.91 -2.87 -15.89
CA VAL B 186 15.52 -3.14 -17.28
C VAL B 186 14.35 -2.25 -17.70
N PHE B 187 13.34 -2.09 -16.85
CA PHE B 187 12.23 -1.21 -17.27
C PHE B 187 12.55 0.30 -17.26
N GLU B 188 13.36 0.71 -16.31
CA GLU B 188 13.81 2.06 -16.23
C GLU B 188 14.57 2.49 -17.43
N ARG B 189 15.47 1.66 -17.92
CA ARG B 189 16.22 1.97 -19.14
C ARG B 189 15.29 2.29 -20.29
N VAL B 190 14.22 1.50 -20.43
CA VAL B 190 13.26 1.77 -21.49
C VAL B 190 12.63 3.17 -21.36
N LYS B 191 12.24 3.58 -20.14
CA LYS B 191 11.72 4.96 -19.97
C LYS B 191 12.66 6.03 -20.54
N THR B 192 13.94 5.88 -20.21
CA THR B 192 14.94 6.78 -20.80
C THR B 192 14.99 6.75 -22.34
N ARG B 193 15.04 5.55 -22.91
CA ARG B 193 15.04 5.47 -24.38
C ARG B 193 13.81 6.12 -25.00
N LEU B 194 12.66 5.99 -24.34
CA LEU B 194 11.44 6.61 -24.88
C LEU B 194 11.54 8.15 -24.93
N HIS B 195 12.04 8.76 -23.84
CA HIS B 195 12.27 10.21 -23.88
C HIS B 195 13.12 10.63 -25.07
N MET B 196 14.22 9.90 -25.28
CA MET B 196 15.10 10.22 -26.43
C MET B 196 14.39 10.12 -27.78
N LYS B 197 13.59 9.07 -27.92
CA LYS B 197 12.85 8.84 -29.15
C LYS B 197 11.94 10.03 -29.42
N GLU B 198 11.23 10.46 -28.37
CA GLU B 198 10.33 11.60 -28.50
C GLU B 198 11.06 12.90 -28.90
N ALA B 199 12.26 13.10 -28.35
CA ALA B 199 13.08 14.24 -28.76
C ALA B 199 13.41 14.16 -30.27
N ARG B 200 13.80 12.98 -30.75
CA ARG B 200 14.09 12.83 -32.18
C ARG B 200 12.85 13.06 -33.09
N ALA B 201 11.69 12.54 -32.67
CA ALA B 201 10.46 12.78 -33.43
C ALA B 201 10.09 14.27 -33.45
N ASN B 202 10.28 14.94 -32.32
CA ASN B 202 9.97 16.37 -32.24
C ASN B 202 10.86 17.19 -33.17
N LEU B 203 12.17 16.95 -33.13
CA LEU B 203 13.06 17.67 -34.03
C LEU B 203 12.70 17.39 -35.49
N GLY B 204 12.37 16.13 -35.78
CA GLY B 204 11.98 15.72 -37.12
C GLY B 204 10.74 16.44 -37.62
N ARG B 205 9.77 16.66 -36.74
CA ARG B 205 8.57 17.43 -37.10
C ARG B 205 8.90 18.91 -37.28
N LEU B 206 9.83 19.40 -36.46
CA LEU B 206 10.28 20.79 -36.52
C LEU B 206 10.89 21.09 -37.88
N LYS B 207 11.67 20.14 -38.41
CA LYS B 207 12.35 20.35 -39.69
C LYS B 207 11.44 20.27 -40.93
N ALA B 208 10.47 19.38 -40.92
CA ALA B 208 9.53 19.26 -42.04
C ALA B 208 8.32 20.18 -41.88
N SER B 209 8.39 21.07 -40.89
CA SER B 209 7.26 21.92 -40.51
C SER B 209 6.86 22.95 -41.55
N ARG B 210 5.61 23.41 -41.46
CA ARG B 210 5.07 24.48 -42.28
C ARG B 210 5.36 25.84 -41.63
N LYS B 254 -20.65 -14.35 -25.44
CA LYS B 254 -19.80 -14.40 -26.62
C LYS B 254 -18.33 -14.74 -26.31
N LEU B 255 -17.64 -13.82 -25.66
CA LEU B 255 -16.23 -14.02 -25.33
C LEU B 255 -16.09 -14.63 -23.95
N THR B 256 -15.39 -15.76 -23.87
CA THR B 256 -15.30 -16.51 -22.61
C THR B 256 -13.88 -16.64 -22.08
N LEU B 257 -13.76 -17.25 -20.90
CA LEU B 257 -12.48 -17.40 -20.25
C LEU B 257 -11.58 -18.35 -21.06
N LYS B 258 -12.18 -19.33 -21.73
CA LYS B 258 -11.40 -20.32 -22.47
C LYS B 258 -10.97 -19.73 -23.81
N ASP B 259 -11.67 -18.69 -24.26
CA ASP B 259 -11.28 -18.00 -25.49
C ASP B 259 -10.02 -17.18 -25.28
N LEU B 260 -9.80 -16.71 -24.06
CA LEU B 260 -8.64 -15.87 -23.81
C LEU B 260 -7.32 -16.62 -23.96
N GLU B 261 -7.41 -17.93 -23.92
CA GLU B 261 -6.23 -18.77 -24.06
C GLU B 261 -5.82 -18.94 -25.51
N HIS B 262 -6.68 -18.51 -26.43
CA HIS B 262 -6.41 -18.65 -27.86
C HIS B 262 -6.49 -17.34 -28.62
N ARG B 263 -6.16 -16.26 -27.93
CA ARG B 263 -6.17 -14.94 -28.52
C ARG B 263 -4.78 -14.33 -28.38
N LYS B 264 -3.93 -14.63 -29.34
CA LYS B 264 -2.60 -14.08 -29.36
C LYS B 264 -2.44 -13.40 -30.71
N SER B 265 -2.58 -12.07 -30.73
CA SER B 265 -2.50 -11.32 -31.99
C SER B 265 -1.03 -11.08 -32.34
N PHE B 266 -0.19 -10.95 -31.32
CA PHE B 266 1.22 -10.68 -31.55
C PHE B 266 2.02 -11.97 -31.63
N ASP B 267 2.69 -12.21 -32.76
CA ASP B 267 3.51 -13.40 -32.96
C ASP B 267 4.95 -13.19 -32.48
N ASP B 268 5.38 -14.05 -31.57
CA ASP B 268 6.72 -13.99 -31.00
C ASP B 268 7.38 -15.37 -31.04
N SER B 269 6.93 -16.24 -31.94
CA SER B 269 7.54 -17.56 -32.10
C SER B 269 9.01 -17.44 -32.41
N HIS B 270 9.84 -18.23 -31.75
CA HIS B 270 11.29 -18.21 -31.98
C HIS B 270 11.92 -16.82 -31.94
N MET B 271 11.41 -15.97 -31.05
CA MET B 271 11.99 -14.65 -30.83
C MET B 271 13.28 -14.84 -30.05
N GLY B 272 13.29 -15.86 -29.20
CA GLY B 272 14.46 -16.20 -28.41
C GLY B 272 14.98 -15.03 -27.59
N ASP B 273 16.10 -15.24 -26.93
CA ASP B 273 16.69 -14.17 -26.15
C ASP B 273 17.29 -13.04 -26.99
N GLY B 274 17.69 -13.30 -28.22
CA GLY B 274 18.29 -12.24 -29.00
C GLY B 274 19.79 -12.31 -28.84
N PRO B 275 20.55 -11.71 -29.77
CA PRO B 275 22.00 -11.89 -29.59
C PRO B 275 22.55 -10.90 -28.57
N THR B 276 23.63 -11.26 -27.90
CA THR B 276 24.23 -10.38 -26.90
C THR B 276 24.87 -9.17 -27.56
N MET B 277 24.47 -8.00 -27.10
CA MET B 277 25.05 -6.73 -27.56
C MET B 277 25.40 -5.94 -26.33
N VAL B 278 26.12 -4.83 -26.52
CA VAL B 278 26.50 -3.94 -25.43
C VAL B 278 26.30 -2.48 -25.83
N SER B 279 25.70 -1.70 -24.93
CA SER B 279 25.56 -0.23 -25.07
C SER B 279 26.45 0.43 -24.04
N GLN B 280 26.98 1.60 -24.39
CA GLN B 280 27.79 2.37 -23.46
C GLN B 280 26.85 3.31 -22.70
N VAL B 281 27.34 4.00 -21.66
CA VAL B 281 26.40 4.85 -20.90
C VAL B 281 26.79 6.34 -20.79
N LYS B 282 27.61 6.82 -21.73
CA LYS B 282 27.90 8.25 -21.83
C LYS B 282 27.62 8.85 -23.21
N GLU B 303 25.42 9.22 -37.17
CA GLU B 303 24.39 8.35 -36.63
C GLU B 303 23.15 8.27 -37.50
N THR B 304 22.87 7.07 -38.01
CA THR B 304 21.75 6.85 -38.92
C THR B 304 20.50 6.42 -38.13
N PRO B 305 19.32 6.94 -38.50
CA PRO B 305 18.05 6.67 -37.80
C PRO B 305 17.76 5.19 -37.59
N GLU B 306 18.24 4.36 -38.53
CA GLU B 306 18.09 2.92 -38.42
C GLU B 306 18.85 2.41 -37.19
N SER B 307 20.03 2.96 -36.92
CA SER B 307 20.80 2.52 -35.76
C SER B 307 20.11 2.88 -34.45
N LEU B 308 19.52 4.08 -34.40
CA LEU B 308 18.85 4.59 -33.20
C LEU B 308 17.64 3.73 -32.89
N ASP B 309 16.91 3.38 -33.95
CA ASP B 309 15.77 2.50 -33.85
C ASP B 309 16.25 1.12 -33.37
N ALA B 310 17.41 0.68 -33.89
CA ALA B 310 17.95 -0.62 -33.52
C ALA B 310 18.28 -0.71 -32.02
N GLU B 311 18.86 0.38 -31.51
CA GLU B 311 19.19 0.52 -30.09
C GLU B 311 17.91 0.43 -29.26
N ASP B 312 16.91 1.18 -29.70
CA ASP B 312 15.61 1.16 -29.03
C ASP B 312 15.04 -0.26 -28.97
N GLU B 313 15.13 -1.01 -30.08
CA GLU B 313 14.68 -2.40 -30.11
C GLU B 313 15.42 -3.30 -29.11
N ALA B 314 16.73 -3.17 -29.03
CA ALA B 314 17.49 -3.94 -28.04
C ALA B 314 16.90 -3.75 -26.63
N TYR B 315 16.80 -2.48 -26.21
CA TYR B 315 16.24 -2.16 -24.87
C TYR B 315 14.80 -2.68 -24.60
N ILE B 316 13.94 -2.41 -25.58
CA ILE B 316 12.53 -2.76 -25.46
C ILE B 316 12.36 -4.27 -25.43
N ARG B 317 13.13 -4.96 -26.26
CA ARG B 317 13.10 -6.42 -26.32
C ARG B 317 13.54 -7.09 -25.04
N ASP B 318 14.58 -6.56 -24.38
CA ASP B 318 14.93 -7.04 -23.04
C ASP B 318 13.73 -6.94 -22.10
N ALA B 319 13.10 -5.75 -22.06
CA ALA B 319 11.91 -5.55 -21.20
C ALA B 319 10.77 -6.55 -21.46
N TYR B 320 10.44 -6.69 -22.75
CA TYR B 320 9.43 -7.64 -23.19
C TYR B 320 9.75 -9.09 -22.78
N LEU B 321 11.01 -9.50 -22.94
CA LEU B 321 11.41 -10.87 -22.60
C LEU B 321 11.35 -11.16 -21.11
N VAL B 322 11.85 -10.24 -20.30
CA VAL B 322 11.78 -10.41 -18.85
C VAL B 322 10.31 -10.57 -18.46
N PHE B 323 9.48 -9.61 -18.90
CA PHE B 323 8.07 -9.64 -18.53
C PHE B 323 7.36 -10.92 -18.93
N ARG B 324 7.59 -11.35 -20.18
CA ARG B 324 6.96 -12.54 -20.71
C ARG B 324 7.36 -13.76 -19.89
N SER B 325 8.64 -13.85 -19.57
CA SER B 325 9.12 -15.00 -18.83
C SER B 325 8.37 -15.13 -17.50
N PHE B 326 8.22 -14.01 -16.80
CA PHE B 326 7.49 -14.10 -15.53
C PHE B 326 5.96 -14.38 -15.66
N CYS B 327 5.31 -13.88 -16.71
CA CYS B 327 3.90 -14.25 -16.91
C CYS B 327 3.78 -15.76 -17.07
N ASN B 328 4.66 -16.29 -17.92
CA ASN B 328 4.74 -17.73 -18.17
C ASN B 328 4.99 -18.56 -16.90
N LEU B 329 5.94 -18.14 -16.08
CA LEU B 329 6.17 -18.83 -14.80
C LEU B 329 4.92 -18.76 -13.91
N SER B 330 4.17 -17.68 -14.00
CA SER B 330 3.03 -17.56 -13.10
C SER B 330 1.85 -18.41 -13.53
N THR B 331 1.83 -18.85 -14.78
CA THR B 331 0.63 -19.53 -15.28
C THR B 331 0.49 -21.03 -14.96
N LYS B 332 1.41 -21.61 -14.17
CA LYS B 332 1.37 -23.07 -13.94
C LYS B 332 0.15 -23.47 -13.09
N ILE B 333 -0.46 -24.59 -13.45
CA ILE B 333 -1.63 -25.06 -12.70
C ILE B 333 -1.12 -26.06 -11.69
N LEU B 334 -1.51 -25.90 -10.43
CA LEU B 334 -0.98 -26.74 -9.37
C LEU B 334 -2.04 -27.68 -8.82
N PRO B 335 -1.63 -28.91 -8.48
CA PRO B 335 -2.54 -29.84 -7.80
C PRO B 335 -2.59 -29.44 -6.32
N PRO B 336 -3.66 -29.83 -5.62
CA PRO B 336 -3.93 -29.49 -4.22
C PRO B 336 -2.76 -29.79 -3.27
N ASP B 337 -2.14 -30.96 -3.41
CA ASP B 337 -0.94 -31.28 -2.65
C ASP B 337 0.13 -30.16 -2.72
N GLN B 338 0.27 -29.53 -3.89
CA GLN B 338 1.27 -28.49 -4.08
C GLN B 338 0.76 -27.09 -3.69
N LEU B 339 -0.56 -26.94 -3.61
CA LEU B 339 -1.21 -25.71 -3.13
C LEU B 339 -1.16 -25.65 -1.60
N TYR B 340 -0.99 -26.79 -0.96
CA TYR B 340 -0.85 -26.83 0.49
C TYR B 340 0.53 -26.38 0.95
N ASP B 341 1.57 -26.81 0.25
CA ASP B 341 2.95 -26.58 0.68
C ASP B 341 3.48 -25.23 0.24
N LEU B 342 3.36 -24.23 1.12
CA LEU B 342 3.67 -22.84 0.79
C LEU B 342 5.18 -22.60 0.67
N ARG B 343 5.98 -23.53 1.18
CA ARG B 343 7.42 -23.41 1.10
C ARG B 343 7.97 -24.31 0.01
N GLY B 344 7.08 -24.92 -0.75
CA GLY B 344 7.50 -25.71 -1.88
C GLY B 344 7.92 -24.84 -3.05
N GLN B 345 8.66 -25.43 -3.98
CA GLN B 345 9.16 -24.69 -5.13
C GLN B 345 8.08 -24.16 -6.07
N PRO B 346 7.03 -24.97 -6.34
CA PRO B 346 6.00 -24.45 -7.24
C PRO B 346 5.36 -23.19 -6.66
N MET B 347 5.01 -23.20 -5.37
CA MET B 347 4.30 -22.06 -4.81
C MET B 347 5.19 -20.80 -4.74
N ARG B 348 6.47 -20.97 -4.42
CA ARG B 348 7.40 -19.85 -4.37
C ARG B 348 7.66 -19.29 -5.77
N SER B 349 7.65 -20.16 -6.79
CA SER B 349 7.75 -19.71 -8.18
C SER B 349 6.54 -18.87 -8.60
N LYS B 350 5.36 -19.42 -8.35
CA LYS B 350 4.10 -18.72 -8.62
C LYS B 350 4.08 -17.33 -7.93
N LEU B 351 4.38 -17.34 -6.64
CA LEU B 351 4.37 -16.13 -5.84
C LEU B 351 5.38 -15.08 -6.28
N ILE B 352 6.63 -15.46 -6.50
CA ILE B 352 7.63 -14.47 -6.87
C ILE B 352 7.35 -13.93 -8.27
N SER B 353 6.79 -14.78 -9.15
CA SER B 353 6.43 -14.33 -10.48
C SER B 353 5.36 -13.25 -10.40
N LEU B 354 4.30 -13.54 -9.65
CA LEU B 354 3.20 -12.61 -9.51
C LEU B 354 3.67 -11.30 -8.84
N HIS B 355 4.46 -11.43 -7.78
CA HIS B 355 5.05 -10.26 -7.14
C HIS B 355 5.81 -9.39 -8.16
N LEU B 356 6.63 -10.01 -9.01
CA LEU B 356 7.41 -9.24 -9.97
C LEU B 356 6.57 -8.59 -11.10
N ILE B 357 5.59 -9.33 -11.61
CA ILE B 357 4.69 -8.78 -12.63
C ILE B 357 4.02 -7.54 -12.07
N HIS B 358 3.49 -7.68 -10.85
CA HIS B 358 2.85 -6.58 -10.20
C HIS B 358 3.76 -5.37 -9.95
N THR B 359 4.97 -5.61 -9.45
CA THR B 359 5.93 -4.52 -9.26
C THR B 359 6.26 -3.79 -10.57
N LEU B 360 6.43 -4.53 -11.65
CA LEU B 360 6.74 -3.91 -12.93
C LEU B 360 5.59 -3.03 -13.42
N LEU B 361 4.36 -3.55 -13.35
CA LEU B 361 3.17 -2.78 -13.71
C LEU B 361 3.02 -1.50 -12.83
N ASN B 362 3.19 -1.67 -11.54
CA ASN B 362 3.04 -0.57 -10.62
C ASN B 362 4.11 0.51 -10.80
N ASN B 363 5.35 0.11 -11.00
CA ASN B 363 6.44 1.07 -11.08
C ASN B 363 6.76 1.65 -12.48
N HIS B 364 6.26 1.01 -13.54
CA HIS B 364 6.61 1.43 -14.89
C HIS B 364 5.41 1.32 -15.82
N ILE B 365 4.23 1.73 -15.34
CA ILE B 365 3.00 1.59 -16.12
C ILE B 365 3.08 2.41 -17.41
N THR B 366 3.81 3.52 -17.35
CA THR B 366 3.97 4.44 -18.49
C THR B 366 4.73 3.83 -19.65
N VAL B 367 5.63 2.90 -19.36
CA VAL B 367 6.29 2.08 -20.38
C VAL B 367 5.28 1.17 -21.08
N PHE B 368 4.33 0.64 -20.31
CA PHE B 368 3.32 -0.25 -20.87
C PHE B 368 2.35 0.53 -21.75
N THR B 369 1.93 1.71 -21.28
CA THR B 369 0.85 2.45 -21.94
C THR B 369 1.31 3.44 -23.02
N SER B 370 2.61 3.78 -23.03
CA SER B 370 3.13 4.72 -24.03
C SER B 370 2.94 4.23 -25.45
N PRO B 371 2.32 5.08 -26.29
CA PRO B 371 2.06 4.71 -27.69
C PRO B 371 3.33 4.75 -28.53
N LEU B 372 4.42 5.22 -27.92
CA LEU B 372 5.74 5.26 -28.56
C LEU B 372 6.52 4.00 -28.30
N CYS B 373 6.12 3.25 -27.27
CA CYS B 373 6.82 2.04 -26.94
C CYS B 373 6.39 0.94 -27.91
N THR B 374 7.35 0.48 -28.69
CA THR B 374 7.02 -0.36 -29.82
C THR B 374 8.01 -1.51 -29.95
N ILE B 375 7.49 -2.70 -30.22
CA ILE B 375 8.34 -3.84 -30.41
C ILE B 375 7.95 -4.42 -31.78
N ARG B 376 8.94 -4.90 -32.53
CA ARG B 376 8.69 -5.40 -33.89
C ARG B 376 8.20 -6.84 -33.92
N ASN B 377 7.14 -7.08 -34.69
CA ASN B 377 6.60 -8.42 -34.89
C ASN B 377 7.66 -9.40 -35.45
N THR B 378 7.50 -10.67 -35.09
CA THR B 378 8.46 -11.72 -35.46
C THR B 378 8.23 -12.24 -36.88
N LYS B 379 7.00 -12.21 -37.36
CA LYS B 379 6.68 -12.63 -38.73
C LYS B 379 7.12 -11.67 -39.83
N ASN B 380 6.72 -10.40 -39.74
CA ASN B 380 6.91 -9.47 -40.84
C ASN B 380 7.71 -8.23 -40.47
N ASN B 381 8.23 -8.23 -39.25
CA ASN B 381 9.05 -7.13 -38.75
C ASN B 381 8.33 -5.78 -38.67
N GLU B 382 7.00 -5.80 -38.67
CA GLU B 382 6.26 -4.54 -38.50
C GLU B 382 5.93 -4.19 -37.04
N PRO B 383 6.18 -2.93 -36.66
CA PRO B 383 5.99 -2.41 -35.30
C PRO B 383 4.59 -2.64 -34.71
N THR B 384 4.57 -2.96 -33.41
CA THR B 384 3.37 -3.23 -32.63
C THR B 384 3.49 -2.55 -31.26
N ASN B 385 2.35 -2.10 -30.72
CA ASN B 385 2.33 -1.50 -29.37
C ASN B 385 2.76 -2.49 -28.31
N PHE B 386 3.51 -2.02 -27.31
CA PHE B 386 4.02 -2.88 -26.24
C PHE B 386 2.88 -3.57 -25.51
N LEU B 387 1.88 -2.78 -25.15
CA LEU B 387 0.70 -3.23 -24.42
C LEU B 387 -0.03 -4.33 -25.21
N GLN B 388 -0.18 -4.10 -26.51
CA GLN B 388 -0.82 -5.08 -27.39
C GLN B 388 0.03 -6.35 -27.51
N ALA B 389 1.33 -6.21 -27.33
CA ALA B 389 2.25 -7.33 -27.47
C ALA B 389 2.29 -8.22 -26.21
N ILE B 390 2.14 -7.62 -25.03
CA ILE B 390 2.18 -8.42 -23.80
C ILE B 390 0.78 -8.82 -23.31
N LYS B 391 -0.25 -8.25 -23.95
CA LYS B 391 -1.65 -8.50 -23.62
C LYS B 391 -2.00 -9.97 -23.34
N TYR B 392 -1.62 -10.85 -24.26
CA TYR B 392 -1.93 -12.29 -24.14
C TYR B 392 -1.43 -12.91 -22.83
N TYR B 393 -0.18 -12.61 -22.49
CA TYR B 393 0.49 -13.21 -21.35
C TYR B 393 -0.10 -12.68 -20.07
N LEU B 394 -0.38 -11.37 -20.06
CA LEU B 394 -1.02 -10.77 -18.89
C LEU B 394 -2.41 -11.37 -18.62
N CYS B 395 -3.21 -11.44 -19.67
CA CYS B 395 -4.53 -11.99 -19.52
C CYS B 395 -4.46 -13.43 -19.08
N LEU B 396 -3.46 -14.16 -19.57
CA LEU B 396 -3.32 -15.59 -19.23
C LEU B 396 -2.97 -15.77 -17.75
N SER B 397 -2.08 -14.92 -17.26
CA SER B 397 -1.72 -14.92 -15.85
C SER B 397 -2.98 -14.70 -14.97
N ILE B 398 -3.81 -13.71 -15.33
CA ILE B 398 -5.05 -13.52 -14.56
C ILE B 398 -6.06 -14.68 -14.69
N THR B 399 -6.22 -15.19 -15.90
CA THR B 399 -7.12 -16.32 -16.19
C THR B 399 -6.76 -17.54 -15.33
N ARG B 400 -5.47 -17.81 -15.21
CA ARG B 400 -4.96 -18.96 -14.47
C ARG B 400 -4.94 -18.80 -12.94
N ASN B 401 -4.78 -17.59 -12.45
CA ASN B 401 -4.67 -17.37 -11.02
C ASN B 401 -5.78 -16.63 -10.33
N GLY B 402 -6.76 -16.18 -11.08
CA GLY B 402 -7.76 -15.30 -10.56
C GLY B 402 -8.57 -15.88 -9.44
N ALA B 403 -8.89 -17.14 -9.54
CA ALA B 403 -9.75 -17.78 -8.60
C ALA B 403 -9.02 -18.68 -7.63
N SER B 404 -7.75 -18.45 -7.41
CA SER B 404 -6.93 -19.35 -6.65
C SER B 404 -7.53 -19.55 -5.29
N SER B 405 -7.38 -20.76 -4.77
CA SER B 405 -7.91 -21.12 -3.46
C SER B 405 -6.99 -20.63 -2.35
N VAL B 406 -5.76 -20.31 -2.73
CA VAL B 406 -4.77 -19.73 -1.82
C VAL B 406 -4.91 -18.19 -1.71
N ASP B 407 -5.02 -17.68 -0.51
CA ASP B 407 -5.33 -16.24 -0.36
C ASP B 407 -4.24 -15.28 -0.89
N ARG B 408 -2.97 -15.68 -0.76
CA ARG B 408 -1.86 -14.82 -1.19
C ARG B 408 -1.81 -14.58 -2.71
N VAL B 409 -1.97 -15.66 -3.47
CA VAL B 409 -2.00 -15.55 -4.91
C VAL B 409 -3.25 -14.77 -5.31
N PHE B 410 -4.37 -15.07 -4.66
CA PHE B 410 -5.62 -14.37 -4.96
C PHE B 410 -5.48 -12.86 -4.74
N ASP B 411 -4.84 -12.47 -3.63
CA ASP B 411 -4.69 -11.06 -3.28
C ASP B 411 -3.76 -10.30 -4.24
N ILE B 412 -2.60 -10.87 -4.53
CA ILE B 412 -1.68 -10.18 -5.45
C ILE B 412 -2.29 -10.06 -6.86
N CYS B 413 -2.98 -11.12 -7.25
CA CYS B 413 -3.64 -11.16 -8.53
C CYS B 413 -4.73 -10.10 -8.57
N CYS B 414 -5.42 -9.91 -7.45
CA CYS B 414 -6.41 -8.83 -7.33
C CYS B 414 -5.78 -7.44 -7.56
N GLU B 415 -4.61 -7.23 -6.98
CA GLU B 415 -3.89 -5.98 -7.17
C GLU B 415 -3.49 -5.74 -8.65
N ILE B 416 -3.00 -6.78 -9.31
CA ILE B 416 -2.69 -6.70 -10.75
C ILE B 416 -3.94 -6.33 -11.54
N PHE B 417 -5.05 -6.94 -11.18
CA PHE B 417 -6.33 -6.68 -11.84
C PHE B 417 -6.78 -5.24 -11.62
N TRP B 418 -6.45 -4.70 -10.45
CA TRP B 418 -6.75 -3.35 -10.14
C TRP B 418 -5.98 -2.46 -11.12
N LEU B 419 -4.67 -2.70 -11.23
CA LEU B 419 -3.84 -1.90 -12.14
C LEU B 419 -4.39 -1.95 -13.57
N MET B 420 -4.88 -3.12 -13.99
CA MET B 420 -5.53 -3.25 -15.30
C MET B 420 -6.81 -2.41 -15.40
N LEU B 421 -7.55 -2.34 -14.31
CA LEU B 421 -8.84 -1.68 -14.30
C LEU B 421 -8.66 -0.14 -14.32
N LYS B 422 -7.62 0.31 -13.65
CA LYS B 422 -7.38 1.72 -13.54
C LYS B 422 -6.63 2.29 -14.74
N TYR B 423 -5.65 1.55 -15.27
CA TYR B 423 -4.85 2.13 -16.34
C TYR B 423 -5.04 1.53 -17.74
N MET B 424 -5.86 0.49 -17.88
CA MET B 424 -5.96 -0.14 -19.20
C MET B 424 -7.42 -0.44 -19.54
N ARG B 425 -8.30 0.41 -19.03
CA ARG B 425 -9.74 0.30 -19.16
C ARG B 425 -10.20 0.18 -20.63
N SER B 426 -9.54 0.91 -21.53
CA SER B 426 -9.93 0.94 -22.95
C SER B 426 -9.41 -0.26 -23.73
N SER B 427 -8.10 -0.52 -23.66
CA SER B 427 -7.47 -1.59 -24.43
C SER B 427 -7.86 -2.99 -23.97
N PHE B 428 -8.22 -3.13 -22.70
CA PHE B 428 -8.47 -4.46 -22.13
C PHE B 428 -9.95 -4.63 -21.81
N LYS B 429 -10.80 -3.81 -22.45
CA LYS B 429 -12.23 -3.74 -22.17
C LYS B 429 -12.96 -5.09 -22.13
N ASN B 430 -12.87 -5.85 -23.22
CA ASN B 430 -13.54 -7.15 -23.32
C ASN B 430 -12.99 -8.17 -22.33
N GLU B 431 -11.68 -8.13 -22.13
CA GLU B 431 -11.03 -9.03 -21.19
C GLU B 431 -11.51 -8.71 -19.76
N ILE B 432 -11.61 -7.43 -19.46
CA ILE B 432 -12.13 -6.95 -18.18
C ILE B 432 -13.54 -7.46 -17.94
N GLU B 433 -14.33 -7.48 -19.01
CA GLU B 433 -15.72 -7.96 -18.92
C GLU B 433 -15.70 -9.43 -18.56
N VAL B 434 -14.84 -10.18 -19.24
CA VAL B 434 -14.72 -11.61 -18.94
C VAL B 434 -14.25 -11.88 -17.51
N PHE B 435 -13.24 -11.15 -17.05
CA PHE B 435 -12.71 -11.33 -15.70
C PHE B 435 -13.77 -10.97 -14.64
N LEU B 436 -14.49 -9.86 -14.86
CA LEU B 436 -15.54 -9.47 -13.91
C LEU B 436 -16.65 -10.52 -13.84
N ASN B 437 -17.14 -10.99 -14.98
CA ASN B 437 -18.24 -11.96 -14.95
C ASN B 437 -17.89 -13.41 -14.59
N GLU B 438 -16.84 -13.96 -15.19
CA GLU B 438 -16.53 -15.39 -15.01
C GLU B 438 -15.64 -15.72 -13.81
N ILE B 439 -14.87 -14.76 -13.31
CA ILE B 439 -14.05 -15.04 -12.14
C ILE B 439 -14.60 -14.38 -10.89
N TYR B 440 -14.69 -13.05 -10.88
CA TYR B 440 -14.94 -12.36 -9.63
C TYR B 440 -16.41 -12.37 -9.15
N LEU B 441 -17.33 -11.99 -10.03
CA LEU B 441 -18.73 -11.99 -9.63
C LEU B 441 -19.19 -13.44 -9.44
N ALA B 442 -18.67 -14.34 -10.26
CA ALA B 442 -18.97 -15.76 -10.08
C ALA B 442 -18.57 -16.16 -8.66
N LEU B 443 -17.39 -15.72 -8.22
CA LEU B 443 -16.92 -15.97 -6.86
C LEU B 443 -17.87 -15.38 -5.79
N LEU B 444 -18.34 -14.16 -6.00
CA LEU B 444 -19.26 -13.54 -5.04
C LEU B 444 -20.59 -14.27 -4.93
N ALA B 445 -21.04 -14.84 -6.05
CA ALA B 445 -22.32 -15.54 -6.10
C ALA B 445 -22.21 -16.94 -5.52
N ARG B 446 -20.98 -17.47 -5.48
CA ARG B 446 -20.76 -18.82 -5.02
C ARG B 446 -20.91 -18.79 -3.49
N ARG B 447 -21.75 -19.69 -2.98
CA ARG B 447 -22.19 -19.66 -1.59
C ARG B 447 -21.16 -20.22 -0.61
N ASN B 448 -20.43 -21.22 -1.06
CA ASN B 448 -19.38 -21.85 -0.27
C ASN B 448 -17.99 -21.21 -0.46
N ALA B 449 -17.95 -20.07 -1.14
CA ALA B 449 -16.68 -19.41 -1.42
C ALA B 449 -16.15 -18.67 -0.17
N PRO B 450 -14.81 -18.56 -0.03
CA PRO B 450 -14.25 -17.96 1.19
C PRO B 450 -14.68 -16.49 1.34
N LEU B 451 -15.14 -16.13 2.53
CA LEU B 451 -15.63 -14.79 2.78
C LEU B 451 -14.51 -13.74 2.66
N SER B 452 -13.30 -14.12 3.07
CA SER B 452 -12.17 -13.20 3.03
C SER B 452 -11.92 -12.73 1.58
N GLN B 453 -11.95 -13.66 0.63
CA GLN B 453 -11.76 -13.35 -0.78
C GLN B 453 -12.85 -12.40 -1.34
N LYS B 454 -14.11 -12.68 -0.97
CA LYS B 454 -15.23 -11.82 -1.32
C LYS B 454 -15.01 -10.39 -0.84
N LEU B 455 -14.58 -10.24 0.40
CA LEU B 455 -14.38 -8.91 0.96
C LEU B 455 -13.22 -8.22 0.27
N THR B 456 -12.20 -8.99 -0.10
CA THR B 456 -11.08 -8.41 -0.84
C THR B 456 -11.50 -7.85 -2.19
N PHE B 457 -12.25 -8.66 -2.94
CA PHE B 457 -12.72 -8.15 -4.22
C PHE B 457 -13.61 -6.91 -4.03
N VAL B 458 -14.57 -6.98 -3.08
CA VAL B 458 -15.47 -5.85 -2.87
C VAL B 458 -14.67 -4.60 -2.50
N GLY B 459 -13.63 -4.79 -1.70
CA GLY B 459 -12.71 -3.71 -1.39
C GLY B 459 -12.05 -3.11 -2.63
N ILE B 460 -11.67 -3.96 -3.59
CA ILE B 460 -11.13 -3.46 -4.87
C ILE B 460 -12.17 -2.59 -5.59
N LEU B 461 -13.40 -3.08 -5.69
CA LEU B 461 -14.43 -2.30 -6.36
C LEU B 461 -14.66 -0.91 -5.68
N LYS B 462 -14.60 -0.90 -4.36
CA LYS B 462 -14.77 0.34 -3.61
C LYS B 462 -13.60 1.29 -3.85
N ARG B 463 -12.40 0.71 -3.91
CA ARG B 463 -11.23 1.52 -4.25
C ARG B 463 -11.37 2.12 -5.65
N LEU B 464 -12.02 1.40 -6.56
CA LEU B 464 -12.27 1.92 -7.88
C LEU B 464 -13.32 3.02 -7.86
N CYS B 465 -14.31 2.96 -6.97
CA CYS B 465 -15.33 4.00 -6.92
C CYS B 465 -14.71 5.30 -6.45
N GLU B 466 -13.80 5.21 -5.51
CA GLU B 466 -13.29 6.36 -4.81
C GLU B 466 -11.99 6.90 -5.31
N ASP B 467 -11.40 6.17 -6.21
CA ASP B 467 -10.18 6.56 -6.79
C ASP B 467 -10.31 6.21 -8.22
N PRO B 468 -11.19 6.92 -8.92
CA PRO B 468 -11.43 6.67 -10.35
C PRO B 468 -10.12 6.51 -11.12
N VAL C 17 -79.97 2.15 11.79
CA VAL C 17 -78.68 1.57 11.47
C VAL C 17 -78.18 2.15 10.16
N VAL C 18 -79.10 2.60 9.31
CA VAL C 18 -78.74 3.13 8.00
C VAL C 18 -79.35 4.50 7.76
N SER C 19 -79.29 5.34 8.76
CA SER C 19 -80.10 6.54 8.83
C SER C 19 -79.80 7.53 7.72
N SER C 20 -78.73 7.30 6.98
CA SER C 20 -78.29 8.29 6.02
C SER C 20 -79.45 8.53 5.06
N LEU C 21 -80.19 7.47 4.77
CA LEU C 21 -81.28 7.57 3.84
C LEU C 21 -82.23 8.60 4.40
N ASP C 22 -82.37 8.52 5.71
CA ASP C 22 -83.23 9.37 6.49
C ASP C 22 -82.72 10.79 6.27
N ILE C 23 -81.42 10.90 6.16
CA ILE C 23 -80.73 12.17 6.06
C ILE C 23 -81.08 13.01 4.85
N ILE C 24 -81.35 12.36 3.72
CA ILE C 24 -81.68 13.05 2.48
C ILE C 24 -82.43 14.38 2.62
N LYS C 32 -85.03 16.80 -4.22
CA LYS C 32 -86.12 16.89 -5.20
C LYS C 32 -86.72 15.52 -5.49
N GLN C 33 -86.43 15.00 -6.69
CA GLN C 33 -86.85 13.66 -7.11
C GLN C 33 -86.29 12.60 -6.14
N LEU C 34 -85.05 12.85 -5.70
CA LEU C 34 -84.41 12.03 -4.69
C LEU C 34 -85.27 11.88 -3.44
N ALA C 35 -85.84 12.98 -2.95
CA ALA C 35 -86.67 12.98 -1.74
C ALA C 35 -87.71 11.85 -1.71
N GLU C 36 -88.59 11.82 -2.70
CA GLU C 36 -89.61 10.78 -2.77
C GLU C 36 -89.09 9.43 -3.29
N LEU C 37 -87.90 9.42 -3.90
CA LEU C 37 -87.25 8.14 -4.23
C LEU C 37 -86.72 7.42 -2.97
N ALA C 38 -86.26 8.22 -2.02
CA ALA C 38 -85.72 7.73 -0.76
C ALA C 38 -86.84 7.42 0.21
N GLU C 39 -87.83 8.30 0.28
CA GLU C 39 -89.01 8.01 1.09
C GLU C 39 -89.85 6.91 0.47
N LYS C 40 -89.64 6.66 -0.81
CA LYS C 40 -90.14 5.43 -1.43
C LYS C 40 -89.39 4.26 -0.81
N ALA C 41 -88.08 4.20 -1.06
CA ALA C 41 -87.22 3.13 -0.52
C ALA C 41 -87.40 2.83 0.97
N LEU C 42 -87.85 3.82 1.73
CA LEU C 42 -88.20 3.64 3.14
C LEU C 42 -89.47 2.81 3.28
N ALA C 43 -90.41 3.02 2.36
CA ALA C 43 -91.65 2.24 2.34
C ALA C 43 -91.39 0.82 1.85
N PRO C 53 -84.33 -5.45 3.05
CA PRO C 53 -85.12 -5.49 1.82
C PRO C 53 -84.26 -5.86 0.62
N ASP C 54 -84.85 -5.91 -0.56
CA ASP C 54 -84.11 -6.08 -1.81
C ASP C 54 -83.19 -4.87 -2.01
N PRO C 55 -81.87 -5.07 -1.91
CA PRO C 55 -80.91 -3.96 -1.89
C PRO C 55 -81.00 -3.04 -3.13
N GLU C 56 -81.60 -3.51 -4.21
CA GLU C 56 -81.78 -2.68 -5.41
C GLU C 56 -82.77 -1.54 -5.15
N VAL C 57 -83.61 -1.71 -4.14
CA VAL C 57 -84.52 -0.64 -3.73
C VAL C 57 -83.76 0.37 -2.86
N VAL C 58 -82.62 -0.05 -2.35
CA VAL C 58 -81.79 0.78 -1.48
C VAL C 58 -80.68 1.48 -2.26
N PHE C 59 -80.10 0.75 -3.21
CA PHE C 59 -78.95 1.25 -3.98
C PHE C 59 -79.32 2.35 -4.97
N ALA C 60 -80.53 2.27 -5.53
CA ALA C 60 -81.02 3.27 -6.47
C ALA C 60 -81.14 4.70 -5.89
N PRO C 61 -81.74 4.86 -4.69
CA PRO C 61 -81.75 6.19 -4.07
C PRO C 61 -80.35 6.77 -3.88
N LEU C 62 -79.51 6.02 -3.19
CA LEU C 62 -78.14 6.45 -2.86
C LEU C 62 -77.30 6.74 -4.11
N GLN C 63 -77.64 6.09 -5.21
CA GLN C 63 -76.92 6.28 -6.46
C GLN C 63 -76.98 7.73 -6.93
N LEU C 64 -78.18 8.22 -7.23
CA LEU C 64 -78.34 9.58 -7.73
C LEU C 64 -78.12 10.62 -6.64
N ALA C 65 -78.09 10.17 -5.38
CA ALA C 65 -77.72 11.04 -4.28
C ALA C 65 -76.35 11.66 -4.54
N THR C 66 -75.39 10.82 -4.93
CA THR C 66 -74.02 11.25 -5.24
C THR C 66 -73.91 12.45 -6.19
N LYS C 67 -74.64 12.41 -7.30
CA LYS C 67 -74.55 13.44 -8.35
C LYS C 67 -74.66 14.88 -7.82
N SER C 68 -75.42 15.04 -6.73
CA SER C 68 -75.51 16.30 -6.01
C SER C 68 -74.13 16.94 -5.82
N GLY C 69 -73.13 16.10 -5.59
CA GLY C 69 -71.75 16.54 -5.44
C GLY C 69 -71.63 17.51 -4.30
N THR C 70 -72.28 17.17 -3.18
CA THR C 70 -72.37 18.07 -2.05
C THR C 70 -72.12 17.37 -0.72
N ILE C 71 -71.77 18.16 0.28
CA ILE C 71 -71.81 17.72 1.66
C ILE C 71 -73.13 18.24 2.23
N PRO C 72 -73.75 17.50 3.16
CA PRO C 72 -73.38 16.16 3.61
C PRO C 72 -74.05 15.07 2.77
N LEU C 73 -74.72 15.45 1.68
CA LEU C 73 -75.50 14.50 0.90
C LEU C 73 -74.66 13.42 0.20
N THR C 74 -73.91 13.83 -0.82
CA THR C 74 -73.01 12.94 -1.57
C THR C 74 -72.07 12.17 -0.64
N THR C 75 -71.50 12.87 0.35
CA THR C 75 -70.70 12.21 1.38
C THR C 75 -71.49 11.10 2.06
N THR C 76 -72.59 11.45 2.74
CA THR C 76 -73.37 10.50 3.53
C THR C 76 -73.81 9.28 2.72
N ALA C 77 -74.15 9.49 1.45
CA ALA C 77 -74.49 8.40 0.57
C ALA C 77 -73.26 7.54 0.22
N LEU C 78 -72.14 8.20 -0.04
CA LEU C 78 -70.89 7.52 -0.35
C LEU C 78 -70.42 6.63 0.80
N ASP C 79 -70.28 7.20 1.99
CA ASP C 79 -69.93 6.41 3.16
C ASP C 79 -71.01 5.37 3.45
N CYS C 80 -72.27 5.71 3.14
CA CYS C 80 -73.37 4.77 3.34
C CYS C 80 -73.14 3.49 2.54
N ILE C 81 -73.01 3.64 1.22
CA ILE C 81 -72.71 2.51 0.35
C ILE C 81 -71.40 1.82 0.77
N GLY C 82 -70.44 2.60 1.28
CA GLY C 82 -69.18 2.04 1.75
C GLY C 82 -69.40 1.04 2.88
N LYS C 83 -70.23 1.45 3.84
CA LYS C 83 -70.67 0.57 4.92
C LYS C 83 -71.43 -0.63 4.35
N LEU C 84 -72.28 -0.36 3.36
CA LEU C 84 -73.15 -1.37 2.75
C LEU C 84 -72.39 -2.59 2.20
N ILE C 85 -71.38 -2.33 1.37
CA ILE C 85 -70.68 -3.39 0.67
C ILE C 85 -69.99 -4.37 1.62
N LEU C 107 -73.33 -6.44 -11.87
CA LEU C 107 -74.37 -6.26 -10.86
C LEU C 107 -74.13 -4.99 -10.01
N ILE C 108 -73.93 -5.19 -8.72
CA ILE C 108 -73.54 -4.14 -7.78
C ILE C 108 -72.15 -3.57 -8.11
N GLU C 109 -71.54 -4.08 -9.18
CA GLU C 109 -70.33 -3.50 -9.75
C GLU C 109 -70.58 -2.04 -10.06
N ARG C 110 -71.80 -1.74 -10.48
CA ARG C 110 -72.23 -0.38 -10.81
C ARG C 110 -72.15 0.57 -9.60
N ALA C 111 -72.09 0.01 -8.40
CA ALA C 111 -71.85 0.81 -7.21
C ALA C 111 -70.43 1.38 -7.25
N ILE C 112 -69.46 0.51 -7.54
CA ILE C 112 -68.08 0.94 -7.72
C ILE C 112 -68.02 2.04 -8.77
N ASP C 113 -68.64 1.77 -9.91
CA ASP C 113 -68.69 2.73 -11.01
C ASP C 113 -69.43 4.04 -10.64
N THR C 114 -70.19 4.04 -9.55
CA THR C 114 -70.81 5.29 -9.10
C THR C 114 -70.06 5.97 -7.95
N ILE C 115 -69.07 5.29 -7.37
CA ILE C 115 -68.19 5.97 -6.42
C ILE C 115 -67.12 6.67 -7.23
N CYS C 116 -66.55 5.92 -8.17
CA CYS C 116 -65.41 6.37 -8.97
C CYS C 116 -65.72 7.66 -9.72
N ASP C 117 -66.96 7.78 -10.18
CA ASP C 117 -67.39 8.94 -10.96
C ASP C 117 -67.70 10.14 -10.07
N CYS C 118 -67.79 9.93 -8.76
CA CYS C 118 -67.91 11.05 -7.82
C CYS C 118 -66.65 11.89 -7.87
N PHE C 119 -65.50 11.23 -7.98
CA PHE C 119 -64.23 11.93 -8.16
C PHE C 119 -64.20 12.57 -9.54
N GLN C 120 -63.64 13.79 -9.61
CA GLN C 120 -63.74 14.59 -10.82
C GLN C 120 -62.49 15.42 -11.11
N GLY C 121 -61.42 15.18 -10.37
CA GLY C 121 -60.20 15.94 -10.52
C GLY C 121 -59.88 16.77 -9.29
N GLU C 122 -58.97 17.72 -9.44
CA GLU C 122 -58.49 18.54 -8.32
C GLU C 122 -59.56 19.46 -7.75
N THR C 123 -60.60 19.72 -8.54
CA THR C 123 -61.71 20.57 -8.12
C THR C 123 -62.51 19.94 -6.98
N THR C 124 -62.63 18.61 -7.02
CA THR C 124 -63.37 17.83 -6.03
C THR C 124 -62.92 18.18 -4.60
N LEU C 125 -63.87 18.23 -3.68
CA LEU C 125 -63.59 18.57 -2.29
C LEU C 125 -62.72 17.51 -1.63
N VAL C 126 -62.07 17.86 -0.53
CA VAL C 126 -61.17 16.92 0.16
C VAL C 126 -61.93 15.83 0.93
N GLU C 127 -62.97 16.21 1.65
CA GLU C 127 -63.78 15.26 2.42
C GLU C 127 -64.37 14.17 1.53
N ILE C 128 -64.97 14.58 0.42
CA ILE C 128 -65.61 13.61 -0.49
C ILE C 128 -64.61 12.59 -1.05
N GLN C 129 -63.49 13.05 -1.61
CA GLN C 129 -62.51 12.11 -2.16
C GLN C 129 -61.90 11.24 -1.06
N LEU C 130 -61.77 11.80 0.14
CA LEU C 130 -61.37 11.01 1.30
C LEU C 130 -62.34 9.84 1.51
N GLN C 131 -63.63 10.14 1.59
CA GLN C 131 -64.65 9.10 1.73
C GLN C 131 -64.73 8.16 0.51
N ILE C 132 -64.28 8.63 -0.64
CA ILE C 132 -64.19 7.82 -1.85
C ILE C 132 -63.14 6.74 -1.65
N VAL C 133 -61.96 7.14 -1.19
CA VAL C 133 -60.93 6.17 -0.86
C VAL C 133 -61.39 5.21 0.25
N LYS C 134 -61.92 5.76 1.35
CA LYS C 134 -62.41 4.93 2.46
C LYS C 134 -63.43 3.89 2.01
N SER C 135 -64.32 4.31 1.11
CA SER C 135 -65.39 3.44 0.65
C SER C 135 -64.92 2.40 -0.37
N LEU C 136 -64.07 2.80 -1.31
CA LEU C 136 -63.50 1.87 -2.29
C LEU C 136 -62.70 0.78 -1.58
N LEU C 137 -61.92 1.20 -0.59
CA LEU C 137 -61.20 0.27 0.28
C LEU C 137 -62.18 -0.67 0.99
N ALA C 138 -63.19 -0.08 1.62
CA ALA C 138 -64.20 -0.85 2.34
C ALA C 138 -64.89 -1.86 1.42
N ALA C 139 -64.89 -1.57 0.12
CA ALA C 139 -65.47 -2.47 -0.87
C ALA C 139 -64.52 -3.62 -1.20
N VAL C 140 -63.28 -3.28 -1.54
CA VAL C 140 -62.28 -4.27 -1.92
C VAL C 140 -61.84 -5.19 -0.77
N LEU C 141 -62.18 -4.83 0.46
CA LEU C 141 -61.91 -5.73 1.59
C LEU C 141 -62.72 -7.05 1.54
N VAL C 147 -64.50 -9.19 -5.23
CA VAL C 147 -64.55 -8.53 -6.53
C VAL C 147 -63.45 -9.10 -7.43
N HIS C 148 -63.54 -8.83 -8.74
CA HIS C 148 -62.57 -9.31 -9.71
C HIS C 148 -62.47 -8.40 -10.93
N GLY C 149 -61.48 -8.66 -11.78
CA GLY C 149 -61.34 -8.02 -13.07
C GLY C 149 -61.46 -6.50 -13.12
N ALA C 150 -62.26 -6.02 -14.08
CA ALA C 150 -62.40 -4.60 -14.36
C ALA C 150 -62.87 -3.77 -13.17
N GLY C 151 -63.59 -4.39 -12.25
CA GLY C 151 -64.05 -3.70 -11.05
C GLY C 151 -62.88 -3.35 -10.14
N LEU C 152 -62.03 -4.35 -9.88
CA LEU C 152 -60.81 -4.14 -9.12
C LEU C 152 -59.93 -3.14 -9.82
N LEU C 153 -59.67 -3.38 -11.10
CA LEU C 153 -58.90 -2.45 -11.94
C LEU C 153 -59.37 -1.00 -11.80
N LYS C 154 -60.68 -0.79 -11.82
CA LYS C 154 -61.25 0.56 -11.70
C LYS C 154 -61.08 1.13 -10.30
N ALA C 155 -61.22 0.28 -9.28
CA ALA C 155 -61.00 0.70 -7.90
C ALA C 155 -59.56 1.17 -7.66
N VAL C 156 -58.60 0.31 -7.99
CA VAL C 156 -57.18 0.64 -7.93
C VAL C 156 -56.91 1.92 -8.71
N ARG C 157 -57.21 1.89 -10.02
CA ARG C 157 -56.99 3.05 -10.89
C ARG C 157 -57.51 4.35 -10.25
N GLN C 158 -58.71 4.30 -9.67
CA GLN C 158 -59.30 5.49 -9.07
C GLN C 158 -58.54 5.97 -7.84
N VAL C 159 -58.20 5.03 -6.94
CA VAL C 159 -57.42 5.38 -5.74
C VAL C 159 -56.08 6.01 -6.12
N TYR C 160 -55.41 5.37 -7.07
CA TYR C 160 -54.15 5.86 -7.62
C TYR C 160 -54.30 7.28 -8.16
N ASN C 161 -55.34 7.50 -8.98
CA ASN C 161 -55.59 8.83 -9.56
C ASN C 161 -55.83 9.90 -8.50
N ILE C 162 -56.54 9.52 -7.43
CA ILE C 162 -56.71 10.42 -6.29
C ILE C 162 -55.36 10.74 -5.66
N PHE C 163 -54.50 9.72 -5.50
CA PHE C 163 -53.15 9.94 -4.97
C PHE C 163 -52.36 10.94 -5.83
N LEU C 164 -52.36 10.68 -7.13
CA LEU C 164 -51.55 11.43 -8.09
C LEU C 164 -52.04 12.87 -8.27
N LEU C 165 -53.35 13.09 -8.15
CA LEU C 165 -53.96 14.35 -8.55
C LEU C 165 -54.44 15.26 -7.42
N SER C 166 -54.53 14.72 -6.22
CA SER C 166 -54.87 15.54 -5.05
C SER C 166 -53.85 16.63 -4.84
N ARG C 167 -54.28 17.74 -4.26
CA ARG C 167 -53.38 18.80 -3.84
C ARG C 167 -53.42 18.90 -2.31
N SER C 168 -54.06 17.90 -1.70
CA SER C 168 -54.08 17.78 -0.25
C SER C 168 -53.12 16.70 0.21
N THR C 169 -52.06 17.10 0.92
CA THR C 169 -51.00 16.19 1.35
C THR C 169 -51.53 14.99 2.16
N ALA C 170 -52.38 15.28 3.13
CA ALA C 170 -53.02 14.26 3.95
C ALA C 170 -53.69 13.21 3.07
N ASN C 171 -54.46 13.68 2.09
CA ASN C 171 -55.10 12.82 1.13
C ASN C 171 -54.13 11.92 0.36
N GLN C 172 -53.07 12.51 -0.18
CA GLN C 172 -52.06 11.76 -0.92
C GLN C 172 -51.47 10.64 -0.07
N GLN C 173 -51.16 10.94 1.19
CA GLN C 173 -50.63 9.92 2.09
C GLN C 173 -51.63 8.79 2.31
N VAL C 174 -52.85 9.19 2.68
CA VAL C 174 -53.95 8.23 2.91
C VAL C 174 -54.14 7.29 1.72
N ALA C 175 -54.19 7.87 0.53
CA ALA C 175 -54.41 7.13 -0.71
C ALA C 175 -53.22 6.21 -1.03
N GLN C 176 -52.01 6.69 -0.77
CA GLN C 176 -50.84 5.84 -0.94
C GLN C 176 -50.94 4.59 -0.05
N GLY C 177 -51.17 4.81 1.25
CA GLY C 177 -51.26 3.70 2.18
C GLY C 177 -52.38 2.73 1.82
N THR C 178 -53.52 3.30 1.45
CA THR C 178 -54.71 2.52 1.11
C THR C 178 -54.46 1.67 -0.13
N LEU C 179 -53.80 2.28 -1.12
CA LEU C 179 -53.48 1.59 -2.38
C LEU C 179 -52.52 0.44 -2.13
N THR C 180 -51.53 0.71 -1.28
CA THR C 180 -50.59 -0.32 -0.83
C THR C 180 -51.32 -1.48 -0.17
N GLN C 181 -52.27 -1.17 0.70
CA GLN C 181 -53.04 -2.19 1.39
C GLN C 181 -53.91 -2.99 0.40
N MET C 182 -54.41 -2.32 -0.63
CA MET C 182 -55.25 -2.96 -1.63
C MET C 182 -54.49 -3.96 -2.49
N VAL C 183 -53.40 -3.52 -3.11
CA VAL C 183 -52.58 -4.42 -3.92
C VAL C 183 -51.97 -5.52 -3.05
N GLY C 184 -51.54 -5.12 -1.85
CA GLY C 184 -51.00 -6.01 -0.86
C GLY C 184 -52.00 -7.13 -0.62
N THR C 185 -53.26 -6.75 -0.45
CA THR C 185 -54.33 -7.72 -0.22
C THR C 185 -54.57 -8.63 -1.42
N VAL C 186 -54.65 -8.06 -2.61
CA VAL C 186 -54.76 -8.87 -3.84
C VAL C 186 -53.77 -10.02 -3.81
N PHE C 187 -52.51 -9.69 -3.52
CA PHE C 187 -51.49 -10.75 -3.47
C PHE C 187 -51.57 -11.68 -2.24
N GLU C 188 -52.02 -11.15 -1.10
CA GLU C 188 -52.25 -11.96 0.10
C GLU C 188 -53.30 -13.04 -0.20
N ARG C 189 -54.38 -12.61 -0.84
CA ARG C 189 -55.47 -13.50 -1.29
C ARG C 189 -54.99 -14.52 -2.30
N VAL C 190 -54.27 -14.09 -3.33
CA VAL C 190 -53.71 -15.03 -4.31
C VAL C 190 -52.82 -16.08 -3.62
N LYS C 191 -52.03 -15.64 -2.65
CA LYS C 191 -51.14 -16.53 -1.92
C LYS C 191 -51.93 -17.56 -1.12
N THR C 192 -52.99 -17.14 -0.46
CA THR C 192 -53.83 -18.10 0.23
C THR C 192 -54.59 -19.07 -0.66
N ARG C 193 -54.83 -18.70 -1.92
CA ARG C 193 -55.62 -19.54 -2.80
C ARG C 193 -54.91 -20.87 -2.85
N LEU C 194 -53.59 -20.84 -2.84
CA LEU C 194 -52.84 -22.08 -2.76
C LEU C 194 -52.04 -22.17 -1.47
N LYS C 254 -24.69 -12.59 -28.86
CA LYS C 254 -24.42 -11.68 -27.75
C LYS C 254 -25.58 -10.71 -27.53
N LEU C 255 -26.47 -11.08 -26.61
CA LEU C 255 -27.67 -10.32 -26.29
C LEU C 255 -27.37 -8.88 -25.83
N THR C 256 -28.24 -7.94 -26.22
CA THR C 256 -28.11 -6.55 -25.76
C THR C 256 -29.38 -6.04 -25.08
N LEU C 257 -29.34 -4.82 -24.57
CA LEU C 257 -30.40 -4.25 -23.73
C LEU C 257 -31.65 -3.84 -24.52
N LYS C 258 -31.46 -3.39 -25.76
CA LYS C 258 -32.58 -3.02 -26.61
C LYS C 258 -33.49 -4.22 -26.91
N ASP C 259 -32.87 -5.37 -27.10
CA ASP C 259 -33.59 -6.60 -27.42
C ASP C 259 -34.72 -6.92 -26.44
N LEU C 260 -34.56 -6.49 -25.19
CA LEU C 260 -35.52 -6.79 -24.14
C LEU C 260 -36.83 -6.00 -24.27
N GLU C 261 -36.86 -5.05 -25.20
CA GLU C 261 -38.09 -4.28 -25.45
C GLU C 261 -39.20 -5.16 -26.01
N HIS C 262 -38.83 -6.34 -26.50
CA HIS C 262 -39.77 -7.30 -27.08
C HIS C 262 -39.45 -8.77 -26.70
N ARG C 263 -40.45 -9.46 -26.14
CA ARG C 263 -40.30 -10.86 -25.72
C ARG C 263 -41.66 -11.52 -25.43
N GLU C 313 -59.34 -19.53 -8.79
CA GLU C 313 -58.04 -19.47 -9.44
C GLU C 313 -57.81 -18.13 -10.15
N ALA C 314 -58.85 -17.58 -10.75
CA ALA C 314 -58.73 -16.39 -11.59
C ALA C 314 -58.22 -15.14 -10.88
N TYR C 315 -57.84 -15.30 -9.61
CA TYR C 315 -57.15 -14.27 -8.86
C TYR C 315 -55.79 -13.96 -9.51
N ILE C 316 -55.22 -15.00 -10.13
CA ILE C 316 -53.99 -14.89 -10.89
C ILE C 316 -54.09 -13.80 -11.96
N ARG C 317 -55.20 -13.78 -12.69
CA ARG C 317 -55.45 -12.77 -13.72
C ARG C 317 -55.43 -11.35 -13.12
N ASP C 318 -56.03 -11.21 -11.95
CA ASP C 318 -56.07 -9.94 -11.23
C ASP C 318 -54.66 -9.49 -10.78
N ALA C 319 -53.90 -10.41 -10.19
CA ALA C 319 -52.53 -10.12 -9.77
C ALA C 319 -51.69 -9.70 -10.97
N TYR C 320 -51.72 -10.52 -12.01
CA TYR C 320 -51.04 -10.22 -13.26
C TYR C 320 -51.39 -8.83 -13.77
N LEU C 321 -52.67 -8.48 -13.80
CA LEU C 321 -53.10 -7.17 -14.30
C LEU C 321 -52.64 -5.99 -13.44
N VAL C 322 -52.66 -6.15 -12.12
CA VAL C 322 -52.14 -5.11 -11.22
C VAL C 322 -50.64 -4.88 -11.46
N PHE C 323 -49.88 -5.97 -11.37
CA PHE C 323 -48.43 -5.92 -11.52
C PHE C 323 -48.05 -5.30 -12.87
N ARG C 324 -48.76 -5.75 -13.90
CA ARG C 324 -48.57 -5.24 -15.25
C ARG C 324 -48.82 -3.74 -15.31
N SER C 325 -49.94 -3.32 -14.71
CA SER C 325 -50.30 -1.90 -14.65
C SER C 325 -49.17 -1.06 -14.10
N PHE C 326 -48.69 -1.40 -12.90
CA PHE C 326 -47.61 -0.61 -12.30
C PHE C 326 -46.30 -0.64 -13.09
N CYS C 327 -46.01 -1.78 -13.71
CA CYS C 327 -44.83 -1.88 -14.56
C CYS C 327 -44.89 -0.92 -15.74
N ASN C 328 -45.87 -1.13 -16.62
CA ASN C 328 -46.05 -0.26 -17.78
C ASN C 328 -46.13 1.22 -17.38
N LEU C 329 -46.83 1.48 -16.29
CA LEU C 329 -46.99 2.84 -15.80
C LEU C 329 -45.67 3.41 -15.31
N SER C 330 -44.72 2.51 -14.98
CA SER C 330 -43.39 2.94 -14.56
C SER C 330 -42.46 3.10 -15.75
N THR C 331 -42.83 2.52 -16.89
CA THR C 331 -41.99 2.57 -18.09
C THR C 331 -42.18 3.80 -18.99
N LYS C 332 -42.78 4.87 -18.49
CA LYS C 332 -42.83 6.10 -19.27
C LYS C 332 -41.48 6.81 -19.21
N ILE C 333 -41.29 7.79 -20.10
CA ILE C 333 -40.03 8.52 -20.18
C ILE C 333 -40.23 10.03 -19.97
N TYR C 340 -37.76 16.08 -14.72
CA TYR C 340 -36.75 16.79 -13.94
C TYR C 340 -37.18 16.99 -12.50
N ASP C 341 -38.41 17.49 -12.33
CA ASP C 341 -38.93 17.81 -11.00
C ASP C 341 -39.50 16.59 -10.28
N LEU C 342 -38.94 16.28 -9.12
CA LEU C 342 -39.30 15.05 -8.40
C LEU C 342 -40.62 15.16 -7.62
N ARG C 343 -41.21 16.35 -7.63
CA ARG C 343 -42.51 16.55 -7.00
C ARG C 343 -43.63 16.75 -8.04
N GLY C 344 -43.26 16.77 -9.32
CA GLY C 344 -44.22 16.78 -10.40
C GLY C 344 -44.97 15.46 -10.53
N GLN C 345 -45.98 15.42 -11.39
CA GLN C 345 -46.79 14.22 -11.56
C GLN C 345 -46.12 13.02 -12.26
N PRO C 346 -45.49 13.21 -13.44
CA PRO C 346 -44.84 12.05 -14.07
C PRO C 346 -43.86 11.33 -13.15
N MET C 347 -42.99 12.08 -12.47
CA MET C 347 -42.01 11.52 -11.55
C MET C 347 -42.64 10.84 -10.33
N ARG C 348 -43.69 11.44 -9.75
CA ARG C 348 -44.38 10.83 -8.60
C ARG C 348 -45.09 9.54 -9.00
N SER C 349 -45.61 9.52 -10.23
CA SER C 349 -46.22 8.33 -10.80
C SER C 349 -45.16 7.23 -10.90
N LYS C 350 -44.02 7.59 -11.50
CA LYS C 350 -42.91 6.65 -11.66
C LYS C 350 -42.50 6.06 -10.32
N LEU C 351 -42.24 6.93 -9.34
CA LEU C 351 -41.84 6.50 -7.99
C LEU C 351 -42.87 5.60 -7.29
N ILE C 352 -44.13 6.03 -7.22
CA ILE C 352 -45.15 5.20 -6.56
C ILE C 352 -45.23 3.83 -7.21
N SER C 353 -45.14 3.81 -8.55
CA SER C 353 -45.18 2.56 -9.30
C SER C 353 -44.01 1.61 -8.94
N LEU C 354 -42.78 2.11 -9.12
CA LEU C 354 -41.58 1.34 -8.78
C LEU C 354 -41.59 0.83 -7.34
N HIS C 355 -42.05 1.68 -6.42
CA HIS C 355 -42.17 1.31 -5.01
C HIS C 355 -43.19 0.20 -4.77
N LEU C 356 -44.33 0.26 -5.45
CA LEU C 356 -45.30 -0.81 -5.30
C LEU C 356 -44.78 -2.12 -5.90
N ILE C 357 -44.09 -2.02 -7.02
CA ILE C 357 -43.47 -3.19 -7.65
C ILE C 357 -42.52 -3.84 -6.65
N HIS C 358 -41.68 -3.01 -6.06
CA HIS C 358 -40.75 -3.48 -5.05
C HIS C 358 -41.44 -4.10 -3.82
N THR C 359 -42.50 -3.46 -3.31
CA THR C 359 -43.25 -3.97 -2.16
C THR C 359 -43.91 -5.33 -2.43
N LEU C 360 -44.60 -5.43 -3.55
CA LEU C 360 -45.19 -6.70 -3.98
C LEU C 360 -44.12 -7.79 -4.08
N LEU C 361 -43.07 -7.52 -4.86
CA LEU C 361 -41.96 -8.46 -5.03
C LEU C 361 -41.34 -8.91 -3.71
N ASN C 362 -41.11 -7.96 -2.81
CA ASN C 362 -40.45 -8.25 -1.54
C ASN C 362 -41.33 -9.00 -0.55
N ASN C 363 -42.63 -8.73 -0.57
CA ASN C 363 -43.54 -9.33 0.41
C ASN C 363 -44.16 -10.66 -0.01
N HIS C 364 -44.32 -10.86 -1.31
CA HIS C 364 -44.97 -12.06 -1.83
C HIS C 364 -44.16 -12.71 -2.94
N ILE C 365 -42.87 -12.91 -2.69
CA ILE C 365 -41.94 -13.50 -3.66
C ILE C 365 -42.29 -14.97 -3.95
N THR C 366 -42.93 -15.62 -2.98
CA THR C 366 -43.40 -17.00 -3.10
C THR C 366 -44.45 -17.18 -4.20
N VAL C 367 -45.18 -16.10 -4.50
CA VAL C 367 -46.21 -16.10 -5.53
C VAL C 367 -45.58 -15.90 -6.93
N PHE C 368 -44.31 -15.55 -6.99
CA PHE C 368 -43.64 -15.35 -8.28
C PHE C 368 -42.81 -16.56 -8.66
N THR C 369 -42.12 -17.08 -7.65
CA THR C 369 -41.25 -18.21 -7.79
C THR C 369 -41.97 -19.48 -8.22
N SER C 370 -43.13 -19.75 -7.62
CA SER C 370 -44.02 -20.86 -8.04
C SER C 370 -45.02 -21.18 -6.95
N PHE C 386 -45.86 -18.10 -14.50
CA PHE C 386 -46.37 -16.81 -14.09
C PHE C 386 -45.24 -15.85 -14.13
N LEU C 387 -44.22 -16.19 -13.38
CA LEU C 387 -43.07 -15.35 -13.23
C LEU C 387 -42.52 -15.17 -14.61
N GLN C 388 -42.58 -16.23 -15.39
CA GLN C 388 -42.20 -16.14 -16.77
C GLN C 388 -43.15 -15.23 -17.50
N ALA C 389 -44.35 -15.11 -16.95
CA ALA C 389 -45.37 -14.34 -17.62
C ALA C 389 -45.13 -12.86 -17.46
N ILE C 390 -44.78 -12.48 -16.24
CA ILE C 390 -44.50 -11.10 -15.88
C ILE C 390 -43.21 -10.54 -16.42
N LYS C 391 -42.35 -11.42 -16.88
CA LYS C 391 -40.97 -11.08 -17.03
C LYS C 391 -40.81 -9.87 -17.91
N TYR C 392 -41.61 -9.77 -18.95
CA TYR C 392 -41.39 -8.69 -19.90
C TYR C 392 -41.55 -7.33 -19.25
N TYR C 393 -42.55 -7.20 -18.41
CA TYR C 393 -42.90 -5.94 -17.78
C TYR C 393 -41.87 -5.62 -16.71
N LEU C 394 -41.45 -6.65 -15.99
CA LEU C 394 -40.44 -6.47 -14.96
C LEU C 394 -39.10 -6.08 -15.57
N CYS C 395 -38.67 -6.79 -16.61
CA CYS C 395 -37.42 -6.50 -17.29
C CYS C 395 -37.49 -5.22 -18.11
N LEU C 396 -38.70 -4.68 -18.25
CA LEU C 396 -38.87 -3.44 -19.00
C LEU C 396 -38.64 -2.25 -18.09
N SER C 397 -39.13 -2.36 -16.85
CA SER C 397 -39.05 -1.25 -15.91
C SER C 397 -37.63 -1.10 -15.32
N ILE C 398 -36.77 -2.08 -15.54
CA ILE C 398 -35.36 -1.96 -15.19
C ILE C 398 -34.57 -1.34 -16.37
N THR C 399 -34.90 -1.77 -17.58
CA THR C 399 -34.27 -1.26 -18.80
C THR C 399 -34.48 0.24 -18.94
N ARG C 400 -35.70 0.71 -18.70
CA ARG C 400 -36.00 2.14 -18.76
C ARG C 400 -35.51 2.93 -17.54
N ASN C 401 -35.47 2.30 -16.36
CA ASN C 401 -35.22 3.05 -15.12
C ASN C 401 -33.89 2.84 -14.40
N GLY C 402 -33.26 1.67 -14.57
CA GLY C 402 -31.91 1.49 -14.07
C GLY C 402 -31.08 2.48 -14.85
N ALA C 403 -29.93 2.89 -14.31
CA ALA C 403 -29.16 3.95 -14.98
C ALA C 403 -29.94 5.28 -15.12
N SER C 404 -30.79 5.59 -14.16
CA SER C 404 -31.41 6.90 -14.05
C SER C 404 -30.48 7.88 -13.33
N SER C 405 -30.50 9.15 -13.74
CA SER C 405 -29.71 10.16 -13.02
C SER C 405 -30.34 10.55 -11.68
N VAL C 406 -31.56 10.08 -11.44
CA VAL C 406 -32.23 10.31 -10.18
C VAL C 406 -31.97 9.19 -9.15
N ASP C 407 -31.20 9.50 -8.12
CA ASP C 407 -30.85 8.51 -7.11
C ASP C 407 -32.03 7.71 -6.57
N ARG C 408 -33.18 8.35 -6.38
CA ARG C 408 -34.36 7.62 -5.88
C ARG C 408 -34.76 6.44 -6.78
N VAL C 409 -35.11 6.76 -8.04
CA VAL C 409 -35.37 5.75 -9.07
C VAL C 409 -34.26 4.67 -9.12
N PHE C 410 -33.01 5.11 -9.10
CA PHE C 410 -31.86 4.21 -9.11
C PHE C 410 -31.82 3.22 -7.94
N ASP C 411 -32.16 3.71 -6.74
CA ASP C 411 -32.10 2.92 -5.52
C ASP C 411 -33.20 1.86 -5.53
N ILE C 412 -34.40 2.30 -5.92
CA ILE C 412 -35.49 1.35 -5.98
C ILE C 412 -35.20 0.27 -7.01
N CYS C 413 -34.67 0.68 -8.16
CA CYS C 413 -34.27 -0.29 -9.18
C CYS C 413 -33.17 -1.24 -8.70
N CYS C 414 -32.24 -0.73 -7.89
CA CYS C 414 -31.20 -1.59 -7.32
C CYS C 414 -31.81 -2.64 -6.43
N GLU C 415 -32.82 -2.25 -5.66
CA GLU C 415 -33.50 -3.18 -4.77
C GLU C 415 -34.22 -4.28 -5.57
N ILE C 416 -34.99 -3.85 -6.57
CA ILE C 416 -35.67 -4.79 -7.46
C ILE C 416 -34.66 -5.77 -8.10
N PHE C 417 -33.59 -5.19 -8.64
CA PHE C 417 -32.49 -5.98 -9.19
C PHE C 417 -31.89 -6.96 -8.19
N TRP C 418 -31.75 -6.53 -6.94
CA TRP C 418 -31.24 -7.41 -5.90
C TRP C 418 -32.18 -8.60 -5.68
N LEU C 419 -33.49 -8.37 -5.75
CA LEU C 419 -34.44 -9.46 -5.61
C LEU C 419 -34.37 -10.43 -6.79
N MET C 420 -34.12 -9.88 -7.98
CA MET C 420 -33.89 -10.71 -9.17
C MET C 420 -32.69 -11.61 -8.91
N LEU C 421 -31.66 -10.99 -8.32
CA LEU C 421 -30.39 -11.66 -8.06
C LEU C 421 -30.49 -12.77 -7.01
N LYS C 422 -31.30 -12.56 -5.99
CA LYS C 422 -31.38 -13.51 -4.89
C LYS C 422 -32.44 -14.60 -5.07
N TYR C 423 -33.55 -14.28 -5.72
CA TYR C 423 -34.64 -15.26 -5.84
C TYR C 423 -34.88 -15.84 -7.24
N MET C 424 -34.22 -15.29 -8.25
CA MET C 424 -34.57 -15.63 -9.63
C MET C 424 -33.36 -15.79 -10.56
N ARG C 425 -32.24 -16.25 -9.98
CA ARG C 425 -30.96 -16.30 -10.69
C ARG C 425 -30.98 -17.19 -11.94
N SER C 426 -31.47 -18.42 -11.77
CA SER C 426 -31.63 -19.37 -12.86
C SER C 426 -32.55 -18.86 -13.97
N SER C 427 -33.70 -18.34 -13.56
CA SER C 427 -34.74 -17.89 -14.47
C SER C 427 -34.32 -16.68 -15.32
N PHE C 428 -33.54 -15.78 -14.73
CA PHE C 428 -33.19 -14.52 -15.38
C PHE C 428 -31.74 -14.39 -15.84
N LYS C 429 -30.97 -15.47 -15.72
CA LYS C 429 -29.51 -15.49 -16.00
C LYS C 429 -29.01 -14.44 -17.03
N ASN C 430 -29.60 -14.49 -18.21
CA ASN C 430 -29.25 -13.59 -19.32
C ASN C 430 -29.67 -12.13 -19.10
N GLU C 431 -30.92 -11.93 -18.68
CA GLU C 431 -31.40 -10.61 -18.31
C GLU C 431 -30.49 -9.96 -17.24
N ILE C 432 -30.21 -10.72 -16.19
CA ILE C 432 -29.29 -10.29 -15.13
C ILE C 432 -27.92 -9.88 -15.68
N GLU C 433 -27.30 -10.75 -16.50
CA GLU C 433 -26.01 -10.39 -17.08
C GLU C 433 -26.06 -9.13 -17.95
N VAL C 434 -27.18 -8.92 -18.64
CA VAL C 434 -27.36 -7.71 -19.44
C VAL C 434 -27.41 -6.46 -18.54
N PHE C 435 -28.21 -6.50 -17.48
CA PHE C 435 -28.31 -5.38 -16.53
C PHE C 435 -26.97 -5.09 -15.86
N LEU C 436 -26.26 -6.16 -15.52
CA LEU C 436 -24.93 -6.07 -14.93
C LEU C 436 -23.92 -5.37 -15.86
N ASN C 437 -23.88 -5.82 -17.13
CA ASN C 437 -22.85 -5.36 -18.04
C ASN C 437 -23.14 -4.03 -18.74
N GLU C 438 -24.41 -3.75 -19.03
CA GLU C 438 -24.78 -2.52 -19.75
C GLU C 438 -25.33 -1.38 -18.87
N ILE C 439 -25.65 -1.68 -17.61
CA ILE C 439 -26.11 -0.65 -16.71
C ILE C 439 -25.11 -0.38 -15.59
N TYR C 440 -24.87 -1.40 -14.76
CA TYR C 440 -24.11 -1.24 -13.52
C TYR C 440 -22.57 -1.27 -13.68
N LEU C 441 -22.02 -2.32 -14.27
CA LEU C 441 -20.58 -2.32 -14.56
C LEU C 441 -20.19 -1.08 -15.39
N ALA C 442 -21.02 -0.77 -16.39
CA ALA C 442 -20.84 0.45 -17.17
C ALA C 442 -20.79 1.62 -16.22
N LEU C 443 -21.80 1.72 -15.36
CA LEU C 443 -21.86 2.78 -14.35
C LEU C 443 -20.55 2.95 -13.58
N LEU C 444 -20.04 1.87 -12.98
CA LEU C 444 -18.74 1.91 -12.29
C LEU C 444 -17.56 2.28 -13.20
N ALA C 445 -17.72 2.12 -14.51
CA ALA C 445 -16.63 2.48 -15.42
C ALA C 445 -16.50 3.98 -15.77
N ARG C 446 -17.62 4.70 -15.81
CA ARG C 446 -17.64 6.16 -16.09
C ARG C 446 -17.14 7.02 -14.91
N ARG C 447 -16.00 7.69 -15.11
CA ARG C 447 -15.39 8.52 -14.06
C ARG C 447 -16.30 9.66 -13.60
N ASN C 448 -17.06 10.20 -14.56
CA ASN C 448 -17.95 11.32 -14.31
C ASN C 448 -19.28 10.94 -13.65
N ALA C 449 -19.49 9.64 -13.42
CA ALA C 449 -20.76 9.16 -12.89
C ALA C 449 -20.77 9.39 -11.41
N PRO C 450 -21.95 9.62 -10.84
CA PRO C 450 -22.05 10.06 -9.43
C PRO C 450 -21.58 9.01 -8.43
N LEU C 451 -20.79 9.41 -7.42
CA LEU C 451 -20.24 8.44 -6.46
C LEU C 451 -21.32 7.69 -5.69
N SER C 452 -22.47 8.34 -5.53
CA SER C 452 -23.51 7.81 -4.65
C SER C 452 -24.16 6.55 -5.24
N GLN C 453 -24.42 6.57 -6.54
CA GLN C 453 -25.00 5.43 -7.24
C GLN C 453 -24.03 4.26 -7.25
N LYS C 454 -22.76 4.57 -7.54
CA LYS C 454 -21.69 3.60 -7.56
C LYS C 454 -21.61 2.81 -6.26
N LEU C 455 -21.42 3.52 -5.15
CA LEU C 455 -21.43 2.89 -3.81
C LEU C 455 -22.75 2.16 -3.48
N THR C 456 -23.88 2.66 -3.98
CA THR C 456 -25.14 1.95 -3.76
C THR C 456 -25.07 0.56 -4.41
N PHE C 457 -24.58 0.52 -5.64
CA PHE C 457 -24.46 -0.73 -6.40
C PHE C 457 -23.46 -1.68 -5.79
N VAL C 458 -22.32 -1.15 -5.34
CA VAL C 458 -21.32 -1.99 -4.73
C VAL C 458 -21.85 -2.57 -3.40
N GLY C 459 -22.72 -1.84 -2.72
CA GLY C 459 -23.32 -2.35 -1.50
C GLY C 459 -24.33 -3.46 -1.81
N ILE C 460 -25.07 -3.29 -2.91
CA ILE C 460 -25.92 -4.36 -3.38
C ILE C 460 -25.05 -5.60 -3.62
N LEU C 461 -23.95 -5.45 -4.35
CA LEU C 461 -23.03 -6.57 -4.57
C LEU C 461 -22.49 -7.16 -3.26
N LYS C 462 -22.31 -6.32 -2.26
CA LYS C 462 -21.83 -6.74 -0.94
C LYS C 462 -22.86 -7.58 -0.23
N ARG C 463 -24.13 -7.44 -0.62
CA ARG C 463 -25.12 -8.33 -0.06
C ARG C 463 -24.87 -9.83 -0.36
N LEU C 464 -24.11 -10.14 -1.41
CA LEU C 464 -23.76 -11.53 -1.74
C LEU C 464 -22.86 -12.20 -0.70
N CYS C 465 -22.20 -11.40 0.13
CA CYS C 465 -21.33 -11.91 1.19
C CYS C 465 -22.06 -12.30 2.48
N GLU C 466 -23.18 -11.63 2.77
CA GLU C 466 -23.86 -11.75 4.05
C GLU C 466 -24.82 -12.93 4.15
N ASP C 467 -25.06 -13.61 3.02
CA ASP C 467 -26.06 -14.68 2.93
C ASP C 467 -25.86 -15.79 3.98
N VAL D 17 48.17 -38.68 44.72
CA VAL D 17 48.91 -37.48 45.09
C VAL D 17 50.39 -37.80 45.32
N VAL D 18 50.66 -38.88 46.03
CA VAL D 18 52.02 -39.33 46.27
C VAL D 18 52.51 -40.05 45.01
N SER D 19 51.56 -40.73 44.37
CA SER D 19 51.80 -41.48 43.15
C SER D 19 52.33 -40.56 42.05
N SER D 20 51.79 -39.35 42.00
CA SER D 20 52.24 -38.34 41.05
C SER D 20 53.73 -38.01 41.26
N LEU D 21 54.09 -37.79 42.52
CA LEU D 21 55.47 -37.44 42.87
C LEU D 21 56.45 -38.59 42.62
N ASP D 22 55.96 -39.81 42.77
CA ASP D 22 56.77 -40.99 42.48
C ASP D 22 57.04 -41.11 40.98
N ILE D 23 56.00 -40.87 40.18
CA ILE D 23 56.12 -40.86 38.72
C ILE D 23 56.93 -39.66 38.21
N ALA D 35 64.61 -34.23 39.15
CA ALA D 35 64.91 -35.58 39.61
C ALA D 35 65.28 -35.55 41.09
N GLU D 36 66.09 -34.56 41.43
CA GLU D 36 66.55 -34.33 42.80
C GLU D 36 65.44 -33.78 43.71
N LEU D 37 64.74 -32.76 43.21
CA LEU D 37 63.64 -32.08 43.91
C LEU D 37 62.46 -33.02 44.15
N ALA D 38 62.20 -33.87 43.17
CA ALA D 38 61.15 -34.88 43.24
C ALA D 38 61.31 -35.73 44.50
N GLU D 39 62.43 -36.42 44.60
CA GLU D 39 62.71 -37.26 45.78
C GLU D 39 62.85 -36.46 47.07
N LYS D 40 63.42 -35.26 47.00
CA LYS D 40 63.47 -34.38 48.17
C LYS D 40 62.08 -34.16 48.76
N ALA D 41 61.07 -33.97 47.90
CA ALA D 41 59.68 -33.80 48.35
C ALA D 41 59.17 -35.03 49.11
N LEU D 42 59.34 -36.19 48.49
CA LEU D 42 59.00 -37.47 49.09
C LEU D 42 59.69 -37.67 50.45
N ALA D 43 60.93 -37.24 50.54
CA ALA D 43 61.68 -37.31 51.80
C ALA D 43 61.02 -36.40 52.84
N ALA D 44 60.72 -35.17 52.42
CA ALA D 44 60.10 -34.18 53.29
C ALA D 44 58.71 -34.61 53.79
N ILE D 45 58.08 -35.56 53.10
CA ILE D 45 56.77 -36.06 53.55
C ILE D 45 56.91 -36.87 54.84
N LYS D 46 58.08 -37.47 55.05
CA LYS D 46 58.40 -38.13 56.32
C LYS D 46 57.44 -39.28 56.63
N PRO D 53 52.25 -31.25 54.63
CA PRO D 53 53.61 -30.90 54.22
C PRO D 53 53.62 -29.46 53.74
N ASP D 54 54.80 -28.83 53.71
CA ASP D 54 54.92 -27.44 53.27
C ASP D 54 54.79 -27.25 51.75
N PRO D 55 53.92 -26.33 51.30
CA PRO D 55 53.58 -26.11 49.88
C PRO D 55 54.74 -25.95 48.90
N GLU D 56 55.80 -25.22 49.28
CA GLU D 56 56.88 -24.90 48.34
C GLU D 56 57.69 -26.13 47.94
N VAL D 57 57.85 -27.07 48.86
CA VAL D 57 58.66 -28.27 48.64
C VAL D 57 57.98 -29.23 47.66
N VAL D 58 56.65 -29.17 47.60
CA VAL D 58 55.89 -30.00 46.68
C VAL D 58 55.76 -29.26 45.35
N PHE D 59 55.66 -27.93 45.41
CA PHE D 59 55.47 -27.12 44.21
C PHE D 59 56.74 -27.03 43.37
N ALA D 60 57.90 -27.16 44.00
CA ALA D 60 59.17 -27.08 43.27
C ALA D 60 59.40 -28.15 42.17
N PRO D 61 59.23 -29.44 42.51
CA PRO D 61 59.47 -30.47 41.48
C PRO D 61 58.36 -30.52 40.43
N LEU D 62 57.12 -30.24 40.84
CA LEU D 62 56.01 -30.21 39.89
C LEU D 62 56.21 -29.15 38.83
N GLN D 63 56.61 -27.96 39.25
CA GLN D 63 56.85 -26.86 38.34
C GLN D 63 57.95 -27.21 37.33
N LEU D 64 59.09 -27.66 37.84
CA LEU D 64 60.23 -28.04 37.00
C LEU D 64 59.85 -29.13 35.99
N ALA D 65 59.07 -30.11 36.44
CA ALA D 65 58.63 -31.20 35.59
C ALA D 65 57.84 -30.73 34.35
N THR D 66 57.05 -29.67 34.50
CA THR D 66 56.26 -29.13 33.39
C THR D 66 57.10 -28.55 32.25
N LYS D 67 58.35 -28.22 32.53
CA LYS D 67 59.19 -27.57 31.54
C LYS D 67 59.84 -28.58 30.61
N SER D 68 59.55 -29.85 30.84
CA SER D 68 60.08 -30.92 29.99
C SER D 68 59.36 -30.93 28.66
N GLY D 69 58.06 -30.65 28.68
CA GLY D 69 57.27 -30.59 27.47
C GLY D 69 57.06 -31.96 26.86
N THR D 70 56.98 -32.98 27.71
CA THR D 70 56.80 -34.36 27.23
C THR D 70 55.75 -35.15 28.01
N ILE D 71 55.36 -36.29 27.44
CA ILE D 71 54.40 -37.21 28.04
C ILE D 71 55.19 -38.40 28.61
N PRO D 72 54.83 -38.86 29.82
CA PRO D 72 53.76 -38.32 30.65
C PRO D 72 54.23 -37.43 31.79
N LEU D 73 55.35 -36.74 31.61
CA LEU D 73 55.83 -35.79 32.64
C LEU D 73 54.91 -34.60 32.78
N THR D 74 54.77 -33.85 31.69
CA THR D 74 54.05 -32.59 31.69
C THR D 74 52.57 -32.83 32.01
N THR D 75 52.01 -33.89 31.43
CA THR D 75 50.60 -34.18 31.64
C THR D 75 50.31 -34.52 33.10
N THR D 76 51.16 -35.35 33.70
CA THR D 76 51.02 -35.75 35.10
C THR D 76 51.24 -34.59 36.08
N ALA D 77 52.26 -33.78 35.81
CA ALA D 77 52.56 -32.61 36.63
C ALA D 77 51.40 -31.60 36.60
N LEU D 78 50.96 -31.23 35.39
CA LEU D 78 49.83 -30.34 35.20
C LEU D 78 48.58 -30.88 35.89
N ASP D 79 48.36 -32.18 35.68
CA ASP D 79 47.25 -32.89 36.29
C ASP D 79 47.28 -32.66 37.79
N CYS D 80 48.44 -32.94 38.39
CA CYS D 80 48.60 -32.83 39.83
C CYS D 80 48.43 -31.39 40.35
N ILE D 81 49.05 -30.42 39.68
CA ILE D 81 48.97 -29.01 40.06
C ILE D 81 47.53 -28.52 40.03
N GLY D 82 46.84 -28.84 38.94
CA GLY D 82 45.45 -28.47 38.79
C GLY D 82 44.63 -29.06 39.90
N LYS D 83 44.89 -30.33 40.23
CA LYS D 83 44.16 -30.99 41.31
C LYS D 83 44.43 -30.33 42.66
N LEU D 84 45.66 -29.88 42.87
CA LEU D 84 46.06 -29.24 44.12
C LEU D 84 45.43 -27.86 44.26
N ILE D 85 45.29 -27.16 43.15
CA ILE D 85 44.60 -25.88 43.11
C ILE D 85 43.11 -26.13 43.34
N SER D 86 42.61 -27.26 42.84
CA SER D 86 41.21 -27.64 43.02
C SER D 86 40.98 -27.86 44.50
N TYR D 87 42.02 -28.36 45.17
CA TYR D 87 42.06 -28.40 46.63
C TYR D 87 42.56 -27.05 47.13
N SER D 88 42.77 -26.89 48.42
CA SER D 88 43.19 -25.58 48.90
C SER D 88 44.66 -25.54 49.30
N TYR D 89 45.42 -26.55 48.87
CA TYR D 89 46.85 -26.65 49.17
C TYR D 89 47.62 -25.43 48.66
N PHE D 90 47.36 -25.04 47.42
CA PHE D 90 47.90 -23.79 46.92
C PHE D 90 46.78 -22.79 47.24
N SER D 91 47.14 -21.57 47.63
CA SER D 91 46.16 -20.70 48.27
C SER D 91 46.29 -19.20 48.03
N ALA D 92 45.42 -18.45 48.73
CA ALA D 92 45.37 -16.99 48.70
C ALA D 92 46.73 -16.33 48.81
N PRO D 106 52.68 -14.54 45.61
CA PRO D 106 51.36 -15.15 45.42
C PRO D 106 51.52 -16.58 44.89
N LEU D 107 50.82 -17.56 45.43
CA LEU D 107 51.16 -18.95 45.11
C LEU D 107 50.25 -19.63 44.07
N ILE D 108 49.01 -19.18 43.97
CA ILE D 108 48.05 -19.75 43.02
C ILE D 108 48.39 -19.23 41.64
N GLU D 109 48.76 -17.96 41.60
CA GLU D 109 49.13 -17.27 40.36
C GLU D 109 50.38 -17.87 39.72
N ARG D 110 51.34 -18.33 40.53
CA ARG D 110 52.55 -18.95 40.01
C ARG D 110 52.26 -20.34 39.47
N ALA D 111 51.38 -21.07 40.16
CA ALA D 111 50.96 -22.38 39.72
C ALA D 111 50.24 -22.25 38.36
N ILE D 112 49.33 -21.29 38.26
CA ILE D 112 48.60 -21.01 37.03
C ILE D 112 49.52 -20.50 35.91
N ASP D 113 50.51 -19.67 36.28
CA ASP D 113 51.52 -19.22 35.32
C ASP D 113 52.24 -20.43 34.74
N THR D 114 52.64 -21.35 35.61
CA THR D 114 53.35 -22.55 35.22
C THR D 114 52.48 -23.41 34.28
N ILE D 115 51.20 -23.53 34.60
CA ILE D 115 50.27 -24.25 33.73
C ILE D 115 50.14 -23.60 32.35
N CYS D 116 49.90 -22.30 32.35
CA CYS D 116 49.73 -21.54 31.11
C CYS D 116 50.97 -21.55 30.23
N ASP D 117 52.14 -21.68 30.84
CA ASP D 117 53.41 -21.63 30.13
C ASP D 117 53.66 -22.91 29.32
N CYS D 118 52.89 -23.95 29.62
CA CYS D 118 52.99 -25.21 28.91
C CYS D 118 52.47 -25.10 27.47
N PHE D 119 51.73 -24.04 27.20
CA PHE D 119 51.24 -23.80 25.84
C PHE D 119 52.14 -22.83 25.09
N GLN D 120 52.67 -23.28 23.96
CA GLN D 120 53.62 -22.48 23.18
C GLN D 120 53.11 -22.37 21.75
N GLY D 121 51.80 -22.46 21.58
CA GLY D 121 51.22 -22.43 20.25
C GLY D 121 50.71 -23.80 19.83
N GLU D 122 50.41 -23.95 18.55
CA GLU D 122 49.78 -25.14 17.99
C GLU D 122 50.70 -26.36 17.90
N THR D 123 52.01 -26.13 18.03
CA THR D 123 52.98 -27.22 17.93
C THR D 123 53.01 -28.00 19.24
N THR D 124 52.41 -27.41 20.27
CA THR D 124 52.23 -28.07 21.55
C THR D 124 51.42 -29.36 21.34
N LEU D 125 51.84 -30.44 21.98
CA LEU D 125 51.16 -31.73 21.85
C LEU D 125 49.69 -31.61 22.25
N VAL D 126 48.81 -32.33 21.56
CA VAL D 126 47.36 -32.18 21.75
C VAL D 126 46.86 -32.61 23.15
N GLU D 127 47.50 -33.65 23.67
CA GLU D 127 47.14 -34.21 24.96
C GLU D 127 47.46 -33.19 26.06
N ILE D 128 48.54 -32.46 25.86
CA ILE D 128 48.97 -31.43 26.79
C ILE D 128 47.98 -30.27 26.76
N GLN D 129 47.54 -29.89 25.56
CA GLN D 129 46.55 -28.82 25.37
C GLN D 129 45.30 -29.12 26.17
N LEU D 130 44.72 -30.28 25.88
CA LEU D 130 43.54 -30.76 26.59
C LEU D 130 43.73 -30.81 28.12
N GLN D 131 44.87 -31.31 28.57
CA GLN D 131 45.12 -31.37 30.01
C GLN D 131 45.19 -29.97 30.66
N ILE D 132 45.75 -29.02 29.92
CA ILE D 132 45.83 -27.63 30.36
C ILE D 132 44.43 -27.03 30.51
N VAL D 133 43.59 -27.30 29.51
CA VAL D 133 42.22 -26.82 29.56
C VAL D 133 41.52 -27.39 30.79
N LYS D 134 41.64 -28.69 31.01
CA LYS D 134 41.01 -29.32 32.18
C LYS D 134 41.51 -28.86 33.53
N SER D 135 42.81 -28.61 33.62
CA SER D 135 43.40 -28.20 34.89
C SER D 135 42.99 -26.76 35.19
N LEU D 136 42.94 -25.93 34.16
CA LEU D 136 42.42 -24.56 34.34
C LEU D 136 40.94 -24.56 34.76
N LEU D 137 40.16 -25.46 34.14
CA LEU D 137 38.77 -25.64 34.56
C LEU D 137 38.68 -26.01 36.04
N ALA D 138 39.48 -26.99 36.44
CA ALA D 138 39.47 -27.48 37.82
C ALA D 138 39.91 -26.37 38.77
N ALA D 139 40.77 -25.48 38.26
CA ALA D 139 41.30 -24.39 39.07
C ALA D 139 40.22 -23.34 39.29
N VAL D 140 39.44 -23.05 38.26
CA VAL D 140 38.46 -21.97 38.32
C VAL D 140 37.12 -22.50 38.86
N LEU D 141 36.77 -23.71 38.45
CA LEU D 141 35.49 -24.31 38.81
C LEU D 141 35.65 -25.53 39.70
N ASN D 142 35.71 -25.31 41.00
CA ASN D 142 35.80 -26.40 41.96
C ASN D 142 34.80 -26.21 43.09
N ASP D 143 34.85 -27.07 44.09
CA ASP D 143 33.80 -27.09 45.11
C ASP D 143 34.15 -26.24 46.31
N LYS D 144 35.39 -25.77 46.39
CA LYS D 144 35.85 -25.14 47.62
C LYS D 144 36.44 -23.73 47.44
N ILE D 145 36.98 -23.44 46.25
CA ILE D 145 37.78 -22.23 46.10
C ILE D 145 37.46 -21.41 44.83
N ILE D 146 37.32 -20.11 45.03
CA ILE D 146 37.13 -19.15 43.95
C ILE D 146 38.32 -18.21 43.91
N VAL D 147 39.07 -18.24 42.81
CA VAL D 147 40.23 -17.37 42.62
C VAL D 147 39.80 -16.11 41.88
N HIS D 148 40.23 -14.95 42.37
CA HIS D 148 39.90 -13.68 41.74
C HIS D 148 41.12 -12.98 41.13
N GLY D 149 40.87 -11.94 40.35
CA GLY D 149 41.93 -11.09 39.85
C GLY D 149 42.75 -11.71 38.75
N ALA D 150 44.03 -11.34 38.71
CA ALA D 150 44.93 -11.74 37.63
C ALA D 150 44.89 -13.26 37.39
N GLY D 151 44.90 -14.03 38.48
CA GLY D 151 44.85 -15.47 38.39
C GLY D 151 43.69 -15.97 37.55
N LEU D 152 42.51 -15.44 37.81
CA LEU D 152 41.34 -15.79 37.01
C LEU D 152 41.62 -15.36 35.58
N LEU D 153 41.95 -14.09 35.45
CA LEU D 153 42.08 -13.46 34.16
C LEU D 153 43.17 -14.07 33.26
N LYS D 154 44.19 -14.64 33.89
CA LYS D 154 45.24 -15.36 33.18
C LYS D 154 44.72 -16.69 32.62
N ALA D 155 43.98 -17.43 33.43
CA ALA D 155 43.42 -18.71 32.97
C ALA D 155 42.46 -18.55 31.79
N VAL D 156 41.48 -17.65 31.94
CA VAL D 156 40.49 -17.39 30.90
C VAL D 156 41.12 -16.96 29.57
N ARG D 157 42.06 -16.02 29.62
CA ARG D 157 42.78 -15.59 28.41
C ARG D 157 43.53 -16.76 27.78
N GLN D 158 44.02 -17.68 28.59
CA GLN D 158 44.80 -18.77 28.04
C GLN D 158 43.96 -19.78 27.28
N VAL D 159 42.85 -20.20 27.87
CA VAL D 159 41.97 -21.17 27.23
C VAL D 159 41.43 -20.57 25.93
N TYR D 160 41.09 -19.29 25.98
CA TYR D 160 40.66 -18.58 24.79
C TYR D 160 41.72 -18.73 23.72
N ASN D 161 42.97 -18.45 24.08
CA ASN D 161 44.07 -18.53 23.13
C ASN D 161 44.25 -19.95 22.59
N ILE D 162 44.02 -20.97 23.42
CA ILE D 162 44.16 -22.33 22.92
C ILE D 162 43.10 -22.53 21.85
N PHE D 163 41.88 -22.09 22.15
CA PHE D 163 40.78 -22.18 21.19
C PHE D 163 41.14 -21.50 19.88
N LEU D 164 41.89 -20.41 19.96
CA LEU D 164 42.16 -19.60 18.80
C LEU D 164 43.28 -20.23 17.97
N LEU D 165 44.20 -20.92 18.66
CA LEU D 165 45.44 -21.38 18.01
C LEU D 165 45.54 -22.90 17.77
N SER D 166 44.76 -23.69 18.50
CA SER D 166 44.85 -25.15 18.35
C SER D 166 44.40 -25.63 16.96
N ARG D 167 44.91 -26.80 16.57
CA ARG D 167 44.59 -27.36 15.27
C ARG D 167 43.68 -28.56 15.44
N SER D 168 43.38 -28.90 16.68
CA SER D 168 42.46 -29.99 16.96
C SER D 168 41.05 -29.46 17.09
N THR D 169 40.15 -29.95 16.24
CA THR D 169 38.76 -29.53 16.29
C THR D 169 38.19 -29.85 17.67
N ALA D 170 38.52 -31.04 18.17
CA ALA D 170 38.12 -31.48 19.50
C ALA D 170 38.61 -30.51 20.57
N ASN D 171 39.90 -30.18 20.52
CA ASN D 171 40.49 -29.28 21.51
C ASN D 171 39.91 -27.86 21.50
N GLN D 172 39.75 -27.30 20.31
CA GLN D 172 39.13 -25.97 20.19
C GLN D 172 37.70 -25.99 20.70
N GLN D 173 36.96 -27.07 20.42
CA GLN D 173 35.57 -27.14 20.87
C GLN D 173 35.45 -27.28 22.40
N VAL D 174 36.21 -28.19 23.00
CA VAL D 174 36.16 -28.35 24.45
C VAL D 174 36.67 -27.07 25.14
N ALA D 175 37.61 -26.39 24.48
CA ALA D 175 38.10 -25.11 24.99
C ALA D 175 36.96 -24.11 25.00
N GLN D 176 36.21 -24.04 23.89
CA GLN D 176 35.05 -23.16 23.76
C GLN D 176 34.00 -23.39 24.86
N GLY D 177 33.65 -24.66 25.06
CA GLY D 177 32.71 -25.05 26.10
C GLY D 177 33.17 -24.63 27.49
N THR D 178 34.43 -24.91 27.82
CA THR D 178 34.96 -24.55 29.13
C THR D 178 35.02 -23.04 29.33
N LEU D 179 35.41 -22.33 28.27
CA LEU D 179 35.45 -20.87 28.31
C LEU D 179 34.07 -20.29 28.65
N THR D 180 33.06 -20.77 27.91
CA THR D 180 31.67 -20.34 28.14
C THR D 180 31.26 -20.62 29.57
N GLN D 181 31.60 -21.82 30.06
CA GLN D 181 31.27 -22.22 31.42
C GLN D 181 31.94 -21.33 32.47
N MET D 182 33.18 -20.92 32.19
CA MET D 182 33.93 -20.04 33.09
C MET D 182 33.28 -18.66 33.23
N VAL D 183 33.03 -18.01 32.10
CA VAL D 183 32.52 -16.64 32.15
C VAL D 183 31.08 -16.65 32.72
N GLY D 184 30.32 -17.66 32.31
CA GLY D 184 28.97 -17.86 32.83
C GLY D 184 28.99 -18.00 34.34
N THR D 185 29.94 -18.79 34.84
CA THR D 185 30.07 -19.02 36.28
C THR D 185 30.44 -17.73 37.03
N VAL D 186 31.36 -16.95 36.48
CA VAL D 186 31.72 -15.65 37.08
C VAL D 186 30.47 -14.76 37.26
N PHE D 187 29.69 -14.66 36.20
CA PHE D 187 28.49 -13.82 36.29
C PHE D 187 27.43 -14.41 37.23
N GLU D 188 27.34 -15.73 37.26
CA GLU D 188 26.42 -16.42 38.16
C GLU D 188 26.74 -16.08 39.62
N ARG D 189 28.03 -16.11 39.94
CA ARG D 189 28.55 -15.72 41.25
C ARG D 189 28.12 -14.31 41.61
N VAL D 190 28.26 -13.40 40.65
CA VAL D 190 27.78 -12.02 40.90
C VAL D 190 26.25 -11.97 41.19
N LYS D 191 25.47 -12.73 40.42
CA LYS D 191 24.02 -12.84 40.66
C LYS D 191 23.73 -13.24 42.10
N THR D 192 24.44 -14.26 42.57
CA THR D 192 24.30 -14.71 43.97
C THR D 192 24.63 -13.60 44.97
N ARG D 193 25.76 -12.92 44.76
CA ARG D 193 26.14 -11.81 45.66
C ARG D 193 25.10 -10.68 45.73
N LEU D 194 24.50 -10.34 44.59
CA LEU D 194 23.45 -9.32 44.54
C LEU D 194 22.23 -9.80 45.31
N HIS D 195 21.89 -11.06 45.07
CA HIS D 195 20.79 -11.75 45.75
C HIS D 195 20.93 -11.64 47.29
N MET D 196 22.12 -11.94 47.80
CA MET D 196 22.39 -11.78 49.23
C MET D 196 22.25 -10.32 49.63
N LYS D 197 22.78 -9.43 48.80
CA LYS D 197 22.80 -8.00 49.13
C LYS D 197 21.43 -7.34 49.33
N GLU D 198 20.46 -7.63 48.46
CA GLU D 198 19.13 -7.04 48.69
C GLU D 198 18.52 -7.52 50.01
N ALA D 199 18.76 -8.79 50.34
CA ALA D 199 18.30 -9.37 51.60
C ALA D 199 18.93 -8.69 52.82
N ARG D 200 20.25 -8.48 52.76
CA ARG D 200 20.96 -7.84 53.86
C ARG D 200 20.49 -6.39 54.04
N ALA D 201 20.27 -5.71 52.91
CA ALA D 201 19.76 -4.33 52.94
C ALA D 201 18.32 -4.30 53.49
N ASN D 202 17.52 -5.28 53.10
CA ASN D 202 16.13 -5.39 53.56
C ASN D 202 16.04 -5.65 55.06
N LYS D 254 23.09 15.66 16.07
CA LYS D 254 23.96 16.12 17.15
C LYS D 254 24.94 15.01 17.52
N LEU D 255 24.42 13.91 18.06
CA LEU D 255 25.24 12.76 18.46
C LEU D 255 25.41 11.74 17.33
N THR D 256 26.65 11.46 16.96
CA THR D 256 26.92 10.61 15.80
C THR D 256 27.65 9.30 16.13
N LEU D 257 27.86 8.48 15.10
CA LEU D 257 28.47 7.17 15.30
C LEU D 257 29.92 7.27 15.77
N LYS D 258 30.63 8.31 15.34
CA LYS D 258 32.05 8.45 15.73
C LYS D 258 32.33 9.08 17.09
N ASP D 259 31.35 9.83 17.61
CA ASP D 259 31.47 10.45 18.93
C ASP D 259 31.44 9.37 20.01
N LEU D 260 30.79 8.24 19.71
CA LEU D 260 30.65 7.12 20.63
C LEU D 260 32.00 6.50 20.95
N GLU D 261 32.98 6.78 20.12
CA GLU D 261 34.32 6.27 20.37
C GLU D 261 35.08 7.14 21.36
N HIS D 262 34.55 8.32 21.68
CA HIS D 262 35.23 9.23 22.59
C HIS D 262 34.34 9.63 23.75
N ARG D 263 33.41 8.75 24.12
CA ARG D 263 32.49 9.01 25.22
C ARG D 263 32.63 7.94 26.28
N LYS D 264 33.63 8.11 27.12
CA LYS D 264 33.92 7.17 28.19
C LYS D 264 33.79 7.89 29.51
N SER D 265 32.66 7.70 30.18
CA SER D 265 32.40 8.40 31.42
C SER D 265 33.07 7.69 32.58
N PHE D 266 33.14 6.36 32.50
CA PHE D 266 33.76 5.58 33.55
C PHE D 266 35.23 5.39 33.18
N ASP D 267 36.13 5.87 34.04
CA ASP D 267 37.55 5.70 33.77
C ASP D 267 38.09 4.42 34.37
N ASP D 268 38.70 3.60 33.53
CA ASP D 268 39.32 2.36 33.97
C ASP D 268 40.77 2.31 33.47
N SER D 269 41.32 3.48 33.15
CA SER D 269 42.73 3.61 32.80
C SER D 269 43.48 3.18 34.05
N HIS D 270 44.49 2.35 33.87
CA HIS D 270 45.26 1.77 34.99
C HIS D 270 44.38 1.14 36.09
N MET D 271 43.28 0.53 35.69
CA MET D 271 42.49 -0.26 36.62
C MET D 271 43.20 -1.59 36.84
N GLY D 272 43.91 -2.04 35.81
CA GLY D 272 44.72 -3.23 35.90
C GLY D 272 43.95 -4.54 36.06
N ASP D 273 44.68 -5.64 36.06
CA ASP D 273 44.11 -6.96 36.24
C ASP D 273 43.64 -7.18 37.68
N GLY D 274 44.36 -6.58 38.62
CA GLY D 274 43.98 -6.76 40.01
C GLY D 274 44.78 -7.85 40.70
N PRO D 275 44.84 -7.80 42.03
CA PRO D 275 45.67 -8.81 42.68
C PRO D 275 44.91 -10.12 42.82
N THR D 276 45.64 -11.23 42.92
CA THR D 276 45.02 -12.54 43.08
C THR D 276 44.46 -12.72 44.49
N MET D 277 43.18 -13.04 44.60
CA MET D 277 42.56 -13.34 45.91
C MET D 277 41.80 -14.66 45.89
N VAL D 278 41.42 -15.14 47.06
CA VAL D 278 40.72 -16.41 47.18
C VAL D 278 39.53 -16.37 48.15
N SER D 279 38.39 -16.90 47.71
CA SER D 279 37.22 -17.07 48.55
C SER D 279 36.92 -18.58 48.72
N GLN D 280 36.37 -18.95 49.87
CA GLN D 280 36.00 -20.36 50.12
C GLN D 280 34.56 -20.63 49.71
N THR D 304 29.94 -7.13 59.98
CA THR D 304 31.28 -6.77 59.48
C THR D 304 31.20 -6.36 57.99
N PRO D 305 30.47 -5.26 57.71
CA PRO D 305 30.18 -4.77 56.35
C PRO D 305 31.39 -4.54 55.45
N GLU D 306 32.51 -4.14 56.02
CA GLU D 306 33.72 -3.86 55.23
C GLU D 306 34.27 -5.10 54.50
N SER D 307 34.27 -6.24 55.17
CA SER D 307 34.74 -7.48 54.56
C SER D 307 33.77 -7.88 53.46
N LEU D 308 32.49 -7.67 53.73
CA LEU D 308 31.42 -8.00 52.80
C LEU D 308 31.53 -7.16 51.53
N ASP D 309 31.80 -5.87 51.71
CA ASP D 309 32.01 -4.97 50.59
C ASP D 309 33.23 -5.41 49.78
N ALA D 310 34.29 -5.79 50.49
CA ALA D 310 35.50 -6.19 49.80
C ALA D 310 35.22 -7.42 48.92
N GLU D 311 34.42 -8.34 49.44
CA GLU D 311 33.96 -9.56 48.76
C GLU D 311 33.00 -9.38 47.54
N ASP D 312 31.91 -8.65 47.75
CA ASP D 312 30.98 -8.34 46.67
C ASP D 312 31.75 -7.64 45.56
N GLU D 313 32.58 -6.68 45.97
CA GLU D 313 33.35 -6.01 44.97
C GLU D 313 34.31 -6.94 44.25
N ALA D 314 34.88 -7.88 45.01
CA ALA D 314 35.82 -8.90 44.47
C ALA D 314 35.15 -9.54 43.22
N TYR D 315 33.94 -10.06 43.42
CA TYR D 315 33.22 -10.71 42.31
C TYR D 315 33.01 -9.73 41.17
N ILE D 316 32.55 -8.53 41.52
CA ILE D 316 32.22 -7.55 40.48
C ILE D 316 33.43 -7.11 39.62
N ARG D 317 34.60 -6.91 40.20
CA ARG D 317 35.78 -6.58 39.36
C ARG D 317 36.13 -7.75 38.43
N ASP D 318 35.98 -8.98 38.93
CA ASP D 318 36.16 -10.12 38.03
C ASP D 318 35.27 -10.03 36.77
N ALA D 319 33.97 -9.86 37.01
CA ALA D 319 33.00 -9.76 35.90
C ALA D 319 33.31 -8.64 34.91
N TYR D 320 33.56 -7.44 35.44
CA TYR D 320 33.90 -6.28 34.60
C TYR D 320 35.11 -6.53 33.71
N LEU D 321 36.16 -7.14 34.29
CA LEU D 321 37.36 -7.40 33.52
C LEU D 321 37.09 -8.38 32.37
N VAL D 322 36.33 -9.44 32.65
CA VAL D 322 35.96 -10.38 31.59
C VAL D 322 35.21 -9.70 30.44
N PHE D 323 34.14 -8.99 30.79
CA PHE D 323 33.32 -8.35 29.78
C PHE D 323 34.14 -7.37 28.93
N ARG D 324 34.95 -6.54 29.59
CA ARG D 324 35.79 -5.58 28.87
C ARG D 324 36.76 -6.28 27.92
N SER D 325 37.36 -7.37 28.40
CA SER D 325 38.28 -8.14 27.57
C SER D 325 37.60 -8.57 26.28
N PHE D 326 36.39 -9.11 26.39
CA PHE D 326 35.69 -9.57 25.18
C PHE D 326 35.21 -8.46 24.22
N CYS D 327 34.74 -7.34 24.75
CA CYS D 327 34.42 -6.22 23.88
C CYS D 327 35.66 -5.78 23.12
N ASN D 328 36.76 -5.66 23.85
CA ASN D 328 38.03 -5.26 23.24
C ASN D 328 38.43 -6.21 22.11
N LEU D 329 38.36 -7.50 22.36
CA LEU D 329 38.66 -8.49 21.32
C LEU D 329 37.72 -8.36 20.12
N SER D 330 36.51 -7.89 20.36
CA SER D 330 35.52 -7.74 19.29
C SER D 330 35.76 -6.47 18.46
N THR D 331 36.56 -5.56 19.01
CA THR D 331 36.75 -4.23 18.42
C THR D 331 37.70 -4.11 17.20
N LYS D 332 38.33 -5.20 16.78
CA LYS D 332 39.29 -5.11 15.66
C LYS D 332 38.68 -4.87 14.26
N ILE D 333 39.35 -4.04 13.46
CA ILE D 333 38.93 -3.70 12.08
C ILE D 333 39.66 -4.51 11.01
N LEU D 334 38.90 -5.07 10.07
CA LEU D 334 39.45 -5.95 9.04
C LEU D 334 39.38 -5.28 7.65
N ASP D 341 39.78 -16.47 5.32
CA ASP D 341 38.78 -15.44 5.61
C ASP D 341 37.90 -15.89 6.77
N LEU D 342 36.78 -16.55 6.45
CA LEU D 342 35.76 -16.86 7.44
C LEU D 342 36.20 -17.92 8.45
N ARG D 343 37.23 -18.67 8.09
CA ARG D 343 37.79 -19.68 8.99
C ARG D 343 39.17 -19.28 9.51
N GLY D 344 39.60 -18.08 9.15
CA GLY D 344 40.86 -17.52 9.62
C GLY D 344 40.76 -17.07 11.06
N GLN D 345 41.90 -16.77 11.67
CA GLN D 345 41.92 -16.37 13.08
C GLN D 345 41.19 -15.06 13.42
N PRO D 346 41.33 -14.01 12.59
CA PRO D 346 40.65 -12.77 12.99
C PRO D 346 39.13 -12.94 13.09
N MET D 347 38.53 -13.59 12.10
CA MET D 347 37.07 -13.71 12.06
C MET D 347 36.54 -14.62 13.18
N ARG D 348 37.27 -15.69 13.47
CA ARG D 348 36.86 -16.60 14.54
C ARG D 348 36.99 -15.93 15.90
N SER D 349 38.00 -15.06 16.01
CA SER D 349 38.17 -14.29 17.24
C SER D 349 36.96 -13.36 17.42
N LYS D 350 36.66 -12.61 16.35
CA LYS D 350 35.53 -11.67 16.34
C LYS D 350 34.22 -12.36 16.70
N LEU D 351 33.96 -13.48 16.03
CA LEU D 351 32.74 -14.25 16.21
C LEU D 351 32.62 -14.81 17.62
N ILE D 352 33.69 -15.37 18.17
CA ILE D 352 33.56 -15.94 19.51
C ILE D 352 33.38 -14.85 20.57
N SER D 353 34.05 -13.71 20.37
CA SER D 353 33.88 -12.57 21.28
C SER D 353 32.44 -12.09 21.26
N LEU D 354 31.90 -11.90 20.06
CA LEU D 354 30.51 -11.45 19.93
C LEU D 354 29.52 -12.47 20.51
N HIS D 355 29.75 -13.75 20.25
CA HIS D 355 28.93 -14.83 20.81
C HIS D 355 28.93 -14.81 22.34
N LEU D 356 30.11 -14.65 22.94
CA LEU D 356 30.21 -14.67 24.39
C LEU D 356 29.57 -13.42 25.01
N ILE D 357 29.78 -12.27 24.37
CA ILE D 357 29.16 -11.02 24.83
C ILE D 357 27.64 -11.20 24.82
N HIS D 358 27.12 -11.71 23.72
CA HIS D 358 25.70 -11.97 23.63
C HIS D 358 25.20 -12.97 24.69
N THR D 359 25.97 -14.04 24.91
CA THR D 359 25.61 -15.03 25.92
C THR D 359 25.56 -14.43 27.32
N LEU D 360 26.53 -13.60 27.67
CA LEU D 360 26.55 -12.94 28.97
C LEU D 360 25.35 -12.01 29.15
N LEU D 361 25.07 -11.18 28.15
CA LEU D 361 23.89 -10.30 28.24
C LEU D 361 22.59 -11.09 28.35
N ASN D 362 22.44 -12.12 27.54
CA ASN D 362 21.22 -12.92 27.51
C ASN D 362 20.99 -13.74 28.78
N ASN D 363 22.05 -14.36 29.31
CA ASN D 363 21.91 -15.26 30.47
C ASN D 363 22.03 -14.64 31.86
N HIS D 364 22.54 -13.41 31.93
CA HIS D 364 22.74 -12.76 33.24
C HIS D 364 22.45 -11.27 33.18
N ILE D 365 21.35 -10.92 32.52
CA ILE D 365 20.94 -9.53 32.31
C ILE D 365 20.64 -8.78 33.62
N THR D 366 20.14 -9.50 34.62
CA THR D 366 19.74 -8.90 35.89
C THR D 366 20.94 -8.30 36.59
N VAL D 367 22.11 -8.89 36.34
CA VAL D 367 23.37 -8.37 36.85
C VAL D 367 23.65 -7.00 36.25
N PHE D 368 23.39 -6.86 34.96
CA PHE D 368 23.63 -5.60 34.25
C PHE D 368 22.65 -4.53 34.67
N THR D 369 21.39 -4.92 34.88
CA THR D 369 20.32 -3.95 35.13
C THR D 369 20.14 -3.59 36.60
N SER D 370 20.63 -4.42 37.51
CA SER D 370 20.47 -4.17 38.94
C SER D 370 21.11 -2.83 39.31
N PRO D 371 20.32 -1.94 39.94
CA PRO D 371 20.79 -0.61 40.33
C PRO D 371 21.70 -0.63 41.55
N LEU D 372 21.77 -1.78 42.22
CA LEU D 372 22.65 -1.94 43.36
C LEU D 372 24.00 -2.52 42.97
N CYS D 373 24.09 -3.07 41.78
CA CYS D 373 25.35 -3.63 41.31
C CYS D 373 26.25 -2.45 40.94
N THR D 374 27.33 -2.29 41.69
CA THR D 374 28.15 -1.08 41.62
C THR D 374 29.62 -1.41 41.66
N ILE D 375 30.40 -0.71 40.84
CA ILE D 375 31.84 -0.90 40.81
C ILE D 375 32.52 0.43 41.12
N ARG D 376 33.60 0.38 41.89
CA ARG D 376 34.26 1.62 42.25
C ARG D 376 35.20 2.10 41.18
N ASN D 377 35.07 3.38 40.84
CA ASN D 377 35.95 4.05 39.90
C ASN D 377 37.40 3.90 40.36
N THR D 378 38.32 3.98 39.41
CA THR D 378 39.74 3.80 39.69
C THR D 378 40.34 5.09 40.27
N LYS D 379 39.74 6.22 39.91
CA LYS D 379 40.21 7.53 40.34
C LYS D 379 39.93 7.83 41.82
N ASN D 380 38.66 7.74 42.19
CA ASN D 380 38.22 8.17 43.52
C ASN D 380 37.45 7.13 44.32
N ASN D 381 37.36 5.92 43.77
CA ASN D 381 36.64 4.84 44.45
C ASN D 381 35.16 5.17 44.69
N GLU D 382 34.60 6.07 43.89
CA GLU D 382 33.20 6.41 44.00
C GLU D 382 32.38 5.41 43.17
N PRO D 383 31.36 4.81 43.79
CA PRO D 383 30.52 3.79 43.15
C PRO D 383 29.87 4.26 41.86
N THR D 384 29.84 3.39 40.87
CA THR D 384 29.21 3.69 39.58
C THR D 384 28.41 2.44 39.23
N ASN D 385 27.24 2.61 38.61
CA ASN D 385 26.45 1.45 38.20
C ASN D 385 27.19 0.64 37.13
N PHE D 386 27.08 -0.69 37.22
CA PHE D 386 27.77 -1.62 36.33
C PHE D 386 27.47 -1.36 34.84
N LEU D 387 26.19 -1.18 34.54
CA LEU D 387 25.74 -0.93 33.19
C LEU D 387 26.41 0.32 32.62
N GLN D 388 26.44 1.36 33.43
CA GLN D 388 27.04 2.62 33.02
C GLN D 388 28.53 2.45 32.81
N ALA D 389 29.11 1.46 33.49
CA ALA D 389 30.55 1.22 33.42
C ALA D 389 30.94 0.46 32.15
N ILE D 390 30.09 -0.45 31.69
CA ILE D 390 30.41 -1.21 30.48
C ILE D 390 29.84 -0.59 29.20
N LYS D 391 29.06 0.49 29.39
CA LYS D 391 28.45 1.21 28.27
C LYS D 391 29.41 1.48 27.09
N TYR D 392 30.56 2.06 27.39
CA TYR D 392 31.53 2.43 26.36
C TYR D 392 31.95 1.24 25.50
N TYR D 393 32.23 0.11 26.14
CA TYR D 393 32.71 -1.08 25.45
C TYR D 393 31.63 -1.77 24.64
N LEU D 394 30.43 -1.86 25.22
CA LEU D 394 29.31 -2.46 24.49
C LEU D 394 29.04 -1.65 23.22
N CYS D 395 28.95 -0.33 23.40
CA CYS D 395 28.69 0.55 22.27
C CYS D 395 29.80 0.50 21.23
N LEU D 396 31.04 0.32 21.68
CA LEU D 396 32.15 0.25 20.75
C LEU D 396 32.02 -1.02 19.91
N SER D 397 31.68 -2.11 20.58
CA SER D 397 31.49 -3.39 19.90
C SER D 397 30.41 -3.29 18.80
N ILE D 398 29.28 -2.67 19.14
CA ILE D 398 28.21 -2.48 18.16
C ILE D 398 28.63 -1.56 17.00
N THR D 399 29.28 -0.45 17.35
CA THR D 399 29.74 0.54 16.37
C THR D 399 30.67 -0.08 15.34
N ARG D 400 31.59 -0.92 15.82
CA ARG D 400 32.59 -1.52 14.95
C ARG D 400 32.01 -2.68 14.15
N ASN D 401 31.09 -3.42 14.71
CA ASN D 401 30.61 -4.59 14.02
C ASN D 401 29.24 -4.52 13.44
N GLY D 402 28.57 -3.41 13.65
CA GLY D 402 27.16 -3.33 13.36
C GLY D 402 26.77 -3.50 11.93
N ALA D 403 27.59 -2.93 11.05
CA ALA D 403 27.29 -2.81 9.65
C ALA D 403 28.13 -3.74 8.82
N SER D 404 28.63 -4.79 9.42
CA SER D 404 29.51 -5.69 8.71
C SER D 404 28.75 -6.30 7.56
N SER D 405 29.51 -6.63 6.53
CA SER D 405 28.97 -7.18 5.29
C SER D 405 28.80 -8.69 5.42
N VAL D 406 29.45 -9.25 6.43
CA VAL D 406 29.36 -10.67 6.75
C VAL D 406 28.14 -10.94 7.64
N ASP D 407 27.27 -11.83 7.18
CA ASP D 407 25.96 -12.04 7.81
C ASP D 407 26.02 -12.61 9.25
N ARG D 408 27.02 -13.42 9.57
CA ARG D 408 27.09 -14.00 10.92
C ARG D 408 27.32 -12.91 11.96
N VAL D 409 28.27 -12.04 11.65
CA VAL D 409 28.61 -10.90 12.50
C VAL D 409 27.39 -9.98 12.58
N PHE D 410 26.77 -9.73 11.44
CA PHE D 410 25.61 -8.86 11.42
C PHE D 410 24.47 -9.39 12.30
N ASP D 411 24.23 -10.70 12.23
CA ASP D 411 23.15 -11.33 12.98
C ASP D 411 23.41 -11.31 14.49
N ILE D 412 24.64 -11.64 14.89
CA ILE D 412 24.97 -11.65 16.32
C ILE D 412 24.89 -10.24 16.89
N CYS D 413 25.37 -9.25 16.11
CA CYS D 413 25.26 -7.87 16.56
C CYS D 413 23.80 -7.47 16.68
N CYS D 414 22.98 -7.94 15.77
CA CYS D 414 21.55 -7.73 15.83
C CYS D 414 20.94 -8.28 17.13
N GLU D 415 21.38 -9.48 17.54
CA GLU D 415 20.88 -10.06 18.79
C GLU D 415 21.28 -9.21 20.00
N ILE D 416 22.54 -8.77 20.02
CA ILE D 416 22.99 -7.89 21.09
C ILE D 416 22.17 -6.60 21.12
N PHE D 417 21.95 -6.03 19.94
CA PHE D 417 21.18 -4.80 19.81
C PHE D 417 19.75 -5.01 20.28
N TRP D 418 19.23 -6.22 20.07
CA TRP D 418 17.90 -6.54 20.54
C TRP D 418 17.87 -6.51 22.06
N LEU D 419 18.85 -7.15 22.70
CA LEU D 419 18.88 -7.13 24.16
C LEU D 419 18.98 -5.70 24.70
N MET D 420 19.81 -4.89 24.04
CA MET D 420 19.97 -3.50 24.42
C MET D 420 18.61 -2.78 24.30
N LEU D 421 17.84 -3.14 23.28
CA LEU D 421 16.55 -2.49 23.03
C LEU D 421 15.48 -2.89 24.04
N LYS D 422 15.53 -4.15 24.48
CA LYS D 422 14.50 -4.67 25.37
C LYS D 422 14.79 -4.31 26.84
N TYR D 423 16.06 -4.35 27.26
CA TYR D 423 16.38 -4.13 28.67
C TYR D 423 17.09 -2.81 29.03
N MET D 424 17.49 -2.03 28.04
CA MET D 424 18.28 -0.84 28.33
C MET D 424 17.79 0.39 27.57
N ARG D 425 16.48 0.44 27.34
CA ARG D 425 15.87 1.54 26.59
C ARG D 425 16.11 2.89 27.28
N SER D 426 16.06 2.90 28.61
CA SER D 426 16.22 4.14 29.35
C SER D 426 17.69 4.54 29.39
N SER D 427 18.53 3.58 29.78
CA SER D 427 19.94 3.82 29.99
C SER D 427 20.70 4.12 28.69
N PHE D 428 20.21 3.59 27.57
CA PHE D 428 20.93 3.69 26.31
C PHE D 428 20.19 4.46 25.21
N LYS D 429 19.23 5.31 25.58
CA LYS D 429 18.35 5.94 24.59
C LYS D 429 19.04 6.61 23.39
N ASN D 430 20.00 7.48 23.69
CA ASN D 430 20.71 8.24 22.65
C ASN D 430 21.56 7.35 21.74
N GLU D 431 22.24 6.38 22.32
CA GLU D 431 23.09 5.45 21.57
C GLU D 431 22.23 4.56 20.66
N ILE D 432 21.10 4.09 21.20
CA ILE D 432 20.15 3.30 20.43
C ILE D 432 19.65 4.12 19.24
N GLU D 433 19.39 5.40 19.49
CA GLU D 433 18.93 6.29 18.43
C GLU D 433 20.02 6.43 17.35
N VAL D 434 21.26 6.58 17.79
CA VAL D 434 22.38 6.67 16.87
C VAL D 434 22.51 5.42 16.01
N PHE D 435 22.42 4.25 16.65
CA PHE D 435 22.52 2.97 15.95
C PHE D 435 21.39 2.78 14.93
N LEU D 436 20.19 3.16 15.32
CA LEU D 436 19.06 3.06 14.42
C LEU D 436 19.26 3.96 13.20
N ASN D 437 19.70 5.18 13.41
CA ASN D 437 19.80 6.10 12.28
C ASN D 437 21.00 5.80 11.37
N GLU D 438 22.15 5.53 11.95
CA GLU D 438 23.40 5.39 11.18
C GLU D 438 23.68 3.99 10.66
N ILE D 439 23.12 2.96 11.30
CA ILE D 439 23.36 1.59 10.87
C ILE D 439 22.18 0.88 10.22
N TYR D 440 21.10 0.70 10.97
CA TYR D 440 20.03 -0.20 10.52
C TYR D 440 19.06 0.44 9.52
N LEU D 441 18.57 1.64 9.84
CA LEU D 441 17.66 2.35 8.94
C LEU D 441 18.44 2.72 7.69
N ALA D 442 19.72 3.07 7.87
CA ALA D 442 20.61 3.37 6.76
C ALA D 442 20.63 2.20 5.78
N LEU D 443 20.76 1.01 6.35
CA LEU D 443 20.75 -0.24 5.61
C LEU D 443 19.44 -0.44 4.87
N LEU D 444 18.33 -0.14 5.55
CA LEU D 444 17.01 -0.30 4.94
C LEU D 444 16.83 0.63 3.75
N ALA D 445 17.46 1.80 3.82
CA ALA D 445 17.33 2.80 2.77
C ALA D 445 18.18 2.53 1.53
N ARG D 446 19.27 1.78 1.70
CA ARG D 446 20.16 1.48 0.56
C ARG D 446 19.56 0.41 -0.36
N ARG D 447 19.53 0.70 -1.66
CA ARG D 447 18.86 -0.18 -2.62
C ARG D 447 19.73 -1.39 -2.95
N ASN D 448 21.04 -1.19 -2.97
CA ASN D 448 22.00 -2.25 -3.32
C ASN D 448 22.41 -3.06 -2.09
N ALA D 449 21.71 -2.86 -0.98
CA ALA D 449 22.00 -3.56 0.26
C ALA D 449 21.39 -4.97 0.22
N PRO D 450 22.00 -5.93 0.91
CA PRO D 450 21.52 -7.32 0.95
C PRO D 450 20.12 -7.47 1.59
N LEU D 451 19.21 -8.17 0.93
CA LEU D 451 17.85 -8.29 1.44
C LEU D 451 17.81 -9.10 2.74
N SER D 452 18.71 -10.06 2.87
CA SER D 452 18.76 -10.90 4.08
C SER D 452 18.98 -10.08 5.35
N GLN D 453 19.90 -9.11 5.29
CA GLN D 453 20.17 -8.27 6.47
C GLN D 453 18.96 -7.43 6.87
N LYS D 454 18.38 -6.78 5.87
CA LYS D 454 17.18 -5.97 6.03
C LYS D 454 16.08 -6.77 6.71
N LEU D 455 15.85 -7.99 6.23
CA LEU D 455 14.81 -8.84 6.78
C LEU D 455 15.12 -9.32 8.21
N THR D 456 16.41 -9.52 8.51
CA THR D 456 16.85 -9.87 9.87
C THR D 456 16.48 -8.71 10.84
N PHE D 457 16.82 -7.49 10.43
CA PHE D 457 16.52 -6.32 11.24
C PHE D 457 15.02 -6.09 11.45
N VAL D 458 14.26 -6.20 10.36
CA VAL D 458 12.82 -6.01 10.47
C VAL D 458 12.21 -7.08 11.39
N GLY D 459 12.73 -8.31 11.33
CA GLY D 459 12.32 -9.33 12.28
C GLY D 459 12.59 -8.96 13.74
N ILE D 460 13.75 -8.32 14.00
CA ILE D 460 14.04 -7.82 15.34
C ILE D 460 12.94 -6.84 15.80
N LEU D 461 12.62 -5.90 14.91
CA LEU D 461 11.58 -4.93 15.24
C LEU D 461 10.24 -5.63 15.53
N LYS D 462 9.92 -6.66 14.75
CA LYS D 462 8.67 -7.39 14.98
C LYS D 462 8.67 -8.11 16.36
N ARG D 463 9.85 -8.58 16.82
CA ARG D 463 9.94 -9.09 18.19
C ARG D 463 9.55 -7.98 19.14
N LEU D 464 9.90 -6.76 18.77
CA LEU D 464 9.54 -5.65 19.64
C LEU D 464 8.02 -5.44 19.62
N CYS D 465 7.37 -5.80 18.52
CA CYS D 465 5.91 -5.69 18.50
C CYS D 465 5.23 -6.69 19.40
N GLU D 466 5.61 -7.96 19.29
CA GLU D 466 4.89 -9.01 20.02
C GLU D 466 5.48 -9.39 21.39
N ASP D 467 6.43 -8.61 21.88
CA ASP D 467 6.90 -8.79 23.25
C ASP D 467 5.80 -8.49 24.27
#